data_6TER
#
_entry.id   6TER
#
_cell.length_a   52.320
_cell.length_b   164.929
_cell.length_c   113.630
_cell.angle_alpha   90.000
_cell.angle_beta   94.970
_cell.angle_gamma   90.000
#
_symmetry.space_group_name_H-M   'P 1 21 1'
#
loop_
_entity.id
_entity.type
_entity.pdbx_description
1 polymer Galactokinase
2 non-polymer GLYCEROL
3 non-polymer DI(HYDROXYETHYL)ETHER
4 non-polymer 'TRIETHYLENE GLYCOL'
5 non-polymer 'TETRAETHYLENE GLYCOL'
6 non-polymer alpha-D-galactopyranose
7 non-polymer beta-D-galactopyranose
8 non-polymer 'CHLORIDE ION'
9 non-polymer 'SODIUM ION'
10 non-polymer 2-AMINO-2-HYDROXYMETHYL-PROPANE-1,3-DIOL
11 water water
#
_entity_poly.entity_id   1
_entity_poly.type   'polypeptide(L)'
_entity_poly.pdbx_seq_one_letter_code
;MTAVEFIEPLTHEEGVSQATKLFVDTYGAAPEGVWAAPGRVNLIGEHTDYNAGLCLPIALPHRTFIALKPREDTKVRVVS
GVAPDKVAEADLDGLKARGVDGWSAYPTGVAWALRQAGFDKVKGFDAAFVSCVPLGSGLSSSAAMTCSTALALDDVYGLG
YGDSDAGRVTLINAAIKSENEMAGASTGGLDQNASMRCTEGHALLLDCRPELTPLENVSQQEFDLDKYNLELLVVDTQAP
HQLNDGQYAQRRATCEEAAKILGVANLRVTADGISKADDQFQALKETLDALPDETMKKRVRHVVTEIERVRSFVRAFAQG
DIKAAGRLFNASHDSLAADYEVTVPELDIAVDVARKNGAYGARMTGGGFGGSIIALVDKGQGHEIAQKIADRFEKEGFNA
PRALPAFAAASASREAKLAAALEHHHHHH
;
_entity_poly.pdbx_strand_id   A,B,C,D
#
# COMPACT_ATOMS: atom_id res chain seq x y z
N MET A 1 -51.74 -13.28 5.69
CA MET A 1 -51.15 -12.49 4.60
C MET A 1 -50.06 -13.28 3.88
N THR A 2 -49.95 -13.15 2.55
CA THR A 2 -49.31 -14.14 1.65
C THR A 2 -47.83 -13.81 1.43
N ALA A 3 -47.05 -14.88 1.21
CA ALA A 3 -45.59 -14.86 1.01
C ALA A 3 -45.25 -13.90 -0.13
N VAL A 4 -44.08 -13.31 -0.06
CA VAL A 4 -43.58 -12.37 -1.12
C VAL A 4 -43.54 -13.14 -2.45
N GLU A 5 -43.96 -12.49 -3.54
CA GLU A 5 -44.06 -13.11 -4.90
C GLU A 5 -42.69 -12.88 -5.59
N PHE A 6 -42.20 -13.90 -6.30
CA PHE A 6 -41.02 -13.84 -7.20
C PHE A 6 -41.58 -13.84 -8.62
N ILE A 7 -41.14 -12.91 -9.47
CA ILE A 7 -41.62 -12.80 -10.88
C ILE A 7 -40.68 -13.63 -11.76
N GLU A 8 -41.12 -14.78 -12.25
CA GLU A 8 -40.27 -15.69 -13.06
C GLU A 8 -40.21 -15.11 -14.49
N PRO A 9 -39.01 -15.12 -15.11
CA PRO A 9 -38.87 -14.72 -16.51
C PRO A 9 -39.67 -15.67 -17.42
N LEU A 10 -40.37 -15.13 -18.43
CA LEU A 10 -40.95 -15.94 -19.53
C LEU A 10 -39.80 -16.69 -20.17
N THR A 11 -39.92 -17.99 -20.39
CA THR A 11 -39.00 -18.71 -21.30
C THR A 11 -39.12 -18.16 -22.75
N HIS A 12 -38.11 -18.46 -23.56
CA HIS A 12 -38.10 -18.44 -25.05
C HIS A 12 -39.48 -18.85 -25.60
N GLU A 13 -39.98 -20.02 -25.19
CA GLU A 13 -41.21 -20.69 -25.71
C GLU A 13 -42.43 -19.86 -25.31
N GLU A 14 -42.55 -19.52 -24.03
CA GLU A 14 -43.67 -18.73 -23.50
C GLU A 14 -43.71 -17.38 -24.22
N GLY A 15 -42.57 -16.72 -24.42
CA GLY A 15 -42.55 -15.38 -25.04
C GLY A 15 -43.03 -15.43 -26.50
N VAL A 16 -42.47 -16.39 -27.27
CA VAL A 16 -42.77 -16.60 -28.72
C VAL A 16 -44.26 -16.89 -28.82
N SER A 17 -44.69 -17.88 -28.03
CA SER A 17 -46.08 -18.36 -28.00
C SER A 17 -47.06 -17.23 -27.68
N GLN A 18 -46.83 -16.45 -26.61
CA GLN A 18 -47.76 -15.40 -26.16
C GLN A 18 -47.72 -14.17 -27.11
N ALA A 19 -46.53 -13.74 -27.58
CA ALA A 19 -46.36 -12.65 -28.55
C ALA A 19 -47.14 -12.94 -29.86
N THR A 20 -47.03 -14.16 -30.36
CA THR A 20 -47.61 -14.55 -31.67
C THR A 20 -49.12 -14.61 -31.52
N LYS A 21 -49.61 -15.27 -30.47
CA LYS A 21 -51.05 -15.37 -30.15
C LYS A 21 -51.63 -13.94 -30.08
N LEU A 22 -51.02 -13.01 -29.33
CA LEU A 22 -51.57 -11.65 -29.23
C LEU A 22 -51.58 -11.01 -30.63
N PHE A 23 -50.56 -11.34 -31.45
CA PHE A 23 -50.42 -10.85 -32.85
C PHE A 23 -51.61 -11.30 -33.70
N VAL A 24 -51.76 -12.62 -33.80
CA VAL A 24 -52.84 -13.31 -34.57
C VAL A 24 -54.19 -12.79 -34.04
N ASP A 25 -54.34 -12.61 -32.73
CA ASP A 25 -55.67 -12.25 -32.14
C ASP A 25 -56.04 -10.82 -32.54
N THR A 26 -55.06 -9.96 -32.71
CA THR A 26 -55.25 -8.51 -32.93
C THR A 26 -55.34 -8.15 -34.43
N TYR A 27 -54.62 -8.90 -35.28
CA TYR A 27 -54.29 -8.55 -36.68
C TYR A 27 -54.75 -9.67 -37.63
N GLY A 28 -54.85 -10.93 -37.17
CA GLY A 28 -55.24 -12.12 -37.97
C GLY A 28 -54.09 -12.77 -38.75
N ALA A 29 -53.29 -11.95 -39.43
CA ALA A 29 -52.09 -12.43 -40.16
C ALA A 29 -51.06 -12.92 -39.15
N ALA A 30 -50.19 -13.84 -39.56
CA ALA A 30 -49.01 -14.27 -38.80
C ALA A 30 -47.95 -13.17 -38.86
N PRO A 31 -47.14 -12.95 -37.80
CA PRO A 31 -46.06 -11.97 -37.82
C PRO A 31 -44.97 -12.55 -38.72
N GLU A 32 -44.05 -11.71 -39.18
CA GLU A 32 -42.83 -12.15 -39.91
C GLU A 32 -41.94 -12.93 -38.94
N GLY A 33 -41.97 -12.54 -37.65
CA GLY A 33 -41.22 -13.23 -36.57
C GLY A 33 -41.48 -12.60 -35.21
N VAL A 34 -40.73 -13.10 -34.21
CA VAL A 34 -40.70 -12.61 -32.80
C VAL A 34 -39.24 -12.26 -32.48
N TRP A 35 -39.00 -11.03 -31.97
CA TRP A 35 -37.71 -10.49 -31.41
C TRP A 35 -37.90 -10.18 -29.92
N ALA A 36 -36.83 -9.86 -29.17
CA ALA A 36 -36.89 -9.66 -27.71
C ALA A 36 -35.69 -8.86 -27.24
N ALA A 37 -35.93 -7.94 -26.30
CA ALA A 37 -34.88 -7.20 -25.59
C ALA A 37 -35.14 -7.34 -24.09
N PRO A 38 -34.07 -7.61 -23.29
CA PRO A 38 -34.19 -7.72 -21.84
C PRO A 38 -34.29 -6.37 -21.14
N GLY A 39 -34.88 -6.40 -19.96
CA GLY A 39 -34.69 -5.33 -18.97
C GLY A 39 -33.26 -5.45 -18.44
N ARG A 40 -32.88 -4.60 -17.50
CA ARG A 40 -31.48 -4.57 -16.97
C ARG A 40 -31.47 -4.20 -15.48
N VAL A 41 -30.39 -4.61 -14.82
CA VAL A 41 -29.95 -4.07 -13.52
C VAL A 41 -28.66 -3.31 -13.75
N ASN A 42 -28.55 -2.12 -13.19
CA ASN A 42 -27.24 -1.45 -13.18
C ASN A 42 -26.53 -1.75 -11.86
N LEU A 43 -25.48 -2.53 -11.92
CA LEU A 43 -24.78 -2.96 -10.67
C LEU A 43 -24.25 -1.75 -9.92
N ILE A 44 -23.61 -0.81 -10.59
CA ILE A 44 -23.06 0.38 -9.90
C ILE A 44 -22.72 1.37 -11.03
N GLY A 45 -22.63 2.66 -10.73
CA GLY A 45 -22.32 3.73 -11.68
C GLY A 45 -23.61 4.41 -12.07
N GLU A 46 -24.32 4.91 -11.08
CA GLU A 46 -25.70 5.45 -11.25
C GLU A 46 -25.63 6.96 -11.42
N HIS A 47 -26.43 7.52 -12.36
CA HIS A 47 -26.46 8.99 -12.65
C HIS A 47 -25.09 9.44 -13.20
N THR A 48 -24.38 8.49 -13.83
CA THR A 48 -23.07 8.66 -14.52
C THR A 48 -23.22 8.71 -16.06
N ASP A 49 -24.17 7.98 -16.65
CA ASP A 49 -24.26 7.75 -18.13
C ASP A 49 -24.36 9.09 -18.90
N TYR A 50 -25.21 10.04 -18.45
CA TYR A 50 -25.39 11.38 -19.09
C TYR A 50 -24.27 12.37 -18.65
N ASN A 51 -23.38 11.97 -17.75
CA ASN A 51 -22.17 12.76 -17.37
C ASN A 51 -20.89 12.21 -18.04
N ALA A 52 -20.99 11.38 -19.07
CA ALA A 52 -19.92 10.67 -19.82
C ALA A 52 -19.10 9.80 -18.89
N GLY A 53 -19.73 9.07 -17.93
CA GLY A 53 -18.98 8.31 -16.94
C GLY A 53 -18.97 6.83 -17.25
N LEU A 54 -18.76 6.03 -16.21
CA LEU A 54 -18.70 4.56 -16.26
C LEU A 54 -19.97 4.01 -15.61
N CYS A 55 -20.48 2.92 -16.19
CA CYS A 55 -21.69 2.16 -15.78
C CYS A 55 -21.28 0.71 -15.79
N LEU A 56 -22.02 -0.13 -15.08
CA LEU A 56 -21.79 -1.62 -15.12
C LEU A 56 -23.11 -2.39 -15.05
N PRO A 57 -23.94 -2.32 -16.11
CA PRO A 57 -25.13 -3.15 -16.14
C PRO A 57 -24.96 -4.62 -16.51
N ILE A 58 -25.96 -5.41 -16.09
CA ILE A 58 -26.25 -6.77 -16.61
C ILE A 58 -27.63 -6.76 -17.24
N ALA A 59 -27.87 -7.65 -18.18
CA ALA A 59 -29.22 -7.87 -18.75
C ALA A 59 -29.92 -8.91 -17.88
N LEU A 60 -31.20 -8.71 -17.54
CA LEU A 60 -32.02 -9.69 -16.78
C LEU A 60 -32.45 -10.79 -17.74
N PRO A 61 -32.84 -11.98 -17.20
CA PRO A 61 -33.43 -13.00 -18.03
C PRO A 61 -34.80 -12.53 -18.51
N HIS A 62 -35.35 -11.47 -17.88
CA HIS A 62 -36.72 -10.91 -18.10
C HIS A 62 -36.71 -10.09 -19.40
N ARG A 63 -37.61 -10.40 -20.34
CA ARG A 63 -37.54 -9.86 -21.72
C ARG A 63 -38.93 -9.36 -22.15
N THR A 64 -38.94 -8.27 -22.90
CA THR A 64 -40.08 -7.85 -23.75
C THR A 64 -39.97 -8.56 -25.11
N PHE A 65 -41.02 -9.28 -25.51
CA PHE A 65 -41.15 -9.94 -26.84
C PHE A 65 -42.05 -9.09 -27.74
N ILE A 66 -41.56 -8.90 -28.98
CA ILE A 66 -42.31 -8.25 -30.08
C ILE A 66 -42.59 -9.30 -31.19
N ALA A 67 -43.86 -9.49 -31.53
CA ALA A 67 -44.25 -10.13 -32.80
C ALA A 67 -44.49 -9.00 -33.77
N LEU A 68 -43.79 -8.97 -34.90
CA LEU A 68 -43.83 -7.81 -35.84
C LEU A 68 -44.01 -8.30 -37.28
N LYS A 69 -44.81 -7.56 -38.05
CA LYS A 69 -44.90 -7.76 -39.52
C LYS A 69 -44.80 -6.39 -40.15
N PRO A 70 -43.93 -6.13 -41.14
CA PRO A 70 -43.92 -4.81 -41.76
C PRO A 70 -45.15 -4.75 -42.68
N ARG A 71 -45.53 -3.52 -42.99
CA ARG A 71 -46.68 -3.11 -43.79
C ARG A 71 -46.17 -2.39 -45.05
N GLU A 72 -46.93 -2.45 -46.13
CA GLU A 72 -46.60 -1.66 -47.35
C GLU A 72 -46.76 -0.14 -47.12
N ASP A 73 -47.58 0.34 -46.18
CA ASP A 73 -47.89 1.80 -46.03
C ASP A 73 -47.08 2.41 -44.86
N THR A 74 -47.44 3.59 -44.38
CA THR A 74 -46.64 4.36 -43.39
C THR A 74 -47.34 4.32 -42.01
N LYS A 75 -48.40 3.53 -41.91
CA LYS A 75 -49.20 3.38 -40.67
C LYS A 75 -48.50 2.38 -39.76
N VAL A 76 -48.63 2.61 -38.47
CA VAL A 76 -48.04 1.75 -37.41
C VAL A 76 -49.14 1.34 -36.46
N ARG A 77 -49.39 0.03 -36.34
CA ARG A 77 -50.33 -0.43 -35.29
C ARG A 77 -49.50 -1.10 -34.20
N VAL A 78 -49.80 -0.83 -32.92
CA VAL A 78 -49.18 -1.60 -31.80
C VAL A 78 -50.23 -1.99 -30.77
N VAL A 79 -50.07 -3.16 -30.15
CA VAL A 79 -50.91 -3.68 -29.03
C VAL A 79 -50.07 -4.31 -27.91
N SER A 80 -50.43 -4.08 -26.66
CA SER A 80 -49.72 -4.67 -25.49
C SER A 80 -50.63 -5.64 -24.74
N GLY A 81 -50.08 -6.81 -24.38
CA GLY A 81 -50.73 -7.95 -23.68
C GLY A 81 -51.28 -7.62 -22.30
N VAL A 82 -50.96 -6.43 -21.77
CA VAL A 82 -51.60 -5.80 -20.56
C VAL A 82 -52.88 -5.06 -20.95
N ALA A 83 -53.20 -4.92 -22.23
CA ALA A 83 -54.49 -4.32 -22.63
C ALA A 83 -54.78 -4.72 -24.05
N PRO A 84 -55.11 -6.02 -24.25
CA PRO A 84 -55.17 -6.59 -25.59
C PRO A 84 -56.41 -6.15 -26.39
N ASP A 85 -57.15 -5.15 -25.92
CA ASP A 85 -58.32 -4.55 -26.61
C ASP A 85 -57.98 -3.18 -27.21
N LYS A 86 -57.02 -2.47 -26.63
CA LYS A 86 -56.56 -1.13 -27.09
C LYS A 86 -55.46 -1.31 -28.13
N VAL A 87 -55.81 -1.28 -29.42
CA VAL A 87 -54.76 -1.22 -30.47
C VAL A 87 -54.49 0.25 -30.74
N ALA A 88 -53.23 0.63 -30.65
CA ALA A 88 -52.80 2.03 -30.88
C ALA A 88 -52.41 2.11 -32.34
N GLU A 89 -52.76 3.20 -33.00
CA GLU A 89 -52.51 3.28 -34.45
C GLU A 89 -52.04 4.69 -34.75
N ALA A 90 -51.01 4.86 -35.59
CA ALA A 90 -50.32 6.16 -35.78
C ALA A 90 -49.79 6.20 -37.22
N ASP A 91 -49.30 7.33 -37.71
CA ASP A 91 -48.82 7.36 -39.11
C ASP A 91 -47.45 8.05 -39.15
N LEU A 92 -46.46 7.40 -39.80
CA LEU A 92 -45.04 7.88 -39.87
C LEU A 92 -44.90 9.01 -40.88
N ASP A 93 -45.81 9.06 -41.84
CA ASP A 93 -45.71 10.02 -42.96
C ASP A 93 -45.89 11.41 -42.36
N GLY A 94 -44.86 12.26 -42.44
CA GLY A 94 -44.78 13.62 -41.89
C GLY A 94 -44.77 13.67 -40.36
N LEU A 95 -44.58 12.55 -39.65
CA LEU A 95 -44.67 12.54 -38.15
C LEU A 95 -43.62 13.48 -37.56
N LYS A 96 -44.02 14.23 -36.53
CA LYS A 96 -43.18 15.23 -35.81
C LYS A 96 -42.77 14.67 -34.47
N ALA A 97 -41.62 15.08 -33.94
CA ALA A 97 -41.28 14.86 -32.51
C ALA A 97 -42.47 15.24 -31.62
N ARG A 98 -42.72 14.43 -30.58
CA ARG A 98 -43.85 14.53 -29.62
C ARG A 98 -45.17 14.17 -30.33
N GLY A 99 -45.10 13.65 -31.55
CA GLY A 99 -46.28 13.53 -32.44
C GLY A 99 -47.17 12.35 -32.09
N VAL A 100 -46.77 11.54 -31.09
CA VAL A 100 -47.49 10.36 -30.51
C VAL A 100 -47.39 10.51 -28.99
N ASP A 101 -48.47 10.29 -28.25
N ASP A 101 -48.49 10.22 -28.28
CA ASP A 101 -48.36 10.15 -26.77
CA ASP A 101 -48.51 10.17 -26.80
C ASP A 101 -48.87 8.78 -26.33
C ASP A 101 -48.89 8.77 -26.33
N GLY A 102 -48.77 8.53 -25.02
CA GLY A 102 -49.00 7.21 -24.41
C GLY A 102 -47.84 6.32 -24.72
N TRP A 103 -47.93 5.07 -24.31
CA TRP A 103 -46.89 4.05 -24.50
C TRP A 103 -46.58 3.77 -25.98
N SER A 104 -47.52 4.02 -26.93
CA SER A 104 -47.33 3.78 -28.40
C SER A 104 -46.22 4.70 -28.94
N ALA A 105 -45.88 5.75 -28.20
CA ALA A 105 -44.81 6.71 -28.53
C ALA A 105 -43.49 5.98 -28.70
N TYR A 106 -43.26 4.95 -27.88
CA TYR A 106 -41.92 4.34 -27.72
C TYR A 106 -41.59 3.52 -28.95
N PRO A 107 -42.44 2.56 -29.38
CA PRO A 107 -42.16 1.74 -30.58
C PRO A 107 -42.37 2.45 -31.93
N THR A 108 -43.46 3.21 -32.07
CA THR A 108 -43.62 4.14 -33.21
C THR A 108 -42.34 4.99 -33.35
N GLY A 109 -41.82 5.53 -32.24
CA GLY A 109 -40.72 6.50 -32.25
C GLY A 109 -39.43 5.94 -32.86
N VAL A 110 -39.32 4.61 -32.76
CA VAL A 110 -38.14 3.78 -33.23
C VAL A 110 -38.09 3.84 -34.77
N ALA A 111 -39.16 3.54 -35.49
CA ALA A 111 -39.25 3.73 -36.97
C ALA A 111 -39.04 5.20 -37.30
N TRP A 112 -39.66 6.08 -36.53
CA TRP A 112 -39.57 7.54 -36.73
C TRP A 112 -38.08 7.91 -36.67
N ALA A 113 -37.38 7.46 -35.63
CA ALA A 113 -35.94 7.71 -35.43
C ALA A 113 -35.14 7.17 -36.64
N LEU A 114 -35.47 5.98 -37.12
CA LEU A 114 -34.65 5.36 -38.20
C LEU A 114 -34.88 6.12 -39.50
N ARG A 115 -36.07 6.63 -39.77
CA ARG A 115 -36.37 7.34 -41.05
C ARG A 115 -35.71 8.71 -40.96
N GLN A 116 -35.66 9.30 -39.76
CA GLN A 116 -34.96 10.58 -39.48
C GLN A 116 -33.47 10.39 -39.78
N ALA A 117 -32.93 9.18 -39.57
CA ALA A 117 -31.49 8.90 -39.75
C ALA A 117 -31.17 8.59 -41.23
N GLY A 118 -32.18 8.54 -42.10
CA GLY A 118 -32.05 8.31 -43.56
C GLY A 118 -32.36 6.88 -43.97
N PHE A 119 -32.97 6.08 -43.11
CA PHE A 119 -33.36 4.68 -43.46
C PHE A 119 -34.73 4.67 -44.16
N ASP A 120 -34.75 5.10 -45.44
N ASP A 120 -34.77 5.16 -45.41
CA ASP A 120 -35.97 5.34 -46.27
CA ASP A 120 -35.99 5.33 -46.25
C ASP A 120 -36.68 4.02 -46.62
C ASP A 120 -36.75 4.00 -46.38
N LYS A 121 -36.01 2.88 -46.40
CA LYS A 121 -36.62 1.54 -46.51
C LYS A 121 -37.64 1.35 -45.39
N VAL A 122 -37.55 2.11 -44.28
CA VAL A 122 -38.36 1.76 -43.08
C VAL A 122 -39.69 2.48 -43.22
N LYS A 123 -40.79 1.73 -43.38
N LYS A 123 -40.76 1.71 -43.40
CA LYS A 123 -42.18 2.29 -43.41
CA LYS A 123 -42.14 2.21 -43.28
C LYS A 123 -42.90 1.85 -42.12
C LYS A 123 -42.83 1.34 -42.21
N GLY A 124 -44.15 1.38 -42.20
CA GLY A 124 -44.94 1.03 -41.02
C GLY A 124 -44.87 -0.44 -40.69
N PHE A 125 -45.63 -0.84 -39.69
CA PHE A 125 -45.58 -2.23 -39.17
C PHE A 125 -46.78 -2.37 -38.28
N ASP A 126 -47.20 -3.60 -38.08
CA ASP A 126 -48.07 -4.02 -36.95
C ASP A 126 -47.19 -4.73 -35.93
N ALA A 127 -47.38 -4.44 -34.65
CA ALA A 127 -46.63 -5.19 -33.62
C ALA A 127 -47.53 -5.51 -32.41
N ALA A 128 -47.26 -6.67 -31.79
CA ALA A 128 -47.83 -7.15 -30.50
C ALA A 128 -46.70 -7.38 -29.52
N PHE A 129 -46.79 -6.74 -28.35
CA PHE A 129 -45.81 -6.84 -27.25
C PHE A 129 -46.38 -7.67 -26.10
N VAL A 130 -45.52 -8.56 -25.58
CA VAL A 130 -45.73 -9.24 -24.27
C VAL A 130 -44.41 -9.15 -23.49
N SER A 131 -44.49 -8.69 -22.26
CA SER A 131 -43.31 -8.43 -21.40
C SER A 131 -43.47 -9.06 -20.01
N CYS A 132 -42.33 -9.31 -19.39
CA CYS A 132 -42.27 -9.66 -17.96
C CYS A 132 -41.23 -8.80 -17.26
N VAL A 133 -40.85 -7.67 -17.88
CA VAL A 133 -40.05 -6.61 -17.19
C VAL A 133 -41.05 -5.70 -16.50
N PRO A 134 -41.13 -5.74 -15.16
CA PRO A 134 -42.29 -5.15 -14.47
C PRO A 134 -42.32 -3.63 -14.66
N LEU A 135 -43.51 -3.07 -14.98
CA LEU A 135 -43.66 -1.60 -15.21
C LEU A 135 -43.40 -0.88 -13.89
N GLY A 136 -42.69 0.25 -13.92
CA GLY A 136 -42.47 1.10 -12.74
C GLY A 136 -41.39 0.54 -11.84
N SER A 137 -40.75 -0.57 -12.25
CA SER A 137 -39.76 -1.29 -11.43
C SER A 137 -38.40 -0.61 -11.53
N GLY A 138 -38.24 0.38 -12.41
CA GLY A 138 -36.91 0.92 -12.79
C GLY A 138 -35.94 -0.13 -13.32
N LEU A 139 -36.43 -1.19 -13.94
CA LEU A 139 -35.59 -2.23 -14.60
C LEU A 139 -35.67 -2.11 -16.15
N SER A 140 -36.08 -0.93 -16.63
CA SER A 140 -36.00 -0.43 -18.04
C SER A 140 -36.98 -1.15 -18.98
N SER A 141 -38.25 -1.27 -18.59
CA SER A 141 -39.34 -1.73 -19.49
C SER A 141 -39.33 -0.90 -20.79
N SER A 142 -39.19 0.42 -20.66
N SER A 142 -39.07 0.41 -20.74
CA SER A 142 -38.87 1.39 -21.72
CA SER A 142 -39.04 1.26 -21.97
C SER A 142 -37.95 0.76 -22.78
C SER A 142 -37.88 0.89 -22.89
N ALA A 143 -36.70 0.51 -22.38
CA ALA A 143 -35.56 0.16 -23.26
C ALA A 143 -35.84 -1.21 -23.86
N ALA A 144 -36.43 -2.10 -23.08
CA ALA A 144 -36.79 -3.44 -23.54
C ALA A 144 -37.78 -3.33 -24.74
N MET A 145 -38.68 -2.35 -24.66
CA MET A 145 -39.72 -2.12 -25.69
C MET A 145 -39.06 -1.52 -26.94
N THR A 146 -38.26 -0.45 -26.76
CA THR A 146 -37.59 0.25 -27.88
C THR A 146 -36.55 -0.68 -28.51
N CYS A 147 -35.71 -1.37 -27.74
CA CYS A 147 -34.60 -2.14 -28.35
C CYS A 147 -35.14 -3.40 -29.08
N SER A 148 -36.19 -4.04 -28.57
CA SER A 148 -36.87 -5.12 -29.34
C SER A 148 -37.42 -4.57 -30.68
N THR A 149 -38.13 -3.47 -30.65
CA THR A 149 -38.71 -2.85 -31.87
C THR A 149 -37.58 -2.50 -32.86
N ALA A 150 -36.48 -1.90 -32.38
CA ALA A 150 -35.34 -1.47 -33.22
C ALA A 150 -34.68 -2.70 -33.85
N LEU A 151 -34.62 -3.83 -33.15
CA LEU A 151 -33.99 -5.05 -33.71
C LEU A 151 -34.92 -5.68 -34.74
N ALA A 152 -36.23 -5.72 -34.43
CA ALA A 152 -37.26 -6.20 -35.38
C ALA A 152 -37.22 -5.34 -36.65
N LEU A 153 -37.20 -4.01 -36.54
CA LEU A 153 -37.30 -3.15 -37.77
C LEU A 153 -36.02 -3.30 -38.58
N ASP A 154 -34.88 -3.44 -37.93
CA ASP A 154 -33.59 -3.65 -38.62
C ASP A 154 -33.63 -4.94 -39.44
N ASP A 155 -34.27 -5.96 -38.90
CA ASP A 155 -34.23 -7.32 -39.45
C ASP A 155 -35.17 -7.38 -40.67
N VAL A 156 -36.44 -6.95 -40.50
CA VAL A 156 -37.52 -7.08 -41.54
C VAL A 156 -37.26 -6.09 -42.68
N TYR A 157 -36.62 -4.93 -42.43
CA TYR A 157 -36.26 -3.96 -43.48
C TYR A 157 -34.86 -4.22 -44.03
N GLY A 158 -34.13 -5.20 -43.48
CA GLY A 158 -32.77 -5.59 -43.92
C GLY A 158 -31.76 -4.45 -43.84
N LEU A 159 -31.72 -3.67 -42.76
CA LEU A 159 -30.82 -2.49 -42.63
C LEU A 159 -29.34 -2.91 -42.44
N GLY A 160 -29.10 -4.07 -41.80
CA GLY A 160 -27.78 -4.69 -41.68
C GLY A 160 -26.99 -4.23 -40.48
N TYR A 161 -27.66 -3.70 -39.44
CA TYR A 161 -27.02 -3.22 -38.18
C TYR A 161 -27.22 -4.17 -37.01
N GLY A 162 -28.04 -5.24 -37.16
CA GLY A 162 -28.51 -6.14 -36.08
C GLY A 162 -27.52 -7.24 -35.72
N ASP A 163 -26.77 -7.79 -36.69
CA ASP A 163 -25.85 -8.92 -36.48
C ASP A 163 -24.41 -8.50 -36.10
N SER A 164 -24.20 -7.31 -35.54
CA SER A 164 -22.90 -6.98 -34.93
C SER A 164 -23.12 -6.09 -33.70
N ASP A 165 -22.16 -6.02 -32.74
CA ASP A 165 -22.15 -5.07 -31.60
C ASP A 165 -22.08 -3.62 -32.09
N ALA A 166 -21.09 -3.33 -32.94
CA ALA A 166 -20.88 -2.00 -33.49
C ALA A 166 -22.14 -1.54 -34.21
N GLY A 167 -22.73 -2.46 -34.99
CA GLY A 167 -23.99 -2.19 -35.70
C GLY A 167 -25.11 -1.73 -34.77
N ARG A 168 -25.23 -2.28 -33.58
CA ARG A 168 -26.39 -2.07 -32.70
C ARG A 168 -26.32 -0.67 -32.10
N VAL A 169 -25.14 -0.03 -32.07
CA VAL A 169 -25.11 1.35 -31.51
C VAL A 169 -26.00 2.26 -32.38
N THR A 170 -26.11 2.00 -33.69
CA THR A 170 -27.03 2.78 -34.57
C THR A 170 -28.49 2.51 -34.15
N LEU A 171 -28.85 1.27 -33.87
CA LEU A 171 -30.20 0.92 -33.35
C LEU A 171 -30.44 1.48 -31.95
N ILE A 172 -29.42 1.42 -31.10
CA ILE A 172 -29.45 2.03 -29.75
C ILE A 172 -29.73 3.53 -29.90
N ASN A 173 -29.04 4.28 -30.78
CA ASN A 173 -29.22 5.76 -30.85
C ASN A 173 -30.68 6.04 -31.23
N ALA A 174 -31.28 5.15 -32.02
CA ALA A 174 -32.65 5.31 -32.57
C ALA A 174 -33.62 5.14 -31.40
N ALA A 175 -33.40 4.08 -30.61
CA ALA A 175 -34.20 3.73 -29.41
C ALA A 175 -34.11 4.84 -28.36
N ILE A 176 -32.89 5.29 -28.10
CA ILE A 176 -32.65 6.48 -27.21
C ILE A 176 -33.45 7.65 -27.77
N LYS A 177 -33.32 7.90 -29.08
CA LYS A 177 -33.95 9.10 -29.72
C LYS A 177 -35.47 8.95 -29.67
N SER A 178 -36.01 7.75 -29.86
CA SER A 178 -37.46 7.54 -29.67
C SER A 178 -37.89 8.01 -28.27
N GLU A 179 -37.24 7.54 -27.22
CA GLU A 179 -37.59 7.80 -25.80
C GLU A 179 -37.48 9.31 -25.47
N ASN A 180 -36.40 9.98 -25.89
CA ASN A 180 -36.10 11.40 -25.62
C ASN A 180 -37.04 12.33 -26.39
N GLU A 181 -37.20 12.14 -27.70
CA GLU A 181 -37.81 13.12 -28.62
C GLU A 181 -39.25 12.75 -29.01
N MET A 182 -39.63 11.48 -29.00
CA MET A 182 -41.03 11.09 -29.34
C MET A 182 -41.82 10.87 -28.04
N ALA A 183 -41.29 10.08 -27.10
CA ALA A 183 -41.99 9.81 -25.83
C ALA A 183 -41.82 10.98 -24.88
N GLY A 184 -40.87 11.89 -25.18
CA GLY A 184 -40.50 13.04 -24.33
C GLY A 184 -40.17 12.61 -22.90
N ALA A 185 -39.46 11.49 -22.75
CA ALA A 185 -38.95 11.02 -21.44
C ALA A 185 -37.42 11.13 -21.49
N SER A 186 -36.83 12.06 -20.74
CA SER A 186 -35.34 12.22 -20.69
C SER A 186 -34.68 10.86 -20.41
N THR A 187 -33.63 10.45 -21.14
CA THR A 187 -32.90 9.13 -20.88
C THR A 187 -31.41 9.26 -21.29
N GLY A 188 -30.45 8.56 -20.61
CA GLY A 188 -29.00 8.86 -20.73
C GLY A 188 -28.12 7.84 -21.48
N GLY A 189 -28.62 6.64 -21.81
CA GLY A 189 -27.98 5.68 -22.73
C GLY A 189 -27.63 4.32 -22.11
N LEU A 190 -27.51 4.25 -20.79
CA LEU A 190 -27.23 3.04 -19.97
C LEU A 190 -28.14 1.87 -20.40
N ASP A 191 -29.45 2.08 -20.42
CA ASP A 191 -30.47 0.97 -20.43
C ASP A 191 -30.42 0.21 -21.76
N GLN A 192 -30.34 0.98 -22.84
CA GLN A 192 -30.36 0.46 -24.23
C GLN A 192 -29.02 -0.17 -24.61
N ASN A 193 -27.88 0.39 -24.19
CA ASN A 193 -26.57 -0.32 -24.32
C ASN A 193 -26.63 -1.68 -23.59
N ALA A 194 -27.16 -1.71 -22.38
CA ALA A 194 -27.31 -2.97 -21.63
C ALA A 194 -28.18 -3.91 -22.45
N SER A 195 -29.34 -3.46 -22.90
CA SER A 195 -30.37 -4.35 -23.50
C SER A 195 -29.84 -5.00 -24.79
N MET A 196 -28.98 -4.32 -25.56
CA MET A 196 -28.53 -4.75 -26.90
C MET A 196 -27.10 -5.30 -26.88
N ARG A 197 -26.31 -5.05 -25.83
CA ARG A 197 -24.86 -5.34 -25.87
C ARG A 197 -24.37 -6.19 -24.67
N CYS A 198 -25.16 -6.45 -23.63
CA CYS A 198 -24.71 -7.37 -22.55
C CYS A 198 -24.60 -8.79 -23.11
N THR A 199 -23.88 -9.65 -22.39
CA THR A 199 -23.80 -11.10 -22.70
C THR A 199 -24.00 -11.92 -21.42
N GLU A 200 -24.36 -13.17 -21.59
CA GLU A 200 -24.57 -14.09 -20.45
C GLU A 200 -23.27 -14.20 -19.64
N GLY A 201 -23.43 -14.15 -18.30
CA GLY A 201 -22.33 -14.35 -17.34
C GLY A 201 -21.39 -13.15 -17.25
N HIS A 202 -21.73 -12.03 -17.85
CA HIS A 202 -20.89 -10.83 -17.93
C HIS A 202 -21.69 -9.57 -17.61
N ALA A 203 -21.03 -8.65 -16.97
CA ALA A 203 -21.47 -7.27 -16.81
C ALA A 203 -20.77 -6.43 -17.90
N LEU A 204 -21.43 -5.37 -18.35
CA LEU A 204 -20.97 -4.46 -19.42
C LEU A 204 -20.31 -3.24 -18.78
N LEU A 205 -18.98 -3.20 -18.74
CA LEU A 205 -18.26 -1.96 -18.33
C LEU A 205 -18.35 -0.93 -19.47
N LEU A 206 -19.33 -0.04 -19.36
N LEU A 206 -19.27 0.01 -19.30
CA LEU A 206 -19.71 0.92 -20.43
CA LEU A 206 -19.74 0.95 -20.35
C LEU A 206 -19.08 2.28 -20.12
C LEU A 206 -19.09 2.30 -20.10
N ASP A 207 -18.29 2.78 -21.03
CA ASP A 207 -17.67 4.13 -20.98
C ASP A 207 -18.56 5.02 -21.86
N CYS A 208 -19.13 6.11 -21.32
CA CYS A 208 -20.21 6.92 -21.94
C CYS A 208 -19.64 8.24 -22.53
N ARG A 209 -18.30 8.34 -22.63
CA ARG A 209 -17.63 9.44 -23.39
C ARG A 209 -18.16 9.33 -24.82
N PRO A 210 -18.80 10.39 -25.34
CA PRO A 210 -19.58 10.26 -26.57
C PRO A 210 -18.68 10.19 -27.79
N GLU A 211 -17.38 10.46 -27.64
CA GLU A 211 -16.43 10.48 -28.79
C GLU A 211 -15.91 9.08 -29.11
N LEU A 212 -16.14 8.11 -28.22
CA LEU A 212 -15.64 6.72 -28.35
C LEU A 212 -16.40 5.95 -29.43
N THR A 213 -15.67 5.14 -30.20
CA THR A 213 -16.26 4.08 -31.05
C THR A 213 -16.82 2.94 -30.18
N PRO A 214 -17.67 2.05 -30.76
CA PRO A 214 -18.31 0.96 -30.01
C PRO A 214 -17.36 -0.08 -29.39
N LEU A 215 -16.34 -0.48 -30.16
CA LEU A 215 -15.28 -1.39 -29.66
C LEU A 215 -14.50 -0.74 -28.51
N GLU A 216 -14.36 0.60 -28.47
CA GLU A 216 -13.60 1.30 -27.39
C GLU A 216 -14.47 1.51 -26.13
N ASN A 217 -15.79 1.45 -26.23
CA ASN A 217 -16.63 1.95 -25.12
C ASN A 217 -17.24 0.81 -24.30
N VAL A 218 -16.95 -0.47 -24.60
CA VAL A 218 -17.44 -1.60 -23.77
C VAL A 218 -16.31 -2.57 -23.45
N SER A 219 -16.32 -3.14 -22.24
CA SER A 219 -15.48 -4.29 -21.84
C SER A 219 -16.41 -5.26 -21.09
N GLN A 220 -16.43 -6.53 -21.50
CA GLN A 220 -17.23 -7.58 -20.81
C GLN A 220 -16.46 -8.03 -19.58
N GLN A 221 -17.04 -7.81 -18.39
CA GLN A 221 -16.39 -8.15 -17.10
C GLN A 221 -17.05 -9.44 -16.67
N GLU A 222 -16.25 -10.40 -16.22
CA GLU A 222 -16.77 -11.70 -15.72
C GLU A 222 -17.70 -11.39 -14.54
N PHE A 223 -18.90 -11.98 -14.55
CA PHE A 223 -19.91 -11.75 -13.48
C PHE A 223 -20.68 -13.04 -13.26
N ASP A 224 -19.98 -14.03 -12.72
CA ASP A 224 -20.50 -15.39 -12.49
C ASP A 224 -20.75 -15.52 -10.99
N LEU A 225 -21.99 -15.32 -10.57
CA LEU A 225 -22.39 -15.35 -9.15
C LEU A 225 -22.11 -16.75 -8.55
N ASP A 226 -22.22 -17.81 -9.34
CA ASP A 226 -22.04 -19.20 -8.85
C ASP A 226 -20.59 -19.48 -8.41
N LYS A 227 -19.62 -18.85 -9.08
CA LYS A 227 -18.16 -18.94 -8.77
C LYS A 227 -17.91 -18.63 -7.29
N TYR A 228 -18.68 -17.72 -6.72
CA TYR A 228 -18.48 -17.19 -5.35
C TYR A 228 -19.65 -17.57 -4.43
N ASN A 229 -20.52 -18.49 -4.87
CA ASN A 229 -21.72 -18.93 -4.09
C ASN A 229 -22.56 -17.70 -3.70
N LEU A 230 -22.87 -16.87 -4.69
CA LEU A 230 -23.65 -15.62 -4.52
C LEU A 230 -24.99 -15.76 -5.21
N GLU A 231 -25.86 -14.85 -4.85
CA GLU A 231 -27.17 -14.63 -5.50
C GLU A 231 -27.27 -13.11 -5.56
N LEU A 232 -27.78 -12.56 -6.68
CA LEU A 232 -28.13 -11.12 -6.73
C LEU A 232 -29.64 -11.01 -6.45
N LEU A 233 -30.01 -10.54 -5.25
CA LEU A 233 -31.44 -10.27 -4.94
C LEU A 233 -31.86 -8.96 -5.63
N VAL A 234 -32.99 -9.01 -6.34
CA VAL A 234 -33.64 -7.80 -6.92
C VAL A 234 -35.06 -7.72 -6.34
N VAL A 235 -35.40 -6.61 -5.68
CA VAL A 235 -36.76 -6.42 -5.13
C VAL A 235 -37.31 -5.11 -5.71
N ASP A 236 -38.41 -5.20 -6.42
CA ASP A 236 -39.13 -4.00 -6.92
C ASP A 236 -39.96 -3.48 -5.74
N THR A 237 -39.70 -2.27 -5.22
CA THR A 237 -40.44 -1.75 -4.04
C THR A 237 -41.95 -1.66 -4.31
N GLN A 238 -42.33 -1.30 -5.54
CA GLN A 238 -43.71 -1.00 -6.00
C GLN A 238 -44.16 0.28 -5.30
N ALA A 239 -43.20 1.15 -4.99
CA ALA A 239 -43.54 2.45 -4.37
C ALA A 239 -44.20 3.29 -5.48
N PRO A 240 -45.09 4.26 -5.17
CA PRO A 240 -45.76 5.04 -6.22
C PRO A 240 -44.77 6.06 -6.81
N HIS A 241 -44.66 6.12 -8.15
CA HIS A 241 -43.75 7.07 -8.87
C HIS A 241 -44.31 7.44 -10.26
N GLN A 242 -44.81 8.67 -10.39
CA GLN A 242 -45.22 9.32 -11.66
C GLN A 242 -44.09 9.11 -12.68
N LEU A 243 -44.39 8.41 -13.78
CA LEU A 243 -43.40 7.69 -14.65
C LEU A 243 -42.19 8.57 -14.98
N ASN A 244 -42.41 9.89 -15.20
CA ASN A 244 -41.53 10.92 -15.86
C ASN A 244 -41.83 12.35 -15.34
N ASP A 245 -41.38 12.69 -14.14
CA ASP A 245 -42.03 13.67 -13.23
C ASP A 245 -41.23 14.97 -13.14
N GLY A 246 -40.12 15.06 -13.87
CA GLY A 246 -39.21 16.21 -13.87
C GLY A 246 -37.97 16.06 -12.95
N GLN A 247 -38.00 15.16 -11.96
N GLN A 247 -37.98 15.15 -11.98
CA GLN A 247 -36.87 15.01 -11.00
CA GLN A 247 -36.84 15.07 -11.00
C GLN A 247 -35.60 14.60 -11.76
C GLN A 247 -35.57 14.55 -11.70
N TYR A 248 -35.67 13.51 -12.53
CA TYR A 248 -34.53 13.00 -13.34
C TYR A 248 -33.91 14.17 -14.14
N ALA A 249 -34.74 14.94 -14.87
CA ALA A 249 -34.34 16.07 -15.75
C ALA A 249 -33.65 17.19 -14.95
N GLN A 250 -34.20 17.55 -13.79
N GLN A 250 -34.14 17.58 -13.78
CA GLN A 250 -33.59 18.57 -12.89
CA GLN A 250 -33.47 18.67 -13.03
C GLN A 250 -32.13 18.19 -12.64
C GLN A 250 -32.07 18.21 -12.58
N ARG A 251 -31.89 16.94 -12.21
CA ARG A 251 -30.53 16.34 -11.95
C ARG A 251 -29.60 16.62 -13.15
N ARG A 252 -30.07 16.22 -14.35
CA ARG A 252 -29.30 16.30 -15.60
C ARG A 252 -28.93 17.79 -15.78
N ALA A 253 -29.90 18.70 -15.58
CA ALA A 253 -29.72 20.16 -15.81
C ALA A 253 -28.69 20.74 -14.82
N THR A 254 -28.74 20.36 -13.54
CA THR A 254 -27.77 20.76 -12.46
C THR A 254 -26.32 20.36 -12.81
N CYS A 255 -26.16 19.10 -13.19
CA CYS A 255 -24.89 18.54 -13.73
C CYS A 255 -24.44 19.34 -14.95
N GLU A 256 -25.35 19.63 -15.90
CA GLU A 256 -24.95 20.27 -17.18
C GLU A 256 -24.46 21.65 -16.76
N GLU A 257 -25.09 22.33 -15.77
N GLU A 257 -25.17 22.27 -15.80
CA GLU A 257 -24.67 23.69 -15.33
CA GLU A 257 -24.85 23.56 -15.12
C GLU A 257 -23.41 23.55 -14.45
C GLU A 257 -23.45 23.46 -14.53
N ALA A 258 -23.28 22.50 -13.64
CA ALA A 258 -21.98 22.17 -12.99
C ALA A 258 -20.84 22.26 -14.00
N ALA A 259 -20.94 21.48 -15.08
CA ALA A 259 -19.90 21.36 -16.12
C ALA A 259 -19.58 22.73 -16.74
N LYS A 260 -20.57 23.64 -16.84
CA LYS A 260 -20.42 24.96 -17.50
C LYS A 260 -19.63 25.93 -16.58
N ILE A 261 -20.05 26.10 -15.32
CA ILE A 261 -19.25 26.82 -14.28
C ILE A 261 -17.83 26.22 -14.27
N LEU A 262 -17.69 24.89 -14.40
CA LEU A 262 -16.35 24.23 -14.25
C LEU A 262 -15.56 24.34 -15.57
N GLY A 263 -16.21 24.67 -16.69
CA GLY A 263 -15.49 24.92 -17.96
C GLY A 263 -15.01 23.61 -18.58
N VAL A 264 -15.68 22.52 -18.27
CA VAL A 264 -15.46 21.20 -18.93
C VAL A 264 -16.69 20.78 -19.76
N ALA A 265 -16.45 19.93 -20.75
CA ALA A 265 -17.46 19.42 -21.68
C ALA A 265 -18.42 18.54 -20.90
N ASN A 266 -17.92 17.93 -19.83
CA ASN A 266 -18.69 17.03 -18.95
C ASN A 266 -17.92 16.63 -17.68
N LEU A 267 -18.66 16.02 -16.78
CA LEU A 267 -18.18 15.89 -15.40
C LEU A 267 -17.14 14.77 -15.37
N ARG A 268 -17.16 13.86 -16.35
CA ARG A 268 -16.10 12.82 -16.46
C ARG A 268 -14.73 13.50 -16.58
N VAL A 269 -14.62 14.66 -17.22
CA VAL A 269 -13.33 15.42 -17.31
C VAL A 269 -12.87 15.70 -15.86
N THR A 270 -13.77 16.29 -15.07
CA THR A 270 -13.56 16.69 -13.66
C THR A 270 -13.20 15.48 -12.80
N ALA A 271 -13.97 14.36 -12.94
CA ALA A 271 -13.79 13.10 -12.23
C ALA A 271 -12.40 12.51 -12.56
N ASP A 272 -12.00 12.47 -13.84
CA ASP A 272 -10.68 11.92 -14.27
C ASP A 272 -9.51 12.77 -13.72
N GLY A 273 -9.66 14.10 -13.71
CA GLY A 273 -8.70 15.04 -13.09
C GLY A 273 -8.49 14.75 -11.61
N ILE A 274 -9.54 14.34 -10.87
CA ILE A 274 -9.51 14.18 -9.40
C ILE A 274 -8.84 12.83 -9.09
N SER A 275 -9.23 11.81 -9.86
N SER A 275 -9.21 11.82 -9.87
CA SER A 275 -8.84 10.39 -9.73
CA SER A 275 -8.85 10.39 -9.72
C SER A 275 -7.33 10.20 -9.78
C SER A 275 -7.34 10.16 -9.83
N LYS A 276 -6.70 10.83 -10.77
CA LYS A 276 -5.25 10.70 -11.02
C LYS A 276 -4.47 11.66 -10.10
N ALA A 277 -5.11 12.51 -9.29
CA ALA A 277 -4.42 13.39 -8.31
C ALA A 277 -3.81 12.56 -7.17
N ASP A 278 -2.60 12.87 -6.72
CA ASP A 278 -2.05 12.25 -5.50
C ASP A 278 -3.03 12.38 -4.33
N ASP A 279 -3.48 13.60 -4.08
CA ASP A 279 -4.36 14.01 -2.95
C ASP A 279 -5.76 14.24 -3.54
N GLN A 280 -6.50 13.16 -3.67
CA GLN A 280 -7.86 13.19 -4.29
C GLN A 280 -8.75 14.15 -3.45
N PHE A 281 -8.56 14.18 -2.13
CA PHE A 281 -9.42 14.96 -1.21
C PHE A 281 -9.17 16.41 -1.54
N GLN A 282 -7.91 16.77 -1.77
CA GLN A 282 -7.61 18.19 -2.05
C GLN A 282 -8.19 18.52 -3.44
N ALA A 283 -8.07 17.60 -4.41
CA ALA A 283 -8.62 17.80 -5.78
C ALA A 283 -10.16 17.97 -5.73
N LEU A 284 -10.92 17.24 -4.92
CA LEU A 284 -12.39 17.35 -4.89
C LEU A 284 -12.77 18.66 -4.19
N LYS A 285 -12.11 18.95 -3.06
CA LYS A 285 -12.25 20.22 -2.31
C LYS A 285 -12.08 21.42 -3.26
N GLU A 286 -11.04 21.46 -4.11
CA GLU A 286 -10.79 22.65 -4.97
C GLU A 286 -11.90 22.73 -6.03
N THR A 287 -12.40 21.58 -6.48
CA THR A 287 -13.52 21.49 -7.45
C THR A 287 -14.76 22.09 -6.79
N LEU A 288 -15.17 21.58 -5.62
CA LEU A 288 -16.43 22.01 -4.96
C LEU A 288 -16.32 23.49 -4.55
N ASP A 289 -15.12 24.01 -4.25
CA ASP A 289 -15.02 25.45 -3.90
C ASP A 289 -15.37 26.30 -5.13
N ALA A 290 -15.28 25.77 -6.33
CA ALA A 290 -15.65 26.50 -7.56
C ALA A 290 -17.18 26.54 -7.75
N LEU A 291 -17.96 25.63 -7.14
CA LEU A 291 -19.43 25.64 -7.24
C LEU A 291 -20.04 26.44 -6.07
N PRO A 292 -20.63 27.66 -6.24
CA PRO A 292 -21.19 28.37 -5.08
C PRO A 292 -22.46 27.78 -4.43
N ASP A 293 -23.17 26.84 -5.08
CA ASP A 293 -24.48 26.26 -4.65
C ASP A 293 -24.33 24.93 -3.87
N GLU A 294 -24.85 24.85 -2.64
N GLU A 294 -24.84 24.89 -2.64
CA GLU A 294 -24.76 23.69 -1.71
CA GLU A 294 -24.80 23.73 -1.70
C GLU A 294 -25.22 22.41 -2.40
C GLU A 294 -25.21 22.45 -2.42
N THR A 295 -26.41 22.45 -3.03
CA THR A 295 -26.98 21.29 -3.73
C THR A 295 -26.08 20.87 -4.90
N MET A 296 -25.56 21.79 -5.70
CA MET A 296 -24.68 21.49 -6.88
C MET A 296 -23.35 20.85 -6.41
N LYS A 297 -22.76 21.31 -5.30
CA LYS A 297 -21.55 20.64 -4.72
C LYS A 297 -21.88 19.16 -4.46
N LYS A 298 -23.06 18.88 -3.88
CA LYS A 298 -23.43 17.49 -3.52
C LYS A 298 -23.62 16.69 -4.81
N ARG A 299 -24.20 17.28 -5.87
CA ARG A 299 -24.45 16.44 -7.10
C ARG A 299 -23.13 16.05 -7.74
N VAL A 300 -22.18 16.97 -7.73
CA VAL A 300 -20.84 16.80 -8.36
C VAL A 300 -20.06 15.79 -7.51
N ARG A 301 -20.07 15.99 -6.17
CA ARG A 301 -19.43 15.06 -5.20
C ARG A 301 -19.98 13.66 -5.45
N HIS A 302 -21.29 13.45 -5.77
CA HIS A 302 -21.84 12.09 -6.10
C HIS A 302 -21.23 11.57 -7.40
N VAL A 303 -21.18 12.40 -8.44
CA VAL A 303 -20.80 11.91 -9.80
C VAL A 303 -19.30 11.59 -9.82
N VAL A 304 -18.50 12.48 -9.24
CA VAL A 304 -17.04 12.21 -9.08
C VAL A 304 -16.81 10.90 -8.32
N THR A 305 -17.39 10.71 -7.15
CA THR A 305 -17.02 9.46 -6.36
C THR A 305 -17.62 8.26 -7.04
N GLU A 306 -18.79 8.41 -7.66
CA GLU A 306 -19.47 7.19 -8.26
C GLU A 306 -18.63 6.59 -9.42
N ILE A 307 -18.03 7.41 -10.27
CA ILE A 307 -17.25 6.90 -11.43
C ILE A 307 -16.08 6.03 -10.89
N GLU A 308 -15.41 6.47 -9.82
CA GLU A 308 -14.27 5.79 -9.18
C GLU A 308 -14.76 4.48 -8.58
N ARG A 309 -15.95 4.49 -7.96
CA ARG A 309 -16.53 3.24 -7.39
C ARG A 309 -16.74 2.22 -8.51
N VAL A 310 -17.06 2.62 -9.75
CA VAL A 310 -17.16 1.61 -10.84
C VAL A 310 -15.80 0.92 -11.07
N ARG A 311 -14.71 1.69 -11.28
CA ARG A 311 -13.33 1.14 -11.40
C ARG A 311 -13.02 0.28 -10.17
N SER A 312 -13.45 0.68 -8.97
CA SER A 312 -13.11 -0.06 -7.71
C SER A 312 -13.91 -1.34 -7.62
N PHE A 313 -15.16 -1.30 -8.12
CA PHE A 313 -16.01 -2.50 -8.12
C PHE A 313 -15.45 -3.53 -9.09
N VAL A 314 -15.02 -3.09 -10.27
CA VAL A 314 -14.54 -4.02 -11.34
C VAL A 314 -13.34 -4.81 -10.78
N ARG A 315 -12.47 -4.15 -10.03
CA ARG A 315 -11.28 -4.78 -9.38
C ARG A 315 -11.75 -5.75 -8.30
N ALA A 316 -12.62 -5.27 -7.43
CA ALA A 316 -13.04 -6.05 -6.24
C ALA A 316 -13.66 -7.38 -6.67
N PHE A 317 -14.63 -7.35 -7.60
CA PHE A 317 -15.32 -8.56 -8.10
C PHE A 317 -14.33 -9.50 -8.78
N ALA A 318 -13.44 -9.00 -9.63
CA ALA A 318 -12.43 -9.89 -10.31
C ALA A 318 -11.48 -10.50 -9.27
N GLN A 319 -11.31 -9.88 -8.10
CA GLN A 319 -10.39 -10.44 -7.07
C GLN A 319 -11.16 -11.44 -6.16
N GLY A 320 -12.47 -11.61 -6.34
CA GLY A 320 -13.31 -12.43 -5.45
C GLY A 320 -13.49 -11.79 -4.06
N ASP A 321 -13.36 -10.48 -3.98
CA ASP A 321 -13.44 -9.71 -2.70
C ASP A 321 -14.86 -9.17 -2.58
N ILE A 322 -15.75 -10.07 -2.15
CA ILE A 322 -17.21 -9.86 -2.21
C ILE A 322 -17.55 -8.92 -1.07
N LYS A 323 -16.77 -8.92 0.03
CA LYS A 323 -16.98 -7.92 1.11
C LYS A 323 -16.70 -6.52 0.53
N ALA A 324 -15.59 -6.36 -0.19
CA ALA A 324 -15.21 -5.05 -0.75
C ALA A 324 -16.27 -4.64 -1.81
N ALA A 325 -16.73 -5.57 -2.63
CA ALA A 325 -17.77 -5.30 -3.65
C ALA A 325 -19.07 -4.80 -3.00
N GLY A 326 -19.47 -5.47 -1.90
CA GLY A 326 -20.67 -5.12 -1.11
C GLY A 326 -20.51 -3.73 -0.53
N ARG A 327 -19.31 -3.37 -0.06
CA ARG A 327 -19.13 -2.04 0.56
C ARG A 327 -19.30 -0.99 -0.54
N LEU A 328 -18.89 -1.32 -1.76
CA LEU A 328 -18.98 -0.36 -2.90
C LEU A 328 -20.44 -0.14 -3.29
N PHE A 329 -21.26 -1.21 -3.30
CA PHE A 329 -22.74 -1.12 -3.43
C PHE A 329 -23.25 -0.17 -2.33
N ASN A 330 -22.87 -0.42 -1.07
CA ASN A 330 -23.37 0.38 0.07
C ASN A 330 -23.02 1.86 -0.12
N ALA A 331 -21.80 2.13 -0.54
CA ALA A 331 -21.32 3.52 -0.71
C ALA A 331 -22.10 4.23 -1.86
N SER A 332 -22.35 3.53 -2.97
CA SER A 332 -23.16 4.04 -4.11
C SER A 332 -24.56 4.40 -3.61
N HIS A 333 -25.25 3.51 -2.91
N HIS A 333 -25.20 3.50 -2.86
CA HIS A 333 -26.58 3.87 -2.37
CA HIS A 333 -26.57 3.72 -2.30
C HIS A 333 -26.44 5.13 -1.52
C HIS A 333 -26.58 4.95 -1.38
N ASP A 334 -25.57 5.06 -0.52
CA ASP A 334 -25.49 6.11 0.51
C ASP A 334 -25.31 7.44 -0.19
N SER A 335 -24.53 7.43 -1.27
CA SER A 335 -24.28 8.61 -2.11
C SER A 335 -25.58 8.98 -2.83
N LEU A 336 -26.32 7.99 -3.31
CA LEU A 336 -27.55 8.36 -4.06
C LEU A 336 -28.55 9.05 -3.11
N ALA A 337 -28.58 8.63 -1.84
CA ALA A 337 -29.52 9.13 -0.81
C ALA A 337 -29.12 10.54 -0.35
N ALA A 338 -27.87 10.76 0.03
CA ALA A 338 -27.42 11.97 0.76
C ALA A 338 -27.05 13.07 -0.24
N ASP A 339 -26.25 12.70 -1.23
CA ASP A 339 -25.61 13.71 -2.13
C ASP A 339 -26.52 13.91 -3.36
N TYR A 340 -27.02 12.84 -4.00
CA TYR A 340 -27.84 12.95 -5.25
C TYR A 340 -29.31 13.17 -4.92
N GLU A 341 -29.75 12.73 -3.72
CA GLU A 341 -31.14 12.87 -3.23
C GLU A 341 -32.12 12.34 -4.28
N VAL A 342 -31.92 11.12 -4.74
CA VAL A 342 -32.92 10.40 -5.60
C VAL A 342 -33.50 9.18 -4.89
N THR A 343 -33.33 8.98 -3.58
CA THR A 343 -34.03 7.82 -2.94
C THR A 343 -35.35 8.26 -2.31
N VAL A 344 -36.14 7.25 -1.90
CA VAL A 344 -37.45 7.38 -1.19
C VAL A 344 -37.41 6.41 -0.01
N PRO A 345 -38.24 6.61 1.05
CA PRO A 345 -38.29 5.69 2.17
C PRO A 345 -38.27 4.21 1.79
N GLU A 346 -39.09 3.79 0.80
CA GLU A 346 -39.19 2.37 0.38
C GLU A 346 -37.81 1.81 -0.01
N LEU A 347 -37.04 2.53 -0.81
CA LEU A 347 -35.67 2.13 -1.23
C LEU A 347 -34.76 2.11 0.02
N ASP A 348 -34.72 3.17 0.83
CA ASP A 348 -33.82 3.23 2.00
C ASP A 348 -34.12 2.07 2.96
N ILE A 349 -35.39 1.75 3.21
CA ILE A 349 -35.80 0.77 4.25
C ILE A 349 -35.49 -0.63 3.71
N ALA A 350 -35.75 -0.90 2.42
CA ALA A 350 -35.43 -2.18 1.77
C ALA A 350 -33.93 -2.43 1.91
N VAL A 351 -33.12 -1.43 1.56
CA VAL A 351 -31.64 -1.53 1.70
C VAL A 351 -31.26 -1.82 3.15
N ASP A 352 -31.82 -1.10 4.12
CA ASP A 352 -31.45 -1.24 5.55
C ASP A 352 -31.77 -2.68 6.01
N VAL A 353 -32.89 -3.24 5.57
CA VAL A 353 -33.30 -4.62 5.94
C VAL A 353 -32.28 -5.64 5.38
N ALA A 354 -31.95 -5.53 4.11
CA ALA A 354 -30.87 -6.31 3.44
C ALA A 354 -29.57 -6.17 4.24
N ARG A 355 -29.18 -4.95 4.62
CA ARG A 355 -27.89 -4.69 5.34
C ARG A 355 -27.89 -5.49 6.65
N LYS A 356 -29.00 -5.45 7.38
CA LYS A 356 -29.07 -5.93 8.78
C LYS A 356 -29.29 -7.44 8.79
N ASN A 357 -29.44 -8.06 7.62
CA ASN A 357 -29.78 -9.50 7.51
C ASN A 357 -28.79 -10.23 6.60
N GLY A 358 -27.57 -9.70 6.45
CA GLY A 358 -26.34 -10.41 6.03
C GLY A 358 -25.96 -10.25 4.55
N ALA A 359 -26.55 -9.27 3.87
CA ALA A 359 -26.12 -8.80 2.53
C ALA A 359 -24.70 -8.23 2.61
N TYR A 360 -23.87 -8.59 1.65
CA TYR A 360 -22.53 -8.01 1.48
C TYR A 360 -22.69 -6.54 1.16
N GLY A 361 -23.78 -6.22 0.46
CA GLY A 361 -24.15 -4.82 0.20
C GLY A 361 -25.47 -4.77 -0.58
N ALA A 362 -26.08 -3.60 -0.58
CA ALA A 362 -27.42 -3.36 -1.16
C ALA A 362 -27.52 -1.89 -1.58
N ARG A 363 -28.28 -1.64 -2.65
CA ARG A 363 -28.41 -0.31 -3.26
C ARG A 363 -29.65 -0.23 -4.14
N MET A 364 -30.27 0.95 -4.22
CA MET A 364 -31.26 1.25 -5.31
C MET A 364 -30.53 1.02 -6.65
N THR A 365 -31.21 0.47 -7.66
CA THR A 365 -30.68 0.48 -9.05
C THR A 365 -31.55 1.38 -9.95
N GLY A 366 -30.93 1.94 -11.00
CA GLY A 366 -31.49 2.82 -12.04
C GLY A 366 -31.77 4.21 -11.53
N GLY A 367 -32.86 4.84 -12.00
CA GLY A 367 -33.03 6.29 -11.86
C GLY A 367 -33.24 6.75 -10.42
N GLY A 368 -34.00 5.99 -9.64
CA GLY A 368 -34.45 6.31 -8.27
C GLY A 368 -35.92 6.70 -8.23
N PHE A 369 -36.26 7.46 -7.20
CA PHE A 369 -37.60 8.06 -6.94
C PHE A 369 -38.62 6.95 -6.81
N GLY A 370 -38.18 5.78 -6.39
CA GLY A 370 -38.96 4.53 -6.40
C GLY A 370 -38.18 3.48 -7.15
N GLY A 371 -38.88 2.43 -7.60
CA GLY A 371 -38.31 1.30 -8.35
C GLY A 371 -37.66 0.28 -7.42
N SER A 372 -36.52 -0.28 -7.83
CA SER A 372 -35.98 -1.54 -7.29
C SER A 372 -34.69 -1.27 -6.51
N ILE A 373 -34.42 -2.17 -5.56
CA ILE A 373 -33.09 -2.32 -4.86
C ILE A 373 -32.44 -3.59 -5.35
N ILE A 374 -31.09 -3.68 -5.19
CA ILE A 374 -30.32 -4.88 -5.53
C ILE A 374 -29.43 -5.21 -4.33
N ALA A 375 -29.15 -6.50 -4.10
CA ALA A 375 -28.35 -6.95 -2.95
C ALA A 375 -27.47 -8.10 -3.38
N LEU A 376 -26.17 -8.00 -3.14
CA LEU A 376 -25.22 -9.16 -3.22
C LEU A 376 -25.41 -9.92 -1.92
N VAL A 377 -25.95 -11.14 -1.97
CA VAL A 377 -26.25 -11.99 -0.78
C VAL A 377 -25.68 -13.38 -1.06
N ASP A 378 -25.55 -14.23 -0.04
CA ASP A 378 -25.08 -15.63 -0.21
C ASP A 378 -26.18 -16.44 -0.89
N LYS A 379 -25.77 -17.34 -1.76
CA LYS A 379 -26.65 -18.27 -2.49
C LYS A 379 -27.56 -18.88 -1.43
N GLY A 380 -28.86 -18.90 -1.67
CA GLY A 380 -29.84 -19.56 -0.79
C GLY A 380 -30.47 -18.60 0.21
N GLN A 381 -30.07 -17.31 0.23
CA GLN A 381 -30.57 -16.27 1.18
C GLN A 381 -31.53 -15.26 0.55
N GLY A 382 -31.66 -15.25 -0.77
CA GLY A 382 -32.56 -14.30 -1.47
C GLY A 382 -33.98 -14.36 -0.96
N HIS A 383 -34.57 -15.56 -0.85
CA HIS A 383 -35.98 -15.66 -0.40
C HIS A 383 -36.16 -15.06 0.99
N GLU A 384 -35.23 -15.36 1.92
CA GLU A 384 -35.33 -14.97 3.35
C GLU A 384 -35.29 -13.45 3.42
N ILE A 385 -34.35 -12.79 2.74
CA ILE A 385 -34.20 -11.30 2.80
C ILE A 385 -35.43 -10.64 2.13
N ALA A 386 -35.86 -11.13 0.97
CA ALA A 386 -37.10 -10.64 0.29
C ALA A 386 -38.28 -10.68 1.27
N GLN A 387 -38.45 -11.80 1.99
CA GLN A 387 -39.61 -11.98 2.91
C GLN A 387 -39.45 -11.01 4.09
N LYS A 388 -38.20 -10.84 4.58
CA LYS A 388 -37.94 -9.81 5.65
C LYS A 388 -38.29 -8.43 5.10
N ILE A 389 -37.98 -8.13 3.85
CA ILE A 389 -38.32 -6.77 3.32
C ILE A 389 -39.84 -6.60 3.28
N ALA A 390 -40.54 -7.60 2.76
CA ALA A 390 -42.03 -7.64 2.69
C ALA A 390 -42.64 -7.40 4.08
N ASP A 391 -42.11 -8.06 5.14
CA ASP A 391 -42.73 -7.97 6.48
C ASP A 391 -42.56 -6.53 6.99
N ARG A 392 -41.38 -5.96 6.75
CA ARG A 392 -41.09 -4.58 7.19
C ARG A 392 -42.06 -3.65 6.45
N PHE A 393 -42.20 -3.88 5.15
CA PHE A 393 -43.06 -3.09 4.24
C PHE A 393 -44.49 -3.08 4.84
N GLU A 394 -45.00 -4.24 5.30
CA GLU A 394 -46.39 -4.27 5.83
C GLU A 394 -46.46 -3.48 7.15
N LYS A 395 -45.51 -3.70 8.08
CA LYS A 395 -45.36 -2.93 9.34
C LYS A 395 -45.32 -1.41 9.03
N GLU A 396 -44.65 -0.99 7.94
CA GLU A 396 -44.53 0.44 7.54
C GLU A 396 -45.83 1.01 6.94
N GLY A 397 -46.79 0.16 6.53
CA GLY A 397 -47.95 0.57 5.71
C GLY A 397 -47.53 0.91 4.29
N PHE A 398 -46.54 0.21 3.74
CA PHE A 398 -46.14 0.36 2.31
C PHE A 398 -46.88 -0.70 1.50
N ASN A 399 -47.03 -0.45 0.19
CA ASN A 399 -47.53 -1.43 -0.81
C ASN A 399 -46.58 -2.66 -0.72
N ALA A 400 -47.05 -3.89 -0.97
CA ALA A 400 -46.17 -5.08 -0.94
C ALA A 400 -45.12 -4.93 -2.02
N PRO A 401 -43.87 -5.38 -1.76
CA PRO A 401 -42.87 -5.51 -2.81
C PRO A 401 -43.01 -6.87 -3.50
N ARG A 402 -42.23 -7.04 -4.57
CA ARG A 402 -42.09 -8.29 -5.35
C ARG A 402 -40.63 -8.41 -5.75
N ALA A 403 -40.15 -9.63 -5.89
CA ALA A 403 -38.74 -9.93 -6.14
C ALA A 403 -38.61 -10.65 -7.48
N LEU A 404 -37.42 -10.60 -8.08
CA LEU A 404 -37.10 -11.20 -9.38
C LEU A 404 -35.85 -12.03 -9.25
N PRO A 405 -35.81 -13.25 -9.84
CA PRO A 405 -34.53 -13.94 -9.99
C PRO A 405 -33.69 -13.00 -10.89
N ALA A 406 -32.39 -13.01 -10.71
CA ALA A 406 -31.49 -12.14 -11.51
C ALA A 406 -30.12 -12.77 -11.62
N PHE A 407 -29.53 -12.63 -12.79
CA PHE A 407 -28.20 -13.15 -13.16
C PHE A 407 -27.89 -12.50 -14.50
N ALA A 408 -26.63 -12.57 -14.93
CA ALA A 408 -26.22 -11.87 -16.16
C ALA A 408 -26.69 -12.73 -17.33
N ALA A 409 -27.66 -12.22 -18.09
CA ALA A 409 -28.27 -12.99 -19.22
C ALA A 409 -27.93 -12.35 -20.57
N ALA A 410 -28.38 -12.93 -21.68
CA ALA A 410 -28.13 -12.49 -23.07
C ALA A 410 -28.88 -11.19 -23.39
N SER A 411 -28.35 -10.46 -24.38
CA SER A 411 -28.91 -9.19 -24.88
C SER A 411 -30.04 -9.48 -25.85
N ALA A 412 -30.50 -8.46 -26.59
CA ALA A 412 -31.61 -8.59 -27.57
C ALA A 412 -31.23 -9.63 -28.62
N SER A 413 -32.22 -10.40 -29.13
CA SER A 413 -32.04 -11.32 -30.27
C SER A 413 -33.40 -11.57 -30.94
N ARG A 414 -33.36 -12.20 -32.11
CA ARG A 414 -34.54 -12.80 -32.77
C ARG A 414 -34.74 -14.12 -32.06
N GLU A 415 -35.99 -14.40 -31.72
CA GLU A 415 -36.50 -15.61 -31.03
C GLU A 415 -37.14 -16.56 -32.05
N ALA A 416 -37.72 -16.03 -33.15
CA ALA A 416 -38.49 -16.83 -34.13
C ALA A 416 -38.58 -16.14 -35.50
N LYS A 417 -38.43 -16.91 -36.58
CA LYS A 417 -38.44 -16.46 -38.01
C LYS A 417 -39.68 -16.98 -38.74
N LEU A 418 -40.02 -18.27 -38.61
CA LEU A 418 -41.27 -18.85 -39.21
C LEU A 418 -41.91 -19.81 -38.20
N MET B 1 33.90 -25.01 -36.36
CA MET B 1 33.54 -26.28 -37.06
C MET B 1 32.07 -26.21 -37.49
N THR B 2 31.84 -25.73 -38.72
N THR B 2 31.84 -25.73 -38.72
CA THR B 2 30.53 -25.65 -39.43
CA THR B 2 30.53 -25.66 -39.42
C THR B 2 29.79 -24.38 -39.00
C THR B 2 29.79 -24.38 -39.00
N ALA B 3 29.64 -23.44 -39.94
CA ALA B 3 28.95 -22.14 -39.74
C ALA B 3 27.59 -22.41 -39.08
N VAL B 4 27.26 -21.54 -38.12
CA VAL B 4 25.93 -21.48 -37.45
C VAL B 4 24.89 -21.00 -38.47
N GLU B 5 23.76 -21.70 -38.58
CA GLU B 5 22.62 -21.33 -39.46
C GLU B 5 21.92 -20.09 -38.83
N PHE B 6 21.61 -19.09 -39.66
CA PHE B 6 20.63 -18.02 -39.33
C PHE B 6 19.35 -18.28 -40.13
N ILE B 7 18.18 -18.06 -39.51
CA ILE B 7 16.86 -18.17 -40.21
C ILE B 7 16.46 -16.73 -40.49
N GLU B 8 16.71 -16.29 -41.71
CA GLU B 8 16.28 -14.94 -42.16
C GLU B 8 14.76 -14.90 -42.23
N PRO B 9 14.13 -13.78 -41.80
CA PRO B 9 12.68 -13.61 -41.96
C PRO B 9 12.25 -13.58 -43.44
N LEU B 10 11.17 -14.28 -43.81
CA LEU B 10 10.49 -14.15 -45.13
C LEU B 10 10.13 -12.68 -45.29
N THR B 11 10.49 -12.03 -46.39
CA THR B 11 10.02 -10.66 -46.73
C THR B 11 8.50 -10.72 -46.99
N HIS B 12 7.82 -9.56 -46.97
CA HIS B 12 6.44 -9.38 -47.48
C HIS B 12 6.27 -10.12 -48.83
N GLU B 13 7.11 -9.81 -49.81
CA GLU B 13 7.08 -10.39 -51.17
C GLU B 13 7.15 -11.93 -51.14
N GLU B 14 8.09 -12.51 -50.41
CA GLU B 14 8.32 -13.98 -50.39
C GLU B 14 7.13 -14.68 -49.70
N GLY B 15 6.63 -14.08 -48.62
CA GLY B 15 5.56 -14.72 -47.84
C GLY B 15 4.27 -14.70 -48.63
N VAL B 16 3.98 -13.57 -49.28
CA VAL B 16 2.75 -13.51 -50.14
C VAL B 16 2.96 -14.46 -51.32
N SER B 17 4.14 -14.43 -51.94
CA SER B 17 4.44 -15.28 -53.14
C SER B 17 4.21 -16.77 -52.82
N GLN B 18 4.77 -17.27 -51.72
CA GLN B 18 4.87 -18.72 -51.39
C GLN B 18 3.52 -19.23 -50.88
N ALA B 19 2.84 -18.45 -50.05
CA ALA B 19 1.48 -18.74 -49.53
C ALA B 19 0.52 -18.83 -50.72
N THR B 20 0.67 -17.94 -51.70
CA THR B 20 -0.26 -17.78 -52.83
C THR B 20 0.00 -18.98 -53.71
N LYS B 21 1.26 -19.27 -54.00
CA LYS B 21 1.65 -20.48 -54.79
C LYS B 21 1.06 -21.75 -54.16
N LEU B 22 1.30 -21.96 -52.87
CA LEU B 22 0.78 -23.17 -52.18
C LEU B 22 -0.74 -23.25 -52.33
N PHE B 23 -1.44 -22.14 -52.11
CA PHE B 23 -2.92 -22.08 -52.23
C PHE B 23 -3.35 -22.52 -53.63
N VAL B 24 -2.79 -21.87 -54.64
CA VAL B 24 -3.17 -22.08 -56.06
C VAL B 24 -2.91 -23.53 -56.40
N ASP B 25 -1.71 -24.04 -56.09
CA ASP B 25 -1.30 -25.44 -56.37
C ASP B 25 -2.30 -26.38 -55.65
N THR B 26 -2.78 -26.07 -54.45
CA THR B 26 -3.55 -27.05 -53.62
C THR B 26 -5.03 -27.08 -54.06
N TYR B 27 -5.63 -25.91 -54.25
CA TYR B 27 -7.10 -25.78 -54.41
C TYR B 27 -7.47 -25.25 -55.80
N GLY B 28 -6.51 -24.76 -56.60
CA GLY B 28 -6.62 -24.53 -58.06
C GLY B 28 -7.26 -23.20 -58.40
N ALA B 29 -6.97 -22.17 -57.62
CA ALA B 29 -7.75 -20.92 -57.55
C ALA B 29 -7.00 -19.89 -56.72
N ALA B 30 -7.21 -18.61 -57.01
CA ALA B 30 -6.56 -17.52 -56.25
C ALA B 30 -7.22 -17.36 -54.88
N PRO B 31 -6.45 -17.04 -53.81
CA PRO B 31 -7.05 -16.79 -52.51
C PRO B 31 -7.73 -15.42 -52.55
N GLU B 32 -8.64 -15.21 -51.60
CA GLU B 32 -9.27 -13.89 -51.37
C GLU B 32 -8.17 -12.93 -50.91
N GLY B 33 -7.23 -13.40 -50.11
CA GLY B 33 -6.13 -12.51 -49.65
C GLY B 33 -5.05 -13.29 -48.95
N VAL B 34 -3.98 -12.57 -48.57
CA VAL B 34 -2.91 -13.06 -47.66
C VAL B 34 -2.86 -12.15 -46.45
N TRP B 35 -2.81 -12.77 -45.26
CA TRP B 35 -2.59 -12.08 -43.98
C TRP B 35 -1.33 -12.69 -43.36
N ALA B 36 -0.87 -12.17 -42.26
CA ALA B 36 0.29 -12.79 -41.60
C ALA B 36 0.34 -12.33 -40.15
N ALA B 37 0.88 -13.19 -39.26
CA ALA B 37 1.06 -12.88 -37.82
C ALA B 37 2.45 -13.34 -37.42
N PRO B 38 3.15 -12.52 -36.58
CA PRO B 38 4.51 -12.80 -36.13
C PRO B 38 4.59 -13.82 -34.98
N GLY B 39 5.73 -14.52 -34.93
CA GLY B 39 6.30 -15.07 -33.69
C GLY B 39 6.69 -13.95 -32.74
N ARG B 40 7.18 -14.35 -31.56
CA ARG B 40 7.47 -13.39 -30.50
C ARG B 40 8.65 -13.85 -29.66
N VAL B 41 9.32 -12.89 -29.05
CA VAL B 41 10.19 -13.20 -27.87
C VAL B 41 9.70 -12.37 -26.69
N ASN B 42 9.65 -13.03 -25.53
CA ASN B 42 9.33 -12.34 -24.25
C ASN B 42 10.66 -11.77 -23.72
N LEU B 43 10.83 -10.45 -23.67
CA LEU B 43 12.06 -9.84 -23.10
C LEU B 43 12.24 -10.24 -21.63
N ILE B 44 11.17 -10.14 -20.84
CA ILE B 44 11.16 -10.50 -19.39
C ILE B 44 9.69 -10.75 -18.95
N GLY B 45 9.49 -11.34 -17.79
CA GLY B 45 8.20 -11.65 -17.18
C GLY B 45 7.71 -12.94 -17.70
N GLU B 46 8.47 -14.01 -17.38
CA GLU B 46 8.19 -15.37 -17.87
C GLU B 46 7.33 -16.01 -16.80
N HIS B 47 6.30 -16.74 -17.24
CA HIS B 47 5.39 -17.57 -16.38
C HIS B 47 4.70 -16.66 -15.37
N THR B 48 4.43 -15.42 -15.81
CA THR B 48 3.59 -14.44 -15.08
C THR B 48 2.21 -14.25 -15.75
N ASP B 49 2.04 -14.62 -17.03
CA ASP B 49 0.83 -14.21 -17.80
C ASP B 49 -0.38 -14.94 -17.22
N TYR B 50 -0.28 -16.24 -17.00
CA TYR B 50 -1.40 -16.95 -16.34
C TYR B 50 -1.50 -16.65 -14.85
N ASN B 51 -0.64 -15.78 -14.25
CA ASN B 51 -0.68 -15.40 -12.81
C ASN B 51 -1.15 -13.93 -12.72
N ALA B 52 -1.79 -13.46 -13.80
CA ALA B 52 -2.29 -12.07 -13.89
C ALA B 52 -1.14 -11.09 -13.69
N GLY B 53 0.04 -11.45 -14.16
CA GLY B 53 1.29 -10.74 -13.86
C GLY B 53 1.61 -9.73 -14.96
N LEU B 54 2.84 -9.24 -15.02
CA LEU B 54 3.36 -8.35 -16.08
C LEU B 54 4.35 -9.11 -16.95
N CYS B 55 4.28 -8.82 -18.26
N CYS B 55 4.43 -8.69 -18.21
CA CYS B 55 5.11 -9.37 -19.38
CA CYS B 55 5.32 -9.28 -19.23
C CYS B 55 5.52 -8.25 -20.33
C CYS B 55 5.53 -8.25 -20.34
N LEU B 56 6.54 -8.53 -21.15
CA LEU B 56 7.16 -7.50 -22.01
C LEU B 56 7.67 -8.14 -23.30
N PRO B 57 6.75 -8.62 -24.18
CA PRO B 57 7.18 -9.22 -25.42
C PRO B 57 7.39 -8.16 -26.52
N ILE B 58 8.12 -8.56 -27.54
CA ILE B 58 8.26 -7.88 -28.86
C ILE B 58 7.88 -8.87 -29.93
N ALA B 59 7.39 -8.39 -31.07
CA ALA B 59 7.11 -9.27 -32.22
C ALA B 59 8.39 -9.39 -33.03
N LEU B 60 8.65 -10.61 -33.49
CA LEU B 60 9.75 -10.91 -34.41
C LEU B 60 9.33 -10.53 -35.84
N PRO B 61 10.33 -10.26 -36.70
CA PRO B 61 10.07 -10.02 -38.12
C PRO B 61 9.58 -11.33 -38.77
N HIS B 62 9.87 -12.49 -38.14
CA HIS B 62 9.48 -13.84 -38.62
C HIS B 62 7.95 -13.94 -38.51
N ARG B 63 7.29 -14.45 -39.54
CA ARG B 63 5.80 -14.46 -39.60
C ARG B 63 5.27 -15.72 -40.27
N THR B 64 4.05 -16.11 -39.92
N THR B 64 4.08 -16.13 -39.85
CA THR B 64 3.31 -17.22 -40.60
CA THR B 64 3.26 -17.14 -40.57
C THR B 64 2.27 -16.58 -41.52
C THR B 64 2.42 -16.34 -41.56
N PHE B 65 2.47 -16.72 -42.84
CA PHE B 65 1.61 -16.14 -43.89
C PHE B 65 0.45 -17.12 -44.15
N ILE B 66 -0.79 -16.61 -44.22
CA ILE B 66 -1.99 -17.49 -44.47
C ILE B 66 -2.66 -16.98 -45.74
N ALA B 67 -2.74 -17.79 -46.79
CA ALA B 67 -3.61 -17.52 -47.94
C ALA B 67 -4.94 -18.19 -47.65
N LEU B 68 -6.02 -17.40 -47.66
CA LEU B 68 -7.37 -17.88 -47.22
C LEU B 68 -8.45 -17.42 -48.21
N LYS B 69 -9.48 -18.22 -48.36
CA LYS B 69 -10.69 -17.88 -49.14
C LYS B 69 -11.89 -18.46 -48.39
N PRO B 70 -12.94 -17.67 -48.08
CA PRO B 70 -14.06 -18.21 -47.32
C PRO B 70 -14.82 -19.20 -48.24
N ARG B 71 -15.56 -20.16 -47.66
CA ARG B 71 -16.48 -21.07 -48.40
C ARG B 71 -17.90 -20.86 -47.88
N GLU B 72 -18.92 -21.06 -48.71
N GLU B 72 -18.87 -21.05 -48.76
CA GLU B 72 -20.32 -20.77 -48.30
CA GLU B 72 -20.30 -20.85 -48.46
C GLU B 72 -20.92 -22.01 -47.63
C GLU B 72 -20.70 -21.88 -47.38
N ASP B 73 -20.12 -23.08 -47.47
CA ASP B 73 -20.40 -24.20 -46.53
C ASP B 73 -19.48 -24.15 -45.30
N THR B 74 -19.58 -25.18 -44.44
CA THR B 74 -18.93 -25.27 -43.10
C THR B 74 -17.66 -26.11 -43.17
N LYS B 75 -17.11 -26.35 -44.38
CA LYS B 75 -15.87 -27.16 -44.55
C LYS B 75 -14.65 -26.25 -44.28
N VAL B 76 -13.64 -26.78 -43.61
CA VAL B 76 -12.32 -26.12 -43.44
C VAL B 76 -11.25 -27.01 -44.07
N ARG B 77 -10.53 -26.49 -45.04
CA ARG B 77 -9.40 -27.27 -45.61
C ARG B 77 -8.14 -26.43 -45.38
N VAL B 78 -7.10 -27.05 -44.82
CA VAL B 78 -5.81 -26.38 -44.47
C VAL B 78 -4.66 -27.27 -44.96
N VAL B 79 -3.68 -26.65 -45.58
CA VAL B 79 -2.41 -27.31 -46.03
C VAL B 79 -1.27 -26.49 -45.43
N SER B 80 -0.18 -27.15 -44.99
CA SER B 80 1.05 -26.48 -44.50
C SER B 80 2.21 -26.78 -45.45
N GLY B 81 3.03 -25.75 -45.69
CA GLY B 81 4.29 -25.77 -46.48
C GLY B 81 5.43 -26.35 -45.68
N VAL B 82 5.13 -26.93 -44.50
CA VAL B 82 5.96 -28.04 -43.93
C VAL B 82 5.73 -29.32 -44.73
N ALA B 83 4.47 -29.56 -45.18
CA ALA B 83 3.95 -30.86 -45.72
C ALA B 83 2.96 -30.58 -46.85
N PRO B 84 3.45 -30.18 -48.04
CA PRO B 84 2.57 -29.66 -49.09
C PRO B 84 1.54 -30.66 -49.64
N ASP B 85 1.79 -31.96 -49.51
CA ASP B 85 0.98 -33.05 -50.14
C ASP B 85 -0.10 -33.57 -49.19
N LYS B 86 -0.31 -32.91 -48.03
CA LYS B 86 -1.36 -33.23 -47.02
C LYS B 86 -2.21 -31.98 -46.74
N VAL B 87 -3.43 -31.97 -47.25
CA VAL B 87 -4.43 -30.98 -46.79
C VAL B 87 -5.20 -31.71 -45.69
N ALA B 88 -5.48 -31.11 -44.53
CA ALA B 88 -6.35 -31.78 -43.53
C ALA B 88 -7.78 -31.21 -43.66
N GLU B 89 -8.84 -31.98 -43.39
CA GLU B 89 -10.25 -31.57 -43.65
C GLU B 89 -11.05 -31.76 -42.37
N ALA B 90 -11.88 -30.77 -42.04
CA ALA B 90 -12.75 -30.70 -40.85
C ALA B 90 -14.08 -30.09 -41.27
N ASP B 91 -15.15 -30.34 -40.51
CA ASP B 91 -16.44 -29.64 -40.66
C ASP B 91 -16.75 -28.94 -39.33
N LEU B 92 -17.14 -27.67 -39.39
CA LEU B 92 -17.50 -26.84 -38.21
C LEU B 92 -18.90 -27.14 -37.73
N ASP B 93 -19.70 -27.82 -38.57
CA ASP B 93 -21.11 -28.07 -38.21
C ASP B 93 -21.19 -29.14 -37.11
N GLY B 94 -21.65 -28.69 -35.92
CA GLY B 94 -21.67 -29.38 -34.61
C GLY B 94 -20.29 -29.81 -34.10
N LEU B 95 -19.22 -29.18 -34.57
CA LEU B 95 -17.85 -29.52 -34.12
C LEU B 95 -17.74 -29.31 -32.61
N LYS B 96 -17.14 -30.24 -31.85
CA LYS B 96 -16.96 -30.04 -30.38
C LYS B 96 -15.47 -29.92 -30.02
N ALA B 97 -15.19 -29.26 -28.88
CA ALA B 97 -13.84 -29.18 -28.27
C ALA B 97 -13.15 -30.55 -28.40
N ARG B 98 -11.91 -30.57 -28.88
CA ARG B 98 -11.02 -31.77 -29.02
C ARG B 98 -11.47 -32.62 -30.24
N GLY B 99 -12.34 -32.06 -31.09
CA GLY B 99 -12.94 -32.75 -32.26
C GLY B 99 -12.09 -32.61 -33.50
N VAL B 100 -10.86 -32.14 -33.38
CA VAL B 100 -9.88 -32.08 -34.50
C VAL B 100 -8.50 -32.46 -33.93
N ASP B 101 -7.90 -33.53 -34.46
CA ASP B 101 -6.57 -34.06 -34.06
C ASP B 101 -5.46 -33.37 -34.86
N GLY B 102 -4.33 -33.08 -34.20
CA GLY B 102 -3.13 -32.57 -34.88
C GLY B 102 -3.23 -31.10 -35.25
N TRP B 103 -2.30 -30.66 -36.12
CA TRP B 103 -1.98 -29.23 -36.33
C TRP B 103 -3.20 -28.49 -36.91
N SER B 104 -4.03 -29.17 -37.70
CA SER B 104 -5.29 -28.66 -38.29
C SER B 104 -6.28 -28.19 -37.20
N ALA B 105 -6.20 -28.64 -35.93
CA ALA B 105 -6.98 -28.10 -34.78
C ALA B 105 -6.79 -26.58 -34.58
N TYR B 106 -5.62 -26.02 -34.82
CA TYR B 106 -5.32 -24.59 -34.50
C TYR B 106 -6.05 -23.59 -35.44
N PRO B 107 -5.86 -23.54 -36.78
CA PRO B 107 -6.75 -22.75 -37.65
C PRO B 107 -8.23 -23.20 -37.56
N THR B 108 -8.57 -24.47 -37.57
CA THR B 108 -10.03 -24.83 -37.48
C THR B 108 -10.61 -24.25 -36.18
N GLY B 109 -9.84 -24.24 -35.09
CA GLY B 109 -10.34 -23.82 -33.78
C GLY B 109 -10.62 -22.35 -33.69
N VAL B 110 -9.96 -21.49 -34.48
CA VAL B 110 -10.25 -20.04 -34.48
C VAL B 110 -11.69 -19.88 -35.03
N ALA B 111 -12.08 -20.55 -36.14
CA ALA B 111 -13.43 -20.42 -36.72
C ALA B 111 -14.50 -21.01 -35.79
N TRP B 112 -14.23 -22.17 -35.19
CA TRP B 112 -15.10 -22.76 -34.13
C TRP B 112 -15.32 -21.77 -32.98
N ALA B 113 -14.25 -21.16 -32.48
CA ALA B 113 -14.29 -20.24 -31.32
C ALA B 113 -15.02 -18.95 -31.67
N LEU B 114 -14.93 -18.48 -32.90
CA LEU B 114 -15.64 -17.25 -33.32
C LEU B 114 -17.13 -17.56 -33.38
N ARG B 115 -17.48 -18.77 -33.84
CA ARG B 115 -18.90 -19.18 -33.93
C ARG B 115 -19.41 -19.30 -32.48
N GLN B 116 -18.57 -19.81 -31.56
CA GLN B 116 -18.96 -20.00 -30.14
C GLN B 116 -19.30 -18.64 -29.55
N ALA B 117 -18.54 -17.57 -29.86
CA ALA B 117 -18.69 -16.20 -29.33
C ALA B 117 -19.87 -15.47 -30.03
N GLY B 118 -20.49 -16.07 -31.04
CA GLY B 118 -21.78 -15.60 -31.59
C GLY B 118 -21.65 -15.03 -33.00
N PHE B 119 -20.48 -15.16 -33.63
CA PHE B 119 -20.21 -14.70 -35.01
C PHE B 119 -20.78 -15.74 -35.97
N ASP B 120 -22.11 -15.76 -36.13
CA ASP B 120 -22.83 -16.85 -36.87
C ASP B 120 -22.59 -16.69 -38.39
N LYS B 121 -22.00 -15.56 -38.86
CA LYS B 121 -21.55 -15.32 -40.28
C LYS B 121 -20.31 -16.14 -40.65
N VAL B 122 -19.40 -16.33 -39.70
CA VAL B 122 -18.18 -17.14 -39.95
C VAL B 122 -18.60 -18.55 -40.35
N LYS B 123 -18.27 -18.96 -41.58
CA LYS B 123 -18.46 -20.34 -42.10
C LYS B 123 -17.09 -20.96 -42.34
N GLY B 124 -17.01 -22.03 -43.13
CA GLY B 124 -15.76 -22.73 -43.46
C GLY B 124 -14.83 -21.90 -44.34
N PHE B 125 -13.76 -22.52 -44.76
CA PHE B 125 -12.66 -21.81 -45.46
C PHE B 125 -11.60 -22.83 -45.92
N ASP B 126 -10.94 -22.49 -47.03
CA ASP B 126 -9.74 -23.13 -47.56
C ASP B 126 -8.58 -22.18 -47.23
N ALA B 127 -7.48 -22.65 -46.62
CA ALA B 127 -6.28 -21.83 -46.36
C ALA B 127 -4.98 -22.60 -46.69
N ALA B 128 -3.91 -21.87 -47.04
CA ALA B 128 -2.54 -22.42 -47.07
C ALA B 128 -1.60 -21.55 -46.21
N PHE B 129 -0.72 -22.21 -45.51
CA PHE B 129 0.20 -21.63 -44.49
C PHE B 129 1.63 -21.82 -44.93
N VAL B 130 2.38 -20.71 -44.90
CA VAL B 130 3.87 -20.68 -45.07
C VAL B 130 4.46 -19.87 -43.91
N SER B 131 5.47 -20.40 -43.24
CA SER B 131 5.99 -19.84 -41.97
C SER B 131 7.51 -19.81 -41.99
N CYS B 132 8.08 -18.87 -41.25
CA CYS B 132 9.52 -18.85 -40.89
C CYS B 132 9.69 -18.68 -39.37
N VAL B 133 8.64 -18.97 -38.58
CA VAL B 133 8.64 -19.15 -37.09
C VAL B 133 8.94 -20.62 -36.84
N PRO B 134 10.17 -21.00 -36.45
CA PRO B 134 10.51 -22.42 -36.54
C PRO B 134 9.76 -23.24 -35.47
N LEU B 135 9.36 -24.46 -35.86
CA LEU B 135 8.54 -25.42 -35.05
C LEU B 135 9.37 -25.80 -33.82
N GLY B 136 8.79 -25.87 -32.60
CA GLY B 136 9.48 -26.31 -31.35
C GLY B 136 10.46 -25.30 -30.76
N SER B 137 10.52 -24.08 -31.28
CA SER B 137 11.53 -23.06 -30.96
C SER B 137 11.13 -22.22 -29.75
N GLY B 138 9.90 -22.35 -29.26
CA GLY B 138 9.41 -21.48 -28.19
C GLY B 138 9.23 -20.05 -28.66
N LEU B 139 9.09 -19.83 -29.97
CA LEU B 139 8.92 -18.44 -30.51
C LEU B 139 7.49 -18.21 -30.96
N SER B 140 6.62 -19.14 -30.55
N SER B 140 6.54 -18.92 -30.33
CA SER B 140 5.14 -19.12 -30.61
CA SER B 140 5.07 -19.00 -30.63
C SER B 140 4.59 -19.30 -32.01
C SER B 140 4.72 -19.21 -32.10
N SER B 141 5.01 -20.38 -32.67
CA SER B 141 4.51 -20.74 -34.01
C SER B 141 3.00 -20.98 -33.90
N SER B 142 2.54 -21.62 -32.81
CA SER B 142 1.10 -21.85 -32.55
C SER B 142 0.36 -20.50 -32.59
N ALA B 143 0.85 -19.44 -31.94
CA ALA B 143 0.10 -18.15 -31.89
C ALA B 143 0.21 -17.41 -33.23
N ALA B 144 1.34 -17.39 -33.93
CA ALA B 144 1.36 -16.83 -35.30
C ALA B 144 0.36 -17.59 -36.22
N MET B 145 0.12 -18.91 -36.02
CA MET B 145 -0.88 -19.67 -36.84
C MET B 145 -2.31 -19.27 -36.44
N THR B 146 -2.62 -19.26 -35.15
CA THR B 146 -4.00 -18.86 -34.69
C THR B 146 -4.33 -17.34 -34.93
N CYS B 147 -3.35 -16.46 -34.89
CA CYS B 147 -3.64 -15.00 -34.91
C CYS B 147 -3.75 -14.56 -36.37
N SER B 148 -3.03 -15.22 -37.28
CA SER B 148 -3.10 -14.95 -38.73
C SER B 148 -4.49 -15.43 -39.19
N THR B 149 -4.93 -16.60 -38.67
CA THR B 149 -6.25 -17.16 -39.01
C THR B 149 -7.35 -16.19 -38.51
N ALA B 150 -7.37 -15.84 -37.22
CA ALA B 150 -8.32 -14.84 -36.66
C ALA B 150 -8.37 -13.59 -37.54
N LEU B 151 -7.23 -12.97 -37.89
CA LEU B 151 -7.21 -11.71 -38.65
C LEU B 151 -7.83 -11.95 -40.02
N ALA B 152 -7.51 -13.09 -40.64
CA ALA B 152 -8.01 -13.46 -41.99
C ALA B 152 -9.53 -13.66 -41.95
N LEU B 153 -10.03 -14.49 -41.01
CA LEU B 153 -11.47 -14.73 -40.85
C LEU B 153 -12.22 -13.41 -40.58
N ASP B 154 -11.70 -12.57 -39.70
CA ASP B 154 -12.30 -11.25 -39.39
C ASP B 154 -12.50 -10.45 -40.68
N ASP B 155 -11.44 -10.38 -41.48
CA ASP B 155 -11.44 -9.56 -42.71
C ASP B 155 -12.50 -10.15 -43.66
N VAL B 156 -12.40 -11.41 -44.03
CA VAL B 156 -13.22 -11.94 -45.16
C VAL B 156 -14.70 -12.04 -44.74
N TYR B 157 -15.00 -12.28 -43.45
CA TYR B 157 -16.38 -12.40 -42.91
C TYR B 157 -16.84 -11.01 -42.42
N GLY B 158 -16.03 -9.97 -42.64
CA GLY B 158 -16.45 -8.57 -42.35
C GLY B 158 -16.88 -8.36 -40.90
N LEU B 159 -16.18 -8.88 -39.91
CA LEU B 159 -16.70 -8.83 -38.51
C LEU B 159 -16.35 -7.46 -37.91
N GLY B 160 -15.31 -6.81 -38.41
CA GLY B 160 -14.97 -5.43 -38.00
C GLY B 160 -14.00 -5.32 -36.79
N TYR B 161 -13.27 -6.37 -36.41
CA TYR B 161 -12.41 -6.34 -35.19
C TYR B 161 -10.93 -6.20 -35.53
N GLY B 162 -10.49 -6.40 -36.76
CA GLY B 162 -9.03 -6.44 -37.02
C GLY B 162 -8.33 -5.08 -37.12
N ASP B 163 -9.04 -3.96 -37.23
N ASP B 163 -9.18 -4.04 -37.10
CA ASP B 163 -8.35 -2.69 -37.58
CA ASP B 163 -8.92 -2.65 -37.56
C ASP B 163 -8.15 -1.84 -36.33
C ASP B 163 -8.45 -1.80 -36.38
N SER B 164 -8.56 -2.34 -35.16
CA SER B 164 -8.25 -1.64 -33.89
C SER B 164 -7.65 -2.58 -32.84
N ASP B 165 -6.86 -1.99 -31.92
CA ASP B 165 -6.24 -2.66 -30.74
C ASP B 165 -7.36 -3.26 -29.88
N ALA B 166 -8.38 -2.48 -29.55
CA ALA B 166 -9.58 -2.92 -28.79
C ALA B 166 -10.27 -4.11 -29.50
N GLY B 167 -10.47 -4.02 -30.81
CA GLY B 167 -11.16 -5.12 -31.55
C GLY B 167 -10.33 -6.35 -31.59
N ARG B 168 -9.01 -6.17 -31.65
CA ARG B 168 -8.15 -7.40 -31.77
C ARG B 168 -8.19 -8.23 -30.49
N VAL B 169 -8.59 -7.67 -29.36
CA VAL B 169 -8.70 -8.44 -28.08
C VAL B 169 -9.70 -9.57 -28.31
N THR B 170 -10.77 -9.27 -29.05
CA THR B 170 -11.78 -10.29 -29.37
C THR B 170 -11.11 -11.42 -30.17
N LEU B 171 -10.29 -11.11 -31.16
CA LEU B 171 -9.59 -12.07 -32.03
C LEU B 171 -8.58 -12.90 -31.22
N ILE B 172 -7.80 -12.24 -30.36
CA ILE B 172 -6.86 -12.86 -29.38
C ILE B 172 -7.65 -13.87 -28.56
N ASN B 173 -8.83 -13.51 -28.07
CA ASN B 173 -9.64 -14.41 -27.21
C ASN B 173 -9.92 -15.72 -28.01
N ALA B 174 -10.28 -15.59 -29.28
CA ALA B 174 -10.63 -16.72 -30.14
C ALA B 174 -9.42 -17.61 -30.34
N ALA B 175 -8.29 -16.99 -30.65
CA ALA B 175 -7.03 -17.70 -30.91
C ALA B 175 -6.68 -18.46 -29.63
N ILE B 176 -6.75 -17.82 -28.46
CA ILE B 176 -6.39 -18.46 -27.14
C ILE B 176 -7.28 -19.69 -26.91
N LYS B 177 -8.56 -19.52 -27.15
CA LYS B 177 -9.63 -20.53 -27.01
C LYS B 177 -9.35 -21.66 -27.98
N SER B 178 -9.02 -21.38 -29.26
CA SER B 178 -8.64 -22.45 -30.22
C SER B 178 -7.56 -23.33 -29.57
N GLU B 179 -6.49 -22.71 -29.11
CA GLU B 179 -5.29 -23.47 -28.63
C GLU B 179 -5.60 -24.23 -27.32
N ASN B 180 -6.16 -23.59 -26.30
CA ASN B 180 -6.52 -24.25 -25.02
C ASN B 180 -7.58 -25.33 -25.22
N GLU B 181 -8.67 -25.08 -25.98
CA GLU B 181 -9.90 -25.95 -25.95
C GLU B 181 -10.04 -26.83 -27.20
N MET B 182 -9.61 -26.40 -28.39
CA MET B 182 -9.74 -27.28 -29.59
C MET B 182 -8.51 -28.21 -29.69
N ALA B 183 -7.30 -27.62 -29.63
CA ALA B 183 -5.99 -28.33 -29.70
C ALA B 183 -5.65 -29.02 -28.37
N GLY B 184 -6.08 -28.46 -27.23
CA GLY B 184 -5.78 -29.03 -25.91
C GLY B 184 -4.34 -28.73 -25.47
N ALA B 185 -3.78 -27.60 -25.94
CA ALA B 185 -2.44 -27.09 -25.58
C ALA B 185 -2.61 -25.85 -24.67
N SER B 186 -2.25 -26.01 -23.41
CA SER B 186 -2.36 -24.97 -22.37
C SER B 186 -1.50 -23.74 -22.76
N THR B 187 -2.08 -22.52 -22.68
CA THR B 187 -1.44 -21.22 -23.00
C THR B 187 -2.11 -20.08 -22.21
N GLY B 188 -1.29 -19.12 -21.78
CA GLY B 188 -1.66 -18.07 -20.82
C GLY B 188 -2.25 -16.82 -21.47
N GLY B 189 -1.94 -16.53 -22.74
CA GLY B 189 -2.29 -15.22 -23.38
C GLY B 189 -1.11 -14.39 -23.87
N LEU B 190 0.08 -14.55 -23.31
CA LEU B 190 1.27 -13.71 -23.67
C LEU B 190 1.41 -13.62 -25.19
N ASP B 191 1.47 -14.78 -25.86
CA ASP B 191 1.97 -14.92 -27.25
C ASP B 191 0.99 -14.25 -28.20
N GLN B 192 -0.31 -14.47 -27.96
CA GLN B 192 -1.40 -13.99 -28.85
C GLN B 192 -1.48 -12.47 -28.73
N ASN B 193 -1.35 -11.93 -27.49
CA ASN B 193 -1.35 -10.44 -27.32
C ASN B 193 -0.14 -9.87 -28.08
N ALA B 194 1.07 -10.48 -27.97
CA ALA B 194 2.30 -9.99 -28.67
C ALA B 194 2.01 -9.98 -30.18
N SER B 195 1.53 -11.12 -30.70
CA SER B 195 1.30 -11.38 -32.13
C SER B 195 0.33 -10.34 -32.73
N MET B 196 -0.60 -9.86 -31.91
N MET B 196 -0.68 -9.90 -31.98
CA MET B 196 -1.75 -9.06 -32.37
CA MET B 196 -1.72 -8.98 -32.54
C MET B 196 -1.63 -7.59 -31.96
C MET B 196 -1.60 -7.55 -32.00
N ARG B 197 -0.89 -7.26 -30.91
CA ARG B 197 -0.89 -5.88 -30.33
C ARG B 197 0.49 -5.22 -30.21
N CYS B 198 1.60 -5.95 -30.40
CA CYS B 198 2.95 -5.31 -30.47
C CYS B 198 3.01 -4.27 -31.59
N THR B 199 3.96 -3.38 -31.51
CA THR B 199 4.16 -2.29 -32.50
C THR B 199 5.65 -2.16 -32.80
N GLU B 200 5.93 -1.75 -34.02
CA GLU B 200 7.29 -1.53 -34.57
C GLU B 200 8.09 -0.68 -33.56
N GLY B 201 9.26 -1.16 -33.16
CA GLY B 201 10.23 -0.38 -32.37
C GLY B 201 9.84 -0.28 -30.91
N HIS B 202 8.78 -0.97 -30.48
CA HIS B 202 8.35 -0.96 -29.06
C HIS B 202 8.22 -2.40 -28.51
N ALA B 203 8.35 -2.52 -27.19
CA ALA B 203 7.93 -3.71 -26.43
C ALA B 203 6.56 -3.45 -25.79
N LEU B 204 5.79 -4.51 -25.57
CA LEU B 204 4.39 -4.46 -25.09
C LEU B 204 4.42 -4.75 -23.61
N LEU B 205 4.32 -3.70 -22.80
CA LEU B 205 4.21 -3.91 -21.34
C LEU B 205 2.77 -4.35 -21.07
N LEU B 206 2.60 -5.67 -20.93
CA LEU B 206 1.27 -6.30 -20.86
C LEU B 206 0.92 -6.60 -19.41
N ASP B 207 -0.25 -6.14 -18.96
CA ASP B 207 -0.79 -6.28 -17.59
C ASP B 207 -1.94 -7.28 -17.75
N CYS B 208 -1.78 -8.50 -17.25
CA CYS B 208 -2.70 -9.65 -17.48
C CYS B 208 -3.78 -9.74 -16.40
N ARG B 209 -3.91 -8.80 -15.49
CA ARG B 209 -5.11 -8.72 -14.60
C ARG B 209 -6.35 -8.74 -15.47
N PRO B 210 -7.32 -9.62 -15.21
CA PRO B 210 -8.40 -9.82 -16.19
C PRO B 210 -9.40 -8.65 -16.30
N GLU B 211 -9.48 -7.81 -15.26
CA GLU B 211 -10.52 -6.76 -15.20
C GLU B 211 -10.14 -5.60 -16.09
N LEU B 212 -8.88 -5.50 -16.55
CA LEU B 212 -8.45 -4.23 -17.21
C LEU B 212 -9.01 -4.16 -18.64
N THR B 213 -9.35 -2.97 -19.09
CA THR B 213 -9.76 -2.73 -20.50
C THR B 213 -8.51 -2.82 -21.38
N PRO B 214 -8.67 -3.07 -22.70
CA PRO B 214 -7.57 -3.11 -23.66
C PRO B 214 -6.72 -1.84 -23.54
N LEU B 215 -7.40 -0.69 -23.35
CA LEU B 215 -6.69 0.63 -23.22
C LEU B 215 -5.78 0.60 -21.98
N GLU B 216 -6.30 0.16 -20.85
CA GLU B 216 -5.64 0.01 -19.52
C GLU B 216 -4.47 -0.97 -19.53
N ASN B 217 -4.54 -2.08 -20.27
CA ASN B 217 -3.74 -3.33 -19.99
C ASN B 217 -2.47 -3.41 -20.86
N VAL B 218 -2.20 -2.39 -21.68
CA VAL B 218 -0.89 -2.32 -22.42
C VAL B 218 -0.31 -0.89 -22.38
N SER B 219 1.01 -0.83 -22.38
CA SER B 219 1.89 0.35 -22.44
C SER B 219 3.00 0.02 -23.43
N GLN B 220 3.01 0.66 -24.59
CA GLN B 220 4.08 0.48 -25.60
C GLN B 220 5.36 1.15 -25.08
N GLN B 221 6.41 0.37 -24.82
CA GLN B 221 7.73 0.88 -24.32
C GLN B 221 8.72 0.93 -25.48
N GLU B 222 9.40 2.05 -25.64
CA GLU B 222 10.45 2.24 -26.68
C GLU B 222 11.51 1.14 -26.52
N PHE B 223 11.75 0.32 -27.57
CA PHE B 223 12.86 -0.64 -27.58
C PHE B 223 13.72 -0.40 -28.81
N ASP B 224 14.32 0.77 -28.86
CA ASP B 224 15.20 1.18 -29.98
C ASP B 224 16.62 0.62 -29.72
N LEU B 225 16.95 -0.61 -30.19
CA LEU B 225 18.31 -1.19 -30.08
C LEU B 225 19.33 -0.31 -30.81
N ASP B 226 18.97 0.21 -31.99
CA ASP B 226 19.84 1.05 -32.86
C ASP B 226 20.36 2.26 -32.09
N LYS B 227 19.49 2.90 -31.29
CA LYS B 227 19.80 4.12 -30.48
C LYS B 227 21.01 3.84 -29.56
N TYR B 228 21.08 2.64 -28.98
CA TYR B 228 22.10 2.24 -27.97
C TYR B 228 23.18 1.32 -28.56
N ASN B 229 23.24 1.23 -29.89
CA ASN B 229 24.20 0.39 -30.63
C ASN B 229 24.14 -1.03 -30.08
N LEU B 230 22.93 -1.50 -29.89
CA LEU B 230 22.68 -2.86 -29.39
C LEU B 230 22.04 -3.70 -30.50
N GLU B 231 22.18 -5.01 -30.36
CA GLU B 231 21.46 -6.05 -31.11
C GLU B 231 20.85 -6.99 -30.06
N LEU B 232 19.70 -7.59 -30.38
CA LEU B 232 19.13 -8.67 -29.57
C LEU B 232 19.39 -10.00 -30.29
N LEU B 233 20.26 -10.84 -29.74
CA LEU B 233 20.58 -12.13 -30.39
C LEU B 233 19.47 -13.11 -30.00
N VAL B 234 18.99 -13.96 -30.91
CA VAL B 234 17.99 -14.99 -30.56
C VAL B 234 18.55 -16.30 -31.07
N VAL B 235 18.66 -17.30 -30.20
CA VAL B 235 19.20 -18.63 -30.59
C VAL B 235 18.19 -19.70 -30.20
N ASP B 236 17.69 -20.41 -31.21
CA ASP B 236 16.97 -21.70 -31.04
C ASP B 236 17.99 -22.81 -30.75
N THR B 237 18.03 -23.28 -29.51
CA THR B 237 18.91 -24.38 -29.03
C THR B 237 18.67 -25.66 -29.86
N GLN B 238 17.44 -25.90 -30.36
CA GLN B 238 17.07 -27.14 -31.07
C GLN B 238 17.18 -28.38 -30.13
N ALA B 239 17.07 -28.19 -28.80
CA ALA B 239 17.12 -29.27 -27.79
C ALA B 239 15.95 -30.21 -28.04
N PRO B 240 16.14 -31.53 -27.91
CA PRO B 240 15.02 -32.45 -28.06
C PRO B 240 14.01 -32.31 -26.90
N HIS B 241 12.78 -31.92 -27.21
CA HIS B 241 11.65 -31.82 -26.24
C HIS B 241 10.31 -32.22 -26.87
N GLN B 242 9.44 -32.84 -26.06
CA GLN B 242 8.04 -33.19 -26.41
C GLN B 242 7.18 -31.92 -26.37
N LEU B 243 6.43 -31.67 -27.46
CA LEU B 243 5.61 -30.45 -27.66
C LEU B 243 4.83 -30.14 -26.38
N ASN B 244 4.12 -31.13 -25.83
CA ASN B 244 3.11 -30.92 -24.76
C ASN B 244 3.20 -32.10 -23.76
N ASP B 245 4.34 -32.20 -23.03
CA ASP B 245 4.66 -33.31 -22.09
C ASP B 245 3.84 -33.18 -20.80
N GLY B 246 3.39 -31.97 -20.42
CA GLY B 246 2.55 -31.73 -19.22
C GLY B 246 3.27 -30.96 -18.12
N GLN B 247 4.54 -30.63 -18.33
CA GLN B 247 5.34 -29.86 -17.34
C GLN B 247 4.82 -28.43 -17.30
N TYR B 248 4.49 -27.83 -18.45
CA TYR B 248 3.88 -26.47 -18.49
C TYR B 248 2.60 -26.48 -17.63
N ALA B 249 1.72 -27.43 -17.93
CA ALA B 249 0.42 -27.61 -17.23
C ALA B 249 0.67 -27.70 -15.71
N GLN B 250 1.77 -28.34 -15.30
CA GLN B 250 2.02 -28.66 -13.87
C GLN B 250 2.36 -27.37 -13.13
N ARG B 251 3.17 -26.52 -13.76
CA ARG B 251 3.53 -25.21 -13.23
C ARG B 251 2.25 -24.39 -13.01
N ARG B 252 1.37 -24.33 -14.02
CA ARG B 252 0.07 -23.65 -13.93
C ARG B 252 -0.70 -24.20 -12.71
N ALA B 253 -0.84 -25.52 -12.56
CA ALA B 253 -1.60 -26.16 -11.46
C ALA B 253 -1.01 -25.72 -10.10
N THR B 254 0.33 -25.71 -10.00
CA THR B 254 1.08 -25.38 -8.79
C THR B 254 0.78 -23.95 -8.38
N CYS B 255 0.87 -22.97 -9.29
CA CYS B 255 0.51 -21.55 -9.04
C CYS B 255 -0.95 -21.37 -8.61
N GLU B 256 -1.86 -22.08 -9.26
CA GLU B 256 -3.32 -22.04 -8.92
C GLU B 256 -3.54 -22.61 -7.50
N GLU B 257 -2.88 -23.70 -7.09
N GLU B 257 -2.83 -23.69 -7.18
CA GLU B 257 -3.13 -24.21 -5.70
CA GLU B 257 -2.85 -24.38 -5.86
C GLU B 257 -2.50 -23.22 -4.71
C GLU B 257 -2.44 -23.37 -4.78
N ALA B 258 -1.39 -22.60 -5.08
CA ALA B 258 -0.76 -21.66 -4.16
C ALA B 258 -1.71 -20.48 -3.93
N ALA B 259 -2.37 -19.98 -5.00
CA ALA B 259 -3.26 -18.81 -4.90
C ALA B 259 -4.41 -19.21 -3.98
N LYS B 260 -4.94 -20.40 -4.18
CA LYS B 260 -6.04 -20.93 -3.33
C LYS B 260 -5.63 -21.00 -1.85
N ILE B 261 -4.42 -21.50 -1.55
N ILE B 261 -4.39 -21.44 -1.55
CA ILE B 261 -3.91 -21.60 -0.15
CA ILE B 261 -3.92 -21.62 -0.16
C ILE B 261 -3.88 -20.19 0.45
C ILE B 261 -3.68 -20.26 0.49
N LEU B 262 -3.28 -19.25 -0.30
CA LEU B 262 -3.08 -17.85 0.13
C LEU B 262 -4.40 -17.04 0.20
N GLY B 263 -5.49 -17.52 -0.39
CA GLY B 263 -6.80 -16.83 -0.31
C GLY B 263 -6.94 -15.72 -1.32
N VAL B 264 -6.33 -15.87 -2.48
CA VAL B 264 -6.21 -14.80 -3.49
C VAL B 264 -6.64 -15.36 -4.85
N ALA B 265 -7.26 -14.52 -5.67
CA ALA B 265 -7.69 -14.84 -7.05
C ALA B 265 -6.50 -15.30 -7.92
N ASN B 266 -5.32 -14.68 -7.73
CA ASN B 266 -4.10 -14.96 -8.52
C ASN B 266 -2.88 -14.40 -7.77
N LEU B 267 -1.71 -14.80 -8.22
CA LEU B 267 -0.46 -14.44 -7.50
C LEU B 267 -0.09 -13.00 -7.79
N ARG B 268 -0.70 -12.34 -8.76
CA ARG B 268 -0.44 -10.86 -8.87
C ARG B 268 -0.89 -10.18 -7.58
N VAL B 269 -1.98 -10.63 -6.94
CA VAL B 269 -2.47 -9.99 -5.68
C VAL B 269 -1.32 -10.04 -4.67
N THR B 270 -0.76 -11.23 -4.48
CA THR B 270 0.34 -11.54 -3.54
C THR B 270 1.55 -10.69 -3.89
N ALA B 271 1.95 -10.77 -5.16
CA ALA B 271 3.09 -10.01 -5.69
C ALA B 271 2.94 -8.52 -5.35
N ASP B 272 1.78 -7.95 -5.62
CA ASP B 272 1.55 -6.49 -5.47
C ASP B 272 1.69 -6.10 -3.99
N GLY B 273 1.08 -6.84 -3.06
CA GLY B 273 1.19 -6.51 -1.63
C GLY B 273 2.64 -6.58 -1.14
N ILE B 274 3.42 -7.54 -1.69
CA ILE B 274 4.86 -7.73 -1.34
C ILE B 274 5.63 -6.48 -1.80
N SER B 275 5.49 -6.10 -3.07
CA SER B 275 6.14 -4.93 -3.75
C SER B 275 5.92 -3.64 -2.97
N LYS B 276 4.70 -3.53 -2.43
CA LYS B 276 4.22 -2.31 -1.72
C LYS B 276 4.51 -2.43 -0.22
N ALA B 277 5.11 -3.52 0.28
CA ALA B 277 5.60 -3.54 1.69
C ALA B 277 6.92 -2.77 1.77
N ASP B 278 7.07 -1.95 2.80
CA ASP B 278 8.37 -1.36 3.21
C ASP B 278 9.45 -2.47 3.29
N ASP B 279 9.15 -3.62 3.95
CA ASP B 279 10.10 -4.76 4.18
C ASP B 279 9.67 -5.89 3.24
N GLN B 280 10.24 -5.90 2.05
CA GLN B 280 9.80 -6.78 0.93
C GLN B 280 10.23 -8.19 1.30
N PHE B 281 11.41 -8.37 1.89
CA PHE B 281 11.93 -9.69 2.33
C PHE B 281 10.95 -10.30 3.34
N GLN B 282 10.54 -9.50 4.32
CA GLN B 282 9.63 -10.03 5.35
C GLN B 282 8.29 -10.36 4.68
N ALA B 283 7.76 -9.50 3.82
CA ALA B 283 6.46 -9.80 3.17
C ALA B 283 6.55 -11.14 2.42
N LEU B 284 7.62 -11.38 1.67
CA LEU B 284 7.78 -12.66 0.90
C LEU B 284 7.91 -13.83 1.88
N LYS B 285 8.74 -13.69 2.90
CA LYS B 285 8.96 -14.76 3.91
C LYS B 285 7.61 -15.16 4.54
N GLU B 286 6.75 -14.23 4.91
CA GLU B 286 5.44 -14.57 5.53
C GLU B 286 4.53 -15.19 4.48
N THR B 287 4.62 -14.80 3.21
CA THR B 287 3.93 -15.53 2.10
C THR B 287 4.40 -16.97 1.93
N LEU B 288 5.69 -17.24 1.78
CA LEU B 288 6.20 -18.65 1.60
C LEU B 288 5.90 -19.49 2.86
N ASP B 289 5.90 -18.93 4.06
CA ASP B 289 5.73 -19.72 5.33
C ASP B 289 4.33 -20.31 5.35
N ALA B 290 3.41 -19.69 4.61
CA ALA B 290 1.99 -20.12 4.56
C ALA B 290 1.83 -21.27 3.56
N LEU B 291 2.86 -21.65 2.81
CA LEU B 291 2.67 -22.70 1.77
C LEU B 291 3.24 -24.00 2.29
N PRO B 292 2.55 -25.14 2.12
CA PRO B 292 2.96 -26.38 2.80
C PRO B 292 4.08 -27.19 2.14
N ASP B 293 4.66 -26.67 1.05
CA ASP B 293 5.43 -27.47 0.05
C ASP B 293 6.64 -26.66 -0.42
N GLU B 294 7.86 -27.20 -0.27
N GLU B 294 7.86 -27.19 -0.33
CA GLU B 294 9.14 -26.54 -0.64
CA GLU B 294 9.08 -26.39 -0.64
C GLU B 294 9.14 -26.15 -2.13
C GLU B 294 9.20 -26.15 -2.16
N THR B 295 8.66 -27.02 -3.02
CA THR B 295 8.60 -26.76 -4.48
C THR B 295 7.61 -25.59 -4.77
N MET B 296 6.41 -25.61 -4.19
CA MET B 296 5.42 -24.51 -4.28
C MET B 296 6.06 -23.20 -3.82
N LYS B 297 6.87 -23.20 -2.76
CA LYS B 297 7.48 -21.92 -2.29
C LYS B 297 8.36 -21.40 -3.42
N LYS B 298 9.13 -22.27 -4.06
CA LYS B 298 10.06 -21.85 -5.16
C LYS B 298 9.25 -21.25 -6.32
N ARG B 299 8.13 -21.86 -6.73
CA ARG B 299 7.29 -21.33 -7.83
C ARG B 299 6.82 -19.91 -7.46
N VAL B 300 6.26 -19.73 -6.28
CA VAL B 300 5.73 -18.40 -5.87
C VAL B 300 6.87 -17.39 -5.81
N ARG B 301 8.07 -17.75 -5.33
CA ARG B 301 9.20 -16.77 -5.26
C ARG B 301 9.55 -16.27 -6.66
N HIS B 302 9.63 -17.16 -7.66
CA HIS B 302 9.91 -16.84 -9.07
C HIS B 302 8.87 -15.81 -9.53
N VAL B 303 7.60 -16.15 -9.37
CA VAL B 303 6.50 -15.28 -9.90
C VAL B 303 6.58 -13.91 -9.25
N VAL B 304 6.71 -13.86 -7.94
CA VAL B 304 6.70 -12.57 -7.20
C VAL B 304 7.90 -11.78 -7.72
N THR B 305 9.11 -12.35 -7.70
CA THR B 305 10.35 -11.56 -8.06
C THR B 305 10.32 -11.25 -9.57
N GLU B 306 9.76 -12.12 -10.41
CA GLU B 306 9.67 -11.90 -11.89
C GLU B 306 8.76 -10.68 -12.17
N ILE B 307 7.60 -10.59 -11.54
CA ILE B 307 6.72 -9.39 -11.77
C ILE B 307 7.52 -8.12 -11.41
N GLU B 308 8.24 -8.15 -10.29
CA GLU B 308 9.00 -6.93 -9.90
C GLU B 308 10.08 -6.68 -10.93
N ARG B 309 10.75 -7.71 -11.41
CA ARG B 309 11.86 -7.54 -12.40
C ARG B 309 11.31 -6.86 -13.65
N VAL B 310 10.07 -7.13 -14.05
CA VAL B 310 9.50 -6.50 -15.27
C VAL B 310 9.44 -4.98 -15.06
N ARG B 311 8.87 -4.51 -13.95
N ARG B 311 8.90 -4.55 -13.93
CA ARG B 311 8.85 -3.05 -13.60
CA ARG B 311 8.84 -3.10 -13.55
C ARG B 311 10.28 -2.47 -13.61
C ARG B 311 10.24 -2.46 -13.52
N SER B 312 11.25 -3.18 -13.00
CA SER B 312 12.66 -2.71 -12.88
C SER B 312 13.31 -2.56 -14.27
N PHE B 313 13.05 -3.50 -15.18
CA PHE B 313 13.58 -3.49 -16.57
C PHE B 313 12.99 -2.30 -17.36
N VAL B 314 11.67 -2.08 -17.29
CA VAL B 314 11.02 -0.90 -17.96
C VAL B 314 11.72 0.38 -17.47
N ARG B 315 11.91 0.55 -16.15
CA ARG B 315 12.62 1.76 -15.65
C ARG B 315 14.04 1.77 -16.22
N ALA B 316 14.79 0.67 -16.16
CA ALA B 316 16.22 0.66 -16.54
C ALA B 316 16.34 1.02 -18.03
N PHE B 317 15.51 0.40 -18.86
CA PHE B 317 15.58 0.58 -20.32
C PHE B 317 15.15 2.01 -20.70
N ALA B 318 14.15 2.61 -20.04
CA ALA B 318 13.75 4.02 -20.33
C ALA B 318 14.92 4.97 -20.03
N GLN B 319 15.74 4.65 -19.02
CA GLN B 319 16.89 5.49 -18.57
C GLN B 319 18.12 5.21 -19.43
N GLY B 320 18.13 4.15 -20.24
CA GLY B 320 19.31 3.76 -21.04
C GLY B 320 20.40 3.24 -20.15
N ASP B 321 20.04 2.75 -18.96
CA ASP B 321 20.91 1.90 -18.12
C ASP B 321 20.94 0.49 -18.69
N ILE B 322 21.75 0.28 -19.72
CA ILE B 322 21.82 -1.05 -20.40
C ILE B 322 22.43 -2.11 -19.45
N LYS B 323 23.41 -1.72 -18.63
CA LYS B 323 24.06 -2.68 -17.69
C LYS B 323 23.00 -3.25 -16.72
N ALA B 324 22.16 -2.38 -16.15
CA ALA B 324 21.08 -2.74 -15.20
C ALA B 324 20.04 -3.62 -15.94
N ALA B 325 19.63 -3.24 -17.14
CA ALA B 325 18.71 -4.03 -17.99
C ALA B 325 19.27 -5.43 -18.18
N GLY B 326 20.54 -5.56 -18.49
CA GLY B 326 21.11 -6.90 -18.72
C GLY B 326 21.15 -7.70 -17.42
N ARG B 327 21.38 -7.07 -16.27
CA ARG B 327 21.43 -7.80 -14.98
C ARG B 327 20.03 -8.32 -14.65
N LEU B 328 18.99 -7.60 -15.06
CA LEU B 328 17.58 -8.02 -14.90
C LEU B 328 17.29 -9.24 -15.78
N PHE B 329 17.73 -9.25 -17.04
CA PHE B 329 17.76 -10.50 -17.86
C PHE B 329 18.37 -11.67 -17.08
N ASN B 330 19.60 -11.47 -16.58
CA ASN B 330 20.39 -12.52 -15.90
C ASN B 330 19.60 -13.08 -14.70
N ALA B 331 19.03 -12.20 -13.87
CA ALA B 331 18.24 -12.59 -12.67
C ALA B 331 16.99 -13.38 -13.05
N SER B 332 16.34 -13.01 -14.15
CA SER B 332 15.15 -13.74 -14.69
C SER B 332 15.55 -15.17 -15.07
N HIS B 333 16.61 -15.36 -15.88
CA HIS B 333 17.10 -16.73 -16.24
C HIS B 333 17.38 -17.51 -14.94
N ASP B 334 18.13 -16.85 -14.04
CA ASP B 334 18.65 -17.55 -12.84
C ASP B 334 17.45 -18.01 -12.03
N SER B 335 16.37 -17.20 -11.97
CA SER B 335 15.13 -17.59 -11.25
C SER B 335 14.47 -18.79 -11.98
N LEU B 336 14.37 -18.74 -13.30
CA LEU B 336 13.71 -19.75 -14.15
C LEU B 336 14.46 -21.09 -14.01
N ALA B 337 15.78 -21.04 -13.85
CA ALA B 337 16.59 -22.27 -13.70
C ALA B 337 16.45 -22.83 -12.27
N ALA B 338 16.64 -22.04 -11.22
CA ALA B 338 16.81 -22.54 -9.82
C ALA B 338 15.43 -22.72 -9.15
N ASP B 339 14.52 -21.75 -9.30
CA ASP B 339 13.22 -21.69 -8.58
C ASP B 339 12.08 -22.30 -9.45
N TYR B 340 11.98 -21.96 -10.73
CA TYR B 340 10.86 -22.46 -11.57
C TYR B 340 11.26 -23.76 -12.22
N GLU B 341 12.56 -24.05 -12.31
CA GLU B 341 13.03 -25.36 -12.81
C GLU B 341 12.40 -25.65 -14.19
N VAL B 342 12.47 -24.70 -15.12
CA VAL B 342 12.05 -24.93 -16.52
C VAL B 342 13.24 -24.82 -17.49
N THR B 343 14.49 -24.67 -17.02
CA THR B 343 15.68 -24.69 -17.94
C THR B 343 16.13 -26.15 -18.22
N VAL B 344 16.92 -26.33 -19.26
CA VAL B 344 17.65 -27.61 -19.52
C VAL B 344 19.07 -27.16 -19.86
N PRO B 345 20.01 -28.13 -19.91
CA PRO B 345 21.43 -27.80 -20.10
C PRO B 345 21.72 -26.93 -21.35
N GLU B 346 21.01 -27.18 -22.47
CA GLU B 346 21.25 -26.49 -23.77
C GLU B 346 20.93 -25.00 -23.55
N LEU B 347 19.88 -24.70 -22.79
CA LEU B 347 19.50 -23.30 -22.49
C LEU B 347 20.57 -22.71 -21.58
N ASP B 348 20.90 -23.45 -20.53
CA ASP B 348 21.83 -22.99 -19.46
C ASP B 348 23.19 -22.72 -20.09
N ILE B 349 23.65 -23.56 -20.98
CA ILE B 349 25.04 -23.49 -21.53
C ILE B 349 25.04 -22.37 -22.57
N ALA B 350 24.03 -22.32 -23.44
CA ALA B 350 23.90 -21.22 -24.43
C ALA B 350 23.91 -19.89 -23.67
N VAL B 351 23.18 -19.75 -22.57
CA VAL B 351 23.19 -18.47 -21.79
C VAL B 351 24.59 -18.25 -21.18
N ASP B 352 25.21 -19.33 -20.69
CA ASP B 352 26.57 -19.20 -20.07
C ASP B 352 27.55 -18.69 -21.13
N VAL B 353 27.52 -19.26 -22.34
CA VAL B 353 28.41 -18.85 -23.45
C VAL B 353 28.18 -17.37 -23.79
N ALA B 354 26.92 -16.93 -23.89
CA ALA B 354 26.58 -15.52 -24.18
C ALA B 354 27.15 -14.63 -23.05
N ARG B 355 26.93 -14.96 -21.76
CA ARG B 355 27.43 -14.09 -20.65
C ARG B 355 28.96 -13.97 -20.66
N LYS B 356 29.66 -15.05 -21.03
CA LYS B 356 31.15 -15.10 -20.93
C LYS B 356 31.78 -14.71 -22.26
N ASN B 357 30.97 -14.16 -23.18
CA ASN B 357 31.47 -13.67 -24.49
C ASN B 357 30.92 -12.26 -24.76
N GLY B 358 30.58 -11.50 -23.71
CA GLY B 358 30.28 -10.05 -23.75
C GLY B 358 28.79 -9.68 -23.82
N ALA B 359 27.84 -10.61 -23.67
CA ALA B 359 26.39 -10.26 -23.54
C ALA B 359 26.22 -9.40 -22.27
N TYR B 360 25.53 -8.24 -22.36
CA TYR B 360 25.01 -7.44 -21.21
C TYR B 360 24.12 -8.31 -20.32
N GLY B 361 23.35 -9.22 -20.93
CA GLY B 361 22.44 -10.15 -20.25
C GLY B 361 21.96 -11.23 -21.21
N ALA B 362 21.61 -12.40 -20.68
CA ALA B 362 21.10 -13.49 -21.52
C ALA B 362 20.12 -14.28 -20.69
N ARG B 363 19.05 -14.75 -21.34
CA ARG B 363 18.00 -15.54 -20.63
C ARG B 363 17.27 -16.45 -21.63
N MET B 364 16.76 -17.59 -21.17
CA MET B 364 15.72 -18.35 -21.89
C MET B 364 14.50 -17.42 -22.04
N THR B 365 13.81 -17.54 -23.16
CA THR B 365 12.53 -16.84 -23.43
C THR B 365 11.48 -17.92 -23.63
N GLY B 366 10.24 -17.60 -23.26
CA GLY B 366 9.06 -18.43 -23.54
C GLY B 366 8.87 -19.51 -22.48
N GLY B 367 8.31 -20.66 -22.86
CA GLY B 367 7.84 -21.63 -21.83
C GLY B 367 9.01 -22.27 -21.08
N GLY B 368 10.09 -22.58 -21.81
CA GLY B 368 11.22 -23.38 -21.29
C GLY B 368 11.14 -24.84 -21.73
N PHE B 369 11.91 -25.70 -21.06
CA PHE B 369 11.99 -27.17 -21.28
C PHE B 369 12.72 -27.47 -22.59
N GLY B 370 13.34 -26.45 -23.19
CA GLY B 370 13.86 -26.46 -24.58
C GLY B 370 13.62 -25.10 -25.20
N GLY B 371 13.75 -24.91 -26.51
CA GLY B 371 13.41 -23.61 -27.12
C GLY B 371 14.63 -22.69 -27.25
N SER B 372 14.41 -21.38 -27.10
CA SER B 372 15.31 -20.29 -27.54
C SER B 372 15.81 -19.44 -26.35
N ILE B 373 16.98 -18.83 -26.53
CA ILE B 373 17.55 -17.83 -25.60
C ILE B 373 17.66 -16.53 -26.37
N ILE B 374 17.66 -15.45 -25.61
CA ILE B 374 17.91 -14.09 -26.11
C ILE B 374 19.10 -13.54 -25.35
N ALA B 375 19.80 -12.58 -25.96
CA ALA B 375 20.92 -11.87 -25.29
C ALA B 375 20.98 -10.45 -25.82
N LEU B 376 21.06 -9.45 -24.93
CA LEU B 376 21.45 -8.07 -25.29
C LEU B 376 22.96 -8.05 -25.50
N VAL B 377 23.39 -7.71 -26.71
CA VAL B 377 24.84 -7.71 -27.14
C VAL B 377 25.09 -6.42 -27.94
N ASP B 378 26.36 -6.03 -28.12
CA ASP B 378 26.73 -4.84 -28.92
C ASP B 378 26.33 -5.10 -30.37
N LYS B 379 25.91 -4.05 -31.10
CA LYS B 379 25.56 -4.19 -32.54
C LYS B 379 26.71 -4.93 -33.26
N GLY B 380 26.40 -6.08 -33.89
CA GLY B 380 27.31 -6.84 -34.77
C GLY B 380 28.11 -7.92 -34.03
N GLN B 381 27.78 -8.18 -32.76
CA GLN B 381 28.48 -9.17 -31.90
C GLN B 381 27.67 -10.47 -31.88
N GLY B 382 26.44 -10.41 -32.39
CA GLY B 382 25.52 -11.55 -32.33
C GLY B 382 26.00 -12.70 -33.19
N HIS B 383 26.55 -12.43 -34.36
CA HIS B 383 27.05 -13.49 -35.27
C HIS B 383 28.14 -14.30 -34.55
N GLU B 384 29.03 -13.63 -33.83
CA GLU B 384 30.20 -14.29 -33.19
C GLU B 384 29.72 -15.15 -32.02
N ILE B 385 28.81 -14.60 -31.22
CA ILE B 385 28.25 -15.26 -30.01
C ILE B 385 27.45 -16.47 -30.49
N ALA B 386 26.59 -16.31 -31.51
CA ALA B 386 25.87 -17.44 -32.13
C ALA B 386 26.87 -18.54 -32.60
N GLN B 387 27.99 -18.17 -33.23
CA GLN B 387 29.00 -19.19 -33.66
C GLN B 387 29.63 -19.83 -32.41
N LYS B 388 29.91 -19.11 -31.33
CA LYS B 388 30.54 -19.70 -30.11
C LYS B 388 29.54 -20.68 -29.46
N ILE B 389 28.25 -20.37 -29.56
CA ILE B 389 27.21 -21.26 -29.00
C ILE B 389 27.20 -22.55 -29.83
N ALA B 390 27.14 -22.46 -31.15
CA ALA B 390 27.20 -23.61 -32.08
C ALA B 390 28.47 -24.43 -31.77
N ASP B 391 29.64 -23.78 -31.66
CA ASP B 391 30.94 -24.47 -31.44
C ASP B 391 30.82 -25.22 -30.11
N ARG B 392 30.29 -24.56 -29.08
CA ARG B 392 30.17 -25.20 -27.75
C ARG B 392 29.18 -26.38 -27.84
N PHE B 393 28.06 -26.23 -28.56
CA PHE B 393 27.07 -27.34 -28.72
C PHE B 393 27.72 -28.53 -29.42
N GLU B 394 28.61 -28.32 -30.38
CA GLU B 394 29.28 -29.46 -31.08
C GLU B 394 30.14 -30.25 -30.05
N LYS B 395 30.84 -29.52 -29.18
CA LYS B 395 31.82 -30.09 -28.21
C LYS B 395 31.04 -30.79 -27.09
N GLU B 396 29.76 -30.39 -26.88
CA GLU B 396 28.80 -31.06 -25.96
C GLU B 396 28.16 -32.28 -26.61
N GLY B 397 28.16 -32.36 -27.94
CA GLY B 397 27.45 -33.40 -28.70
C GLY B 397 25.95 -33.15 -28.64
N PHE B 398 25.50 -31.90 -28.55
CA PHE B 398 24.05 -31.61 -28.70
C PHE B 398 23.73 -31.43 -30.19
N ASN B 399 22.45 -31.21 -30.53
CA ASN B 399 22.07 -30.85 -31.93
C ASN B 399 22.53 -29.41 -32.16
N ALA B 400 22.88 -29.08 -33.39
CA ALA B 400 23.37 -27.73 -33.72
C ALA B 400 22.17 -26.80 -33.56
N PRO B 401 22.39 -25.63 -32.94
CA PRO B 401 21.35 -24.61 -32.78
C PRO B 401 21.20 -23.78 -34.06
N ARG B 402 20.21 -22.89 -34.10
CA ARG B 402 20.04 -21.96 -35.24
C ARG B 402 19.71 -20.58 -34.67
N ALA B 403 20.25 -19.51 -35.27
CA ALA B 403 20.06 -18.14 -34.77
C ALA B 403 19.04 -17.44 -35.67
N LEU B 404 18.33 -16.42 -35.15
CA LEU B 404 17.31 -15.59 -35.86
C LEU B 404 17.66 -14.14 -35.61
N PRO B 405 17.85 -13.26 -36.62
CA PRO B 405 18.07 -11.85 -36.34
C PRO B 405 16.76 -11.34 -35.78
N ALA B 406 16.78 -10.32 -34.92
CA ALA B 406 15.59 -9.88 -34.19
C ALA B 406 15.63 -8.39 -34.04
N PHE B 407 14.45 -7.82 -33.92
CA PHE B 407 14.17 -6.39 -33.65
C PHE B 407 12.66 -6.32 -33.38
N ALA B 408 12.20 -5.32 -32.65
CA ALA B 408 10.76 -5.13 -32.33
C ALA B 408 10.01 -4.77 -33.62
N ALA B 409 9.33 -5.73 -34.24
CA ALA B 409 8.67 -5.55 -35.56
C ALA B 409 7.16 -5.32 -35.38
N ALA B 410 6.41 -5.33 -36.50
CA ALA B 410 4.95 -5.08 -36.53
C ALA B 410 4.18 -6.31 -36.06
N SER B 411 2.98 -6.02 -35.58
CA SER B 411 1.96 -7.05 -35.28
C SER B 411 1.37 -7.54 -36.62
N ALA B 412 0.38 -8.41 -36.49
CA ALA B 412 -0.29 -9.11 -37.59
C ALA B 412 -0.91 -8.06 -38.52
N SER B 413 -1.02 -8.40 -39.80
CA SER B 413 -1.67 -7.51 -40.79
C SER B 413 -2.14 -8.31 -42.01
N ARG B 414 -2.99 -7.64 -42.80
N ARG B 414 -3.04 -7.71 -42.80
CA ARG B 414 -3.25 -7.88 -44.25
CA ARG B 414 -3.21 -8.15 -44.20
C ARG B 414 -1.94 -7.69 -45.02
C ARG B 414 -1.89 -7.80 -44.90
N GLU B 415 -1.50 -8.68 -45.81
CA GLU B 415 -0.29 -8.54 -46.69
C GLU B 415 -0.78 -8.26 -48.13
N ALA B 416 -0.41 -7.10 -48.66
CA ALA B 416 -0.91 -6.50 -49.92
C ALA B 416 -0.57 -7.42 -51.11
N LYS B 417 -1.49 -7.50 -52.08
CA LYS B 417 -1.41 -8.41 -53.26
C LYS B 417 -0.11 -8.19 -54.06
N LEU B 418 0.27 -9.20 -54.85
CA LEU B 418 1.43 -9.22 -55.81
C LEU B 418 2.61 -8.45 -55.23
N MET C 1 13.11 -36.02 36.11
CA MET C 1 12.05 -35.67 35.13
C MET C 1 10.84 -35.12 35.87
N THR C 2 10.86 -33.81 36.17
N THR C 2 10.86 -33.81 36.17
CA THR C 2 9.82 -33.09 36.96
CA THR C 2 9.82 -33.09 36.96
C THR C 2 9.79 -31.62 36.51
C THR C 2 9.79 -31.62 36.51
N ALA C 3 9.17 -30.74 37.32
CA ALA C 3 8.94 -29.31 37.00
C ALA C 3 10.21 -28.69 36.44
N VAL C 4 10.07 -27.89 35.38
CA VAL C 4 11.17 -27.07 34.81
C VAL C 4 11.49 -26.00 35.86
N GLU C 5 12.79 -25.77 36.12
CA GLU C 5 13.31 -24.75 37.07
C GLU C 5 13.24 -23.36 36.44
N PHE C 6 12.50 -22.46 37.08
CA PHE C 6 12.41 -21.03 36.71
C PHE C 6 13.33 -20.31 37.67
N ILE C 7 14.40 -19.71 37.15
CA ILE C 7 15.40 -19.00 38.01
C ILE C 7 14.83 -17.63 38.36
N GLU C 8 14.43 -17.46 39.63
CA GLU C 8 13.99 -16.17 40.20
C GLU C 8 15.14 -15.17 40.18
N PRO C 9 14.91 -13.92 39.74
CA PRO C 9 15.90 -12.86 39.89
C PRO C 9 16.20 -12.46 41.35
N LEU C 10 17.48 -12.31 41.73
CA LEU C 10 17.82 -11.92 43.12
C LEU C 10 17.20 -10.52 43.34
N THR C 11 16.45 -10.34 44.43
CA THR C 11 15.97 -8.99 44.86
C THR C 11 17.19 -8.12 45.21
N HIS C 12 17.01 -6.80 45.14
CA HIS C 12 17.92 -5.79 45.71
C HIS C 12 18.48 -6.28 47.06
N GLU C 13 17.62 -6.81 47.95
CA GLU C 13 17.99 -7.15 49.35
C GLU C 13 18.84 -8.40 49.36
N GLU C 14 18.47 -9.39 48.54
CA GLU C 14 19.14 -10.71 48.43
C GLU C 14 20.56 -10.55 47.85
N GLY C 15 20.71 -9.80 46.75
CA GLY C 15 21.98 -9.49 46.07
C GLY C 15 22.97 -8.80 47.01
N VAL C 16 22.57 -7.68 47.61
CA VAL C 16 23.42 -6.90 48.57
C VAL C 16 23.81 -7.80 49.76
N SER C 17 22.84 -8.49 50.38
CA SER C 17 23.07 -9.34 51.58
C SER C 17 24.15 -10.36 51.20
N GLN C 18 23.96 -11.04 50.05
CA GLN C 18 24.78 -12.20 49.62
C GLN C 18 26.18 -11.75 49.15
N ALA C 19 26.31 -10.65 48.40
CA ALA C 19 27.65 -10.19 47.92
C ALA C 19 28.44 -9.66 49.13
N THR C 20 27.75 -9.00 50.05
CA THR C 20 28.36 -8.55 51.33
C THR C 20 28.92 -9.77 52.06
N LYS C 21 28.11 -10.80 52.35
CA LYS C 21 28.58 -11.95 53.18
C LYS C 21 29.79 -12.65 52.55
N LEU C 22 29.74 -12.99 51.25
CA LEU C 22 30.87 -13.65 50.56
C LEU C 22 32.07 -12.76 50.74
N PHE C 23 31.86 -11.44 50.66
CA PHE C 23 32.95 -10.44 50.78
C PHE C 23 33.63 -10.61 52.13
N VAL C 24 32.84 -10.66 53.22
CA VAL C 24 33.38 -10.57 54.61
C VAL C 24 34.04 -11.91 54.92
N ASP C 25 33.27 -12.98 54.70
CA ASP C 25 33.69 -14.40 54.74
C ASP C 25 35.08 -14.59 54.09
N THR C 26 35.36 -13.95 52.94
CA THR C 26 36.61 -14.13 52.12
C THR C 26 37.72 -13.16 52.53
N TYR C 27 37.42 -11.88 52.78
CA TYR C 27 38.47 -10.85 52.93
C TYR C 27 38.58 -10.35 54.37
N GLY C 28 37.54 -10.60 55.18
CA GLY C 28 37.34 -10.05 56.56
C GLY C 28 36.83 -8.60 56.58
N ALA C 29 37.44 -7.74 55.76
CA ALA C 29 37.12 -6.30 55.68
C ALA C 29 35.72 -6.14 55.07
N ALA C 30 35.05 -5.04 55.37
CA ALA C 30 33.75 -4.64 54.74
C ALA C 30 34.04 -4.09 53.34
N PRO C 31 33.14 -4.33 52.32
CA PRO C 31 33.32 -3.67 51.01
C PRO C 31 33.02 -2.18 51.15
N GLU C 32 33.59 -1.28 50.32
CA GLU C 32 33.14 0.15 50.27
C GLU C 32 31.68 0.17 49.81
N GLY C 33 31.36 -0.51 48.72
CA GLY C 33 29.91 -0.63 48.39
C GLY C 33 29.57 -1.91 47.64
N VAL C 34 28.28 -2.08 47.26
CA VAL C 34 27.83 -3.10 46.27
C VAL C 34 27.26 -2.39 45.02
N TRP C 35 27.58 -2.89 43.84
CA TRP C 35 27.08 -2.48 42.50
C TRP C 35 26.40 -3.65 41.79
N ALA C 36 25.58 -3.39 40.79
CA ALA C 36 25.09 -4.54 39.99
C ALA C 36 24.88 -4.13 38.53
N ALA C 37 24.94 -5.12 37.62
CA ALA C 37 24.58 -4.93 36.20
C ALA C 37 23.78 -6.14 35.78
N PRO C 38 22.77 -5.91 34.92
CA PRO C 38 21.91 -7.00 34.46
C PRO C 38 22.52 -7.75 33.28
N GLY C 39 22.11 -9.01 33.17
CA GLY C 39 22.09 -9.70 31.86
C GLY C 39 21.04 -9.10 30.92
N ARG C 40 20.84 -9.73 29.76
CA ARG C 40 20.01 -9.15 28.66
C ARG C 40 19.45 -10.26 27.77
N VAL C 41 18.24 -10.02 27.19
CA VAL C 41 17.81 -10.78 25.99
C VAL C 41 17.78 -9.78 24.84
N ASN C 42 18.33 -10.19 23.72
CA ASN C 42 18.24 -9.39 22.46
C ASN C 42 16.93 -9.83 21.81
N LEU C 43 15.92 -8.97 21.72
CA LEU C 43 14.60 -9.36 21.16
C LEU C 43 14.73 -9.76 19.68
N ILE C 44 15.63 -9.08 18.94
CA ILE C 44 15.81 -9.19 17.45
C ILE C 44 16.97 -8.25 17.04
N GLY C 45 17.65 -8.58 15.94
CA GLY C 45 18.88 -7.88 15.54
C GLY C 45 20.09 -8.65 16.05
N GLU C 46 20.26 -9.86 15.55
CA GLU C 46 21.25 -10.82 16.01
C GLU C 46 22.32 -10.87 14.94
N HIS C 47 23.58 -10.82 15.39
CA HIS C 47 24.79 -10.93 14.54
C HIS C 47 24.84 -9.72 13.62
N THR C 48 24.30 -8.61 14.15
CA THR C 48 24.26 -7.30 13.49
C THR C 48 25.16 -6.28 14.20
N ASP C 49 25.48 -6.45 15.49
CA ASP C 49 26.21 -5.41 16.29
C ASP C 49 27.62 -5.15 15.71
N TYR C 50 28.43 -6.15 15.39
CA TYR C 50 29.77 -5.99 14.77
C TYR C 50 29.70 -5.62 13.27
N ASN C 51 28.52 -5.67 12.65
CA ASN C 51 28.27 -5.23 11.25
C ASN C 51 27.71 -3.81 11.23
N ALA C 52 27.80 -3.11 12.35
CA ALA C 52 27.27 -1.74 12.48
C ALA C 52 25.77 -1.71 12.19
N GLY C 53 25.02 -2.75 12.58
CA GLY C 53 23.57 -2.89 12.34
C GLY C 53 22.68 -2.40 13.49
N LEU C 54 21.43 -2.88 13.48
CA LEU C 54 20.43 -2.59 14.49
C LEU C 54 20.23 -3.81 15.40
N CYS C 55 19.99 -3.53 16.67
CA CYS C 55 19.72 -4.52 17.73
C CYS C 55 18.59 -3.96 18.57
N LEU C 56 17.90 -4.81 19.30
CA LEU C 56 16.82 -4.37 20.19
C LEU C 56 16.82 -5.21 21.46
N PRO C 57 17.80 -5.01 22.38
CA PRO C 57 17.81 -5.72 23.66
C PRO C 57 16.95 -5.11 24.76
N ILE C 58 16.59 -5.96 25.75
CA ILE C 58 16.05 -5.56 27.08
C ILE C 58 17.01 -6.12 28.14
N ALA C 59 17.14 -5.42 29.26
CA ALA C 59 17.88 -5.79 30.48
C ALA C 59 16.95 -6.69 31.28
N LEU C 60 17.43 -7.89 31.64
CA LEU C 60 16.73 -8.83 32.55
C LEU C 60 16.71 -8.27 33.97
N PRO C 61 15.76 -8.69 34.82
CA PRO C 61 15.83 -8.35 36.26
C PRO C 61 16.95 -9.14 36.95
N HIS C 62 17.43 -10.23 36.32
CA HIS C 62 18.60 -11.06 36.73
C HIS C 62 19.89 -10.27 36.61
N ARG C 63 20.59 -10.10 37.74
CA ARG C 63 21.79 -9.22 37.83
C ARG C 63 22.95 -9.97 38.48
N THR C 64 24.16 -9.55 38.12
CA THR C 64 25.41 -9.91 38.81
C THR C 64 25.73 -8.80 39.82
N PHE C 65 25.92 -9.19 41.09
CA PHE C 65 26.24 -8.24 42.19
C PHE C 65 27.71 -8.36 42.55
N ILE C 66 28.35 -7.20 42.58
CA ILE C 66 29.77 -7.01 43.02
C ILE C 66 29.79 -6.18 44.31
N ALA C 67 30.33 -6.77 45.39
CA ALA C 67 30.88 -6.03 46.55
C ALA C 67 32.34 -5.72 46.24
N LEU C 68 32.75 -4.45 46.27
CA LEU C 68 34.13 -4.05 45.90
C LEU C 68 34.67 -3.12 47.00
N LYS C 69 36.00 -3.11 47.16
N LYS C 69 35.98 -3.18 47.26
CA LYS C 69 36.76 -2.13 47.97
CA LYS C 69 36.73 -2.07 47.92
C LYS C 69 38.10 -1.85 47.28
C LYS C 69 37.99 -1.82 47.10
N PRO C 70 38.49 -0.57 47.02
CA PRO C 70 39.72 -0.27 46.31
C PRO C 70 40.94 -0.46 47.22
N ARG C 71 42.07 -0.87 46.64
CA ARG C 71 43.38 -1.02 47.33
C ARG C 71 44.24 0.20 47.01
N GLU C 72 45.21 0.53 47.88
CA GLU C 72 46.19 1.60 47.57
C GLU C 72 47.32 1.00 46.70
N ASP C 73 47.31 -0.32 46.53
CA ASP C 73 48.25 -1.09 45.65
C ASP C 73 47.49 -1.57 44.40
N THR C 74 48.17 -2.35 43.55
CA THR C 74 47.67 -2.81 42.21
C THR C 74 47.22 -4.27 42.26
N LYS C 75 47.18 -4.90 43.44
CA LYS C 75 46.63 -6.29 43.53
C LYS C 75 45.12 -6.27 43.30
N VAL C 76 44.65 -7.33 42.63
CA VAL C 76 43.21 -7.64 42.41
C VAL C 76 42.92 -9.07 42.86
N ARG C 77 42.14 -9.23 43.94
CA ARG C 77 41.57 -10.53 44.40
C ARG C 77 40.08 -10.48 44.09
N VAL C 78 39.58 -11.57 43.48
CA VAL C 78 38.16 -11.71 43.13
C VAL C 78 37.76 -13.14 43.47
N VAL C 79 36.58 -13.22 44.04
CA VAL C 79 35.89 -14.47 44.43
C VAL C 79 34.47 -14.40 43.85
N SER C 80 33.97 -15.56 43.39
CA SER C 80 32.61 -15.79 42.84
C SER C 80 31.86 -16.69 43.82
N GLY C 81 30.56 -16.52 43.97
CA GLY C 81 29.70 -17.45 44.71
C GLY C 81 29.68 -18.84 44.10
N VAL C 82 30.14 -18.99 42.84
CA VAL C 82 30.17 -20.33 42.15
C VAL C 82 31.24 -21.22 42.80
N ALA C 83 32.31 -20.62 43.30
CA ALA C 83 33.49 -21.31 43.90
C ALA C 83 34.07 -20.40 44.97
N PRO C 84 33.41 -20.26 46.14
CA PRO C 84 33.85 -19.31 47.16
C PRO C 84 35.16 -19.71 47.86
N ASP C 85 35.65 -20.93 47.68
CA ASP C 85 36.90 -21.41 48.34
C ASP C 85 38.09 -21.20 47.40
N LYS C 86 38.04 -20.15 46.57
CA LYS C 86 38.89 -20.04 45.37
C LYS C 86 39.00 -18.60 44.93
N VAL C 87 39.98 -17.89 45.49
CA VAL C 87 40.28 -16.45 45.24
C VAL C 87 41.33 -16.31 44.13
N ALA C 88 41.01 -15.71 43.01
CA ALA C 88 42.00 -15.44 41.94
C ALA C 88 42.72 -14.14 42.29
N GLU C 89 44.04 -14.13 42.15
CA GLU C 89 44.88 -12.93 42.48
C GLU C 89 45.75 -12.62 41.26
N ALA C 90 45.85 -11.34 40.88
CA ALA C 90 46.75 -10.79 39.83
C ALA C 90 47.17 -9.38 40.28
N ASP C 91 48.07 -8.76 39.52
CA ASP C 91 48.60 -7.41 39.81
C ASP C 91 48.61 -6.63 38.50
N LEU C 92 48.13 -5.39 38.59
CA LEU C 92 47.85 -4.54 37.41
C LEU C 92 49.14 -3.88 36.96
N ASP C 93 50.19 -3.89 37.82
CA ASP C 93 51.40 -3.11 37.45
C ASP C 93 52.09 -3.78 36.26
N GLY C 94 52.26 -3.04 35.16
CA GLY C 94 52.82 -3.55 33.90
C GLY C 94 52.05 -4.73 33.32
N LEU C 95 50.79 -4.98 33.73
CA LEU C 95 49.95 -6.10 33.22
C LEU C 95 49.68 -5.84 31.74
N LYS C 96 49.80 -6.87 30.90
CA LYS C 96 49.70 -6.75 29.42
C LYS C 96 48.51 -7.59 28.94
N ALA C 97 48.03 -7.34 27.72
CA ALA C 97 46.92 -8.09 27.07
C ALA C 97 47.15 -9.58 27.29
N ARG C 98 46.11 -10.32 27.71
CA ARG C 98 46.12 -11.78 27.90
C ARG C 98 47.06 -12.16 29.06
N GLY C 99 47.37 -11.24 29.99
CA GLY C 99 48.22 -11.53 31.15
C GLY C 99 47.45 -12.20 32.28
N VAL C 100 46.11 -12.33 32.13
CA VAL C 100 45.24 -13.12 33.07
C VAL C 100 44.33 -14.03 32.25
N ASP C 101 43.97 -15.20 32.80
CA ASP C 101 43.13 -16.22 32.12
C ASP C 101 41.98 -16.62 33.02
N GLY C 102 40.89 -17.11 32.43
CA GLY C 102 39.74 -17.68 33.17
C GLY C 102 38.77 -16.60 33.60
N TRP C 103 37.79 -16.95 34.44
CA TRP C 103 36.71 -16.00 34.80
C TRP C 103 37.31 -14.73 35.41
N SER C 104 38.43 -14.79 36.16
CA SER C 104 39.04 -13.60 36.83
C SER C 104 39.59 -12.60 35.81
N ALA C 105 39.81 -13.00 34.57
CA ALA C 105 40.30 -12.08 33.50
C ALA C 105 39.26 -10.98 33.23
N TYR C 106 37.97 -11.20 33.52
CA TYR C 106 36.89 -10.24 33.14
C TYR C 106 36.98 -9.01 34.06
N PRO C 107 36.88 -9.17 35.40
CA PRO C 107 37.00 -8.00 36.28
C PRO C 107 38.44 -7.37 36.27
N THR C 108 39.50 -8.15 36.29
CA THR C 108 40.89 -7.59 36.28
C THR C 108 41.08 -6.72 35.00
N GLY C 109 40.62 -7.19 33.84
CA GLY C 109 40.74 -6.53 32.53
C GLY C 109 40.07 -5.17 32.43
N VAL C 110 39.04 -4.89 33.25
CA VAL C 110 38.33 -3.56 33.27
C VAL C 110 39.27 -2.53 33.89
N ALA C 111 39.91 -2.87 35.02
CA ALA C 111 40.89 -1.99 35.71
C ALA C 111 42.06 -1.63 34.78
N TRP C 112 42.67 -2.63 34.20
CA TRP C 112 43.61 -2.63 33.07
C TRP C 112 43.12 -1.71 31.95
N ALA C 113 41.88 -1.87 31.50
CA ALA C 113 41.32 -1.15 30.33
C ALA C 113 41.24 0.34 30.65
N LEU C 114 40.75 0.67 31.85
CA LEU C 114 40.71 2.07 32.32
C LEU C 114 42.14 2.65 32.41
N ARG C 115 43.09 1.90 32.98
CA ARG C 115 44.50 2.37 33.12
C ARG C 115 45.01 2.64 31.70
N GLN C 116 44.84 1.69 30.78
CA GLN C 116 45.27 1.87 29.37
C GLN C 116 44.62 3.12 28.76
N ALA C 117 43.39 3.46 29.12
CA ALA C 117 42.70 4.64 28.53
C ALA C 117 43.14 5.93 29.23
N GLY C 118 43.82 5.81 30.39
CA GLY C 118 44.48 6.93 31.09
C GLY C 118 43.96 7.21 32.48
N PHE C 119 43.13 6.35 33.07
CA PHE C 119 42.61 6.56 34.45
C PHE C 119 43.64 5.98 35.44
N ASP C 120 44.73 6.74 35.63
N ASP C 120 44.70 6.78 35.63
CA ASP C 120 45.86 6.37 36.53
CA ASP C 120 45.86 6.49 36.51
C ASP C 120 45.47 6.54 38.01
C ASP C 120 45.45 6.52 37.99
N LYS C 121 44.28 7.10 38.30
CA LYS C 121 43.63 7.00 39.63
C LYS C 121 43.30 5.52 39.93
N VAL C 122 43.04 4.73 38.89
CA VAL C 122 42.57 3.31 39.01
C VAL C 122 43.72 2.39 39.41
N LYS C 123 43.56 1.73 40.55
N LYS C 123 43.59 1.75 40.58
CA LYS C 123 44.53 0.76 41.13
CA LYS C 123 44.56 0.81 41.20
C LYS C 123 43.72 -0.43 41.70
C LYS C 123 43.87 -0.55 41.43
N GLY C 124 44.42 -1.37 42.34
CA GLY C 124 43.84 -2.64 42.77
C GLY C 124 42.51 -2.51 43.48
N PHE C 125 41.92 -3.66 43.71
CA PHE C 125 40.65 -3.86 44.42
C PHE C 125 40.50 -5.34 44.86
N ASP C 126 39.65 -5.53 45.85
CA ASP C 126 39.09 -6.82 46.30
C ASP C 126 37.61 -6.81 45.92
N ALA C 127 37.09 -7.90 45.35
CA ALA C 127 35.67 -7.97 44.95
C ALA C 127 35.13 -9.41 45.07
N ALA C 128 33.88 -9.53 45.52
CA ALA C 128 33.05 -10.74 45.63
C ALA C 128 31.90 -10.59 44.65
N PHE C 129 31.58 -11.70 43.98
CA PHE C 129 30.53 -11.81 42.97
C PHE C 129 29.50 -12.85 43.39
N VAL C 130 28.25 -12.41 43.30
CA VAL C 130 27.07 -13.31 43.32
C VAL C 130 26.16 -12.91 42.16
N SER C 131 25.75 -13.88 41.35
CA SER C 131 24.91 -13.63 40.16
C SER C 131 23.72 -14.60 40.13
N CYS C 132 22.66 -14.21 39.42
CA CYS C 132 21.56 -15.12 39.02
C CYS C 132 21.38 -15.03 37.51
N VAL C 133 22.38 -14.56 36.78
CA VAL C 133 22.38 -14.63 35.29
C VAL C 133 22.97 -15.99 34.96
N PRO C 134 22.17 -16.98 34.49
CA PRO C 134 22.67 -18.34 34.32
C PRO C 134 23.82 -18.45 33.30
N LEU C 135 24.97 -18.91 33.78
CA LEU C 135 26.12 -19.39 32.97
C LEU C 135 25.65 -20.27 31.78
N GLY C 136 26.25 -20.07 30.61
CA GLY C 136 25.98 -20.84 29.36
C GLY C 136 24.65 -20.56 28.69
N SER C 137 23.86 -19.60 29.20
N SER C 137 23.83 -19.63 29.21
CA SER C 137 22.47 -19.31 28.77
CA SER C 137 22.45 -19.33 28.74
C SER C 137 22.44 -18.42 27.54
C SER C 137 22.44 -18.44 27.50
N GLY C 138 23.56 -17.73 27.25
CA GLY C 138 23.62 -16.69 26.21
C GLY C 138 22.90 -15.42 26.62
N LEU C 139 22.71 -15.21 27.93
CA LEU C 139 22.04 -14.00 28.51
C LEU C 139 23.07 -13.04 29.12
N SER C 140 24.35 -13.21 28.76
CA SER C 140 25.47 -12.26 28.97
C SER C 140 25.86 -12.14 30.44
N SER C 141 26.14 -13.26 31.10
N SER C 141 26.07 -13.29 31.10
CA SER C 141 26.78 -13.25 32.45
CA SER C 141 26.83 -13.40 32.38
C SER C 141 28.15 -12.57 32.36
C SER C 141 28.07 -12.51 32.29
N SER C 142 28.84 -12.68 31.22
CA SER C 142 30.12 -11.95 30.98
C SER C 142 29.91 -10.42 31.04
N ALA C 143 28.97 -9.83 30.30
CA ALA C 143 28.76 -8.34 30.31
C ALA C 143 28.30 -7.86 31.68
N ALA C 144 27.51 -8.66 32.41
CA ALA C 144 27.00 -8.27 33.75
C ALA C 144 28.20 -8.17 34.72
N MET C 145 29.19 -9.05 34.55
CA MET C 145 30.46 -9.05 35.33
C MET C 145 31.31 -7.82 34.96
N THR C 146 31.65 -7.68 33.67
CA THR C 146 32.52 -6.53 33.24
C THR C 146 31.88 -5.15 33.56
N CYS C 147 30.60 -4.94 33.23
N CYS C 147 30.60 -4.92 33.27
CA CYS C 147 29.91 -3.63 33.45
CA CYS C 147 29.98 -3.57 33.45
C CYS C 147 29.75 -3.33 34.94
C CYS C 147 29.55 -3.30 34.91
N SER C 148 29.43 -4.34 35.75
CA SER C 148 29.27 -4.15 37.22
C SER C 148 30.64 -3.72 37.73
N THR C 149 31.66 -4.44 37.27
CA THR C 149 33.04 -4.13 37.66
C THR C 149 33.32 -2.69 37.19
N ALA C 150 33.02 -2.34 35.94
CA ALA C 150 33.29 -0.98 35.38
C ALA C 150 32.56 0.07 36.21
N LEU C 151 31.29 -0.19 36.57
CA LEU C 151 30.50 0.81 37.36
C LEU C 151 31.15 1.04 38.74
N ALA C 152 31.46 -0.07 39.44
CA ALA C 152 32.05 -0.06 40.80
C ALA C 152 33.39 0.68 40.75
N LEU C 153 34.25 0.34 39.80
CA LEU C 153 35.58 1.03 39.72
C LEU C 153 35.36 2.55 39.50
N ASP C 154 34.59 2.97 38.49
CA ASP C 154 34.26 4.40 38.18
C ASP C 154 33.75 5.17 39.41
N ASP C 155 32.91 4.54 40.24
CA ASP C 155 32.31 5.05 41.51
C ASP C 155 33.46 5.27 42.54
N VAL C 156 34.21 4.22 42.90
CA VAL C 156 35.22 4.32 44.03
C VAL C 156 36.46 5.16 43.66
N TYR C 157 36.84 5.30 42.37
CA TYR C 157 37.94 6.26 42.01
C TYR C 157 37.37 7.55 41.39
N GLY C 158 36.08 7.79 41.64
CA GLY C 158 35.26 8.88 41.09
C GLY C 158 35.77 9.36 39.74
N LEU C 159 35.76 8.53 38.69
CA LEU C 159 36.16 9.02 37.33
C LEU C 159 35.06 9.95 36.79
N GLY C 160 33.80 9.76 37.24
CA GLY C 160 32.68 10.64 36.90
C GLY C 160 32.11 10.31 35.54
N TYR C 161 32.06 9.02 35.17
CA TYR C 161 31.51 8.57 33.86
C TYR C 161 30.25 7.71 34.08
N GLY C 162 29.93 7.34 35.30
CA GLY C 162 28.80 6.45 35.61
C GLY C 162 27.50 7.22 35.64
N ASP C 163 27.58 8.51 35.92
CA ASP C 163 26.47 9.46 36.24
C ASP C 163 25.53 9.72 35.05
N SER C 164 26.02 9.56 33.80
CA SER C 164 25.30 9.90 32.54
C SER C 164 25.38 8.74 31.56
N ASP C 165 24.47 8.75 30.58
CA ASP C 165 24.39 7.70 29.53
C ASP C 165 25.61 7.83 28.60
N ALA C 166 25.95 9.06 28.23
CA ALA C 166 27.07 9.35 27.31
C ALA C 166 28.41 9.01 27.97
N GLY C 167 28.58 9.24 29.28
CA GLY C 167 29.76 8.85 30.07
C GLY C 167 29.86 7.35 30.21
N ARG C 168 28.70 6.67 30.25
CA ARG C 168 28.68 5.20 30.45
C ARG C 168 29.27 4.49 29.23
N VAL C 169 29.31 5.16 28.07
CA VAL C 169 29.97 4.58 26.87
C VAL C 169 31.48 4.40 27.16
N THR C 170 32.08 5.21 28.04
CA THR C 170 33.52 5.09 28.45
C THR C 170 33.69 3.78 29.24
N LEU C 171 32.79 3.51 30.19
CA LEU C 171 32.73 2.24 31.00
C LEU C 171 32.41 1.05 30.08
N ILE C 172 31.44 1.18 29.18
CA ILE C 172 31.14 0.12 28.19
C ILE C 172 32.42 -0.22 27.41
N ASN C 173 33.11 0.77 26.86
CA ASN C 173 34.29 0.47 26.01
C ASN C 173 35.39 -0.24 26.81
N ALA C 174 35.55 0.08 28.10
CA ALA C 174 36.50 -0.63 28.99
C ALA C 174 36.07 -2.10 29.17
N ALA C 175 34.77 -2.32 29.34
CA ALA C 175 34.21 -3.67 29.56
C ALA C 175 34.37 -4.49 28.27
N ILE C 176 34.05 -3.95 27.09
CA ILE C 176 34.31 -4.58 25.74
C ILE C 176 35.80 -4.97 25.68
N LYS C 177 36.68 -4.06 26.11
CA LYS C 177 38.16 -4.17 25.94
C LYS C 177 38.71 -5.25 26.88
N SER C 178 38.27 -5.28 28.16
CA SER C 178 38.59 -6.42 29.06
C SER C 178 38.26 -7.75 28.37
N GLU C 179 37.02 -7.88 27.86
CA GLU C 179 36.49 -9.17 27.37
C GLU C 179 37.32 -9.60 26.12
N ASN C 180 37.52 -8.68 25.18
CA ASN C 180 38.22 -8.89 23.89
C ASN C 180 39.72 -9.13 24.07
N GLU C 181 40.38 -8.27 24.83
CA GLU C 181 41.85 -8.11 24.74
C GLU C 181 42.57 -8.61 25.98
N MET C 182 41.84 -8.78 27.09
CA MET C 182 42.41 -9.31 28.35
C MET C 182 41.98 -10.79 28.47
N ALA C 183 40.67 -11.11 28.34
CA ALA C 183 40.17 -12.51 28.40
C ALA C 183 40.31 -13.23 27.06
N GLY C 184 40.44 -12.50 25.95
CA GLY C 184 40.59 -13.08 24.60
C GLY C 184 39.32 -13.76 24.10
N ALA C 185 38.15 -13.18 24.44
CA ALA C 185 36.81 -13.64 23.97
C ALA C 185 36.21 -12.56 23.06
N SER C 186 35.94 -12.91 21.81
CA SER C 186 35.40 -11.96 20.80
C SER C 186 34.00 -11.50 21.23
N THR C 187 33.71 -10.19 21.15
CA THR C 187 32.41 -9.52 21.51
C THR C 187 32.19 -8.23 20.69
N GLY C 188 30.94 -7.92 20.27
CA GLY C 188 30.61 -6.84 19.30
C GLY C 188 29.99 -5.52 19.81
N GLY C 189 29.61 -5.41 21.09
CA GLY C 189 29.03 -4.19 21.72
C GLY C 189 27.63 -4.34 22.34
N LEU C 190 26.77 -5.21 21.79
CA LEU C 190 25.32 -5.35 22.16
C LEU C 190 25.15 -5.43 23.69
N ASP C 191 25.84 -6.37 24.30
CA ASP C 191 25.50 -6.90 25.66
C ASP C 191 25.80 -5.88 26.75
N GLN C 192 26.88 -5.11 26.52
CA GLN C 192 27.45 -4.07 27.42
C GLN C 192 26.59 -2.78 27.28
N ASN C 193 26.24 -2.36 26.06
CA ASN C 193 25.20 -1.30 25.84
C ASN C 193 23.87 -1.69 26.52
N ALA C 194 23.35 -2.90 26.29
CA ALA C 194 22.12 -3.33 27.02
C ALA C 194 22.34 -3.13 28.51
N SER C 195 23.45 -3.63 29.04
CA SER C 195 23.70 -3.72 30.51
C SER C 195 23.69 -2.32 31.13
N MET C 196 24.26 -1.36 30.42
CA MET C 196 24.55 -0.02 30.95
C MET C 196 23.49 1.00 30.46
N ARG C 197 22.66 0.70 29.46
CA ARG C 197 21.82 1.74 28.82
C ARG C 197 20.33 1.39 28.71
N CYS C 198 19.91 0.14 28.89
CA CYS C 198 18.47 -0.24 28.91
C CYS C 198 17.72 0.48 30.05
N THR C 199 16.42 0.72 29.89
CA THR C 199 15.56 1.34 30.95
C THR C 199 14.42 0.35 31.23
N GLU C 200 13.77 0.49 32.40
N GLU C 200 13.78 0.48 32.40
CA GLU C 200 12.64 -0.36 32.83
CA GLU C 200 12.65 -0.40 32.79
C GLU C 200 11.48 -0.09 31.85
C GLU C 200 11.50 -0.10 31.83
N GLY C 201 10.80 -1.14 31.37
CA GLY C 201 9.62 -0.98 30.49
C GLY C 201 9.95 -0.61 29.05
N HIS C 202 11.21 -0.62 28.64
CA HIS C 202 11.68 -0.20 27.30
C HIS C 202 12.70 -1.22 26.76
N ALA C 203 12.63 -1.46 25.46
CA ALA C 203 13.69 -2.09 24.66
C ALA C 203 14.63 -1.00 24.15
N LEU C 204 15.89 -1.34 23.97
CA LEU C 204 16.92 -0.40 23.49
C LEU C 204 17.11 -0.58 21.99
N LEU C 205 16.52 0.28 21.15
CA LEU C 205 16.86 0.31 19.70
C LEU C 205 18.27 0.91 19.51
N LEU C 206 19.22 0.00 19.39
CA LEU C 206 20.67 0.35 19.35
C LEU C 206 21.16 0.36 17.91
N ASP C 207 21.80 1.43 17.54
CA ASP C 207 22.32 1.62 16.17
C ASP C 207 23.84 1.66 16.23
N CYS C 208 24.52 0.64 15.71
CA CYS C 208 25.95 0.39 15.97
C CYS C 208 26.82 1.05 14.87
N ARG C 209 26.28 2.04 14.16
CA ARG C 209 27.08 2.82 13.16
C ARG C 209 28.11 3.68 13.90
N PRO C 210 29.41 3.54 13.58
CA PRO C 210 30.45 4.22 14.33
C PRO C 210 30.42 5.76 14.38
N GLU C 211 29.90 6.41 13.33
CA GLU C 211 29.82 7.89 13.18
C GLU C 211 28.76 8.48 14.12
N LEU C 212 27.85 7.67 14.67
CA LEU C 212 26.76 8.15 15.55
C LEU C 212 27.38 8.51 16.91
N THR C 213 26.95 9.62 17.51
CA THR C 213 27.27 10.00 18.91
C THR C 213 26.46 9.13 19.86
N PRO C 214 26.78 9.12 21.17
CA PRO C 214 25.95 8.34 22.09
C PRO C 214 24.49 8.81 22.16
N LEU C 215 24.25 10.10 21.96
CA LEU C 215 22.87 10.63 22.05
C LEU C 215 22.09 10.28 20.77
N GLU C 216 22.80 10.08 19.65
CA GLU C 216 22.24 9.66 18.33
C GLU C 216 22.03 8.12 18.24
N ASN C 217 22.68 7.25 19.04
CA ASN C 217 22.75 5.79 18.69
C ASN C 217 21.82 4.92 19.54
N VAL C 218 21.05 5.50 20.45
CA VAL C 218 19.99 4.73 21.18
C VAL C 218 18.64 5.47 21.13
N SER C 219 17.59 4.70 20.92
CA SER C 219 16.21 5.16 21.14
C SER C 219 15.52 4.13 22.02
N GLN C 220 14.93 4.55 23.12
CA GLN C 220 14.14 3.71 24.05
C GLN C 220 12.77 3.43 23.42
N GLN C 221 12.43 2.17 23.21
CA GLN C 221 11.14 1.77 22.61
C GLN C 221 10.27 1.19 23.71
N GLU C 222 9.05 1.68 23.86
CA GLU C 222 8.11 1.07 24.83
C GLU C 222 8.02 -0.44 24.56
N PHE C 223 8.11 -1.23 25.62
CA PHE C 223 7.99 -2.70 25.57
C PHE C 223 7.27 -3.16 26.82
N ASP C 224 5.99 -2.79 26.93
CA ASP C 224 5.10 -3.12 28.07
C ASP C 224 4.31 -4.36 27.65
N LEU C 225 4.70 -5.55 28.12
CA LEU C 225 4.06 -6.83 27.74
C LEU C 225 2.65 -6.92 28.34
N ASP C 226 2.44 -6.36 29.54
CA ASP C 226 1.11 -6.42 30.23
C ASP C 226 0.06 -5.64 29.42
N LYS C 227 0.45 -4.53 28.77
CA LYS C 227 -0.46 -3.73 27.89
C LYS C 227 -1.16 -4.65 26.88
N TYR C 228 -0.47 -5.69 26.39
CA TYR C 228 -0.99 -6.60 25.34
C TYR C 228 -1.32 -7.96 25.95
N ASN C 229 -1.34 -8.08 27.29
CA ASN C 229 -1.56 -9.35 28.05
C ASN C 229 -0.69 -10.45 27.45
N LEU C 230 0.61 -10.16 27.35
CA LEU C 230 1.66 -11.05 26.80
C LEU C 230 2.66 -11.40 27.90
N GLU C 231 3.44 -12.43 27.65
CA GLU C 231 4.57 -12.90 28.49
C GLU C 231 5.71 -13.26 27.54
N LEU C 232 6.93 -12.88 27.92
CA LEU C 232 8.16 -13.29 27.21
C LEU C 232 8.72 -14.52 27.91
N LEU C 233 8.48 -15.70 27.33
CA LEU C 233 9.13 -16.95 27.80
C LEU C 233 10.62 -16.93 27.46
N VAL C 234 11.49 -17.11 28.45
CA VAL C 234 12.93 -17.38 28.14
C VAL C 234 13.26 -18.79 28.61
N VAL C 235 13.75 -19.63 27.71
CA VAL C 235 14.13 -21.02 28.04
C VAL C 235 15.61 -21.22 27.72
N ASP C 236 16.38 -21.58 28.75
CA ASP C 236 17.81 -21.96 28.67
C ASP C 236 17.85 -23.47 28.40
N THR C 237 18.32 -23.83 27.20
CA THR C 237 18.33 -25.23 26.73
C THR C 237 19.26 -26.06 27.60
N GLN C 238 20.32 -25.44 28.12
CA GLN C 238 21.41 -26.15 28.84
C GLN C 238 22.08 -27.12 27.86
N ALA C 239 21.99 -26.82 26.58
CA ALA C 239 22.72 -27.56 25.52
C ALA C 239 24.21 -27.45 25.81
N PRO C 240 25.01 -28.53 25.65
CA PRO C 240 26.44 -28.45 25.92
C PRO C 240 27.04 -27.48 24.87
N HIS C 241 27.83 -26.50 25.27
CA HIS C 241 28.64 -25.74 24.28
C HIS C 241 29.87 -25.10 24.92
N GLN C 242 30.73 -24.57 24.06
CA GLN C 242 31.97 -23.88 24.43
C GLN C 242 32.01 -22.46 23.83
N LEU C 243 31.91 -21.45 24.67
CA LEU C 243 32.35 -20.06 24.36
C LEU C 243 33.81 -20.07 23.94
N ASN C 244 34.19 -19.22 22.98
CA ASN C 244 35.59 -19.08 22.47
C ASN C 244 36.06 -20.34 21.75
N ASP C 245 35.14 -21.17 21.31
CA ASP C 245 35.50 -22.32 20.45
C ASP C 245 35.92 -21.85 19.05
N GLY C 246 35.75 -20.56 18.73
CA GLY C 246 36.14 -20.01 17.42
C GLY C 246 34.98 -19.95 16.40
N GLN C 247 33.82 -20.56 16.60
N GLN C 247 33.82 -20.54 16.71
CA GLN C 247 32.70 -20.40 15.60
CA GLN C 247 32.60 -20.52 15.84
C GLN C 247 32.26 -18.92 15.65
C GLN C 247 32.07 -19.07 15.73
N TYR C 248 32.08 -18.29 16.82
CA TYR C 248 31.69 -16.83 16.85
C TYR C 248 32.72 -16.02 16.06
N ALA C 249 34.02 -16.17 16.38
CA ALA C 249 35.13 -15.48 15.67
C ALA C 249 35.03 -15.66 14.14
N GLN C 250 34.73 -16.88 13.63
CA GLN C 250 34.70 -17.21 12.18
C GLN C 250 33.57 -16.40 11.54
N ARG C 251 32.39 -16.33 12.15
CA ARG C 251 31.25 -15.52 11.62
C ARG C 251 31.71 -14.07 11.37
N ARG C 252 32.36 -13.48 12.38
CA ARG C 252 32.84 -12.08 12.33
C ARG C 252 33.83 -11.95 11.16
N ALA C 253 34.79 -12.87 11.13
CA ALA C 253 35.83 -12.91 10.10
C ALA C 253 35.14 -13.05 8.71
N THR C 254 34.11 -13.85 8.57
CA THR C 254 33.39 -13.99 7.26
C THR C 254 32.74 -12.67 6.90
N CYS C 255 32.11 -11.98 7.85
CA CYS C 255 31.42 -10.68 7.57
C CYS C 255 32.43 -9.61 7.17
N GLU C 256 33.56 -9.55 7.88
CA GLU C 256 34.64 -8.56 7.66
C GLU C 256 35.11 -8.72 6.21
N GLU C 257 35.33 -9.98 5.77
CA GLU C 257 35.86 -10.30 4.43
C GLU C 257 34.82 -9.92 3.39
N ALA C 258 33.55 -10.17 3.68
CA ALA C 258 32.43 -9.76 2.82
C ALA C 258 32.46 -8.24 2.60
N ALA C 259 32.66 -7.44 3.64
CA ALA C 259 32.65 -5.97 3.53
C ALA C 259 33.86 -5.61 2.66
N LYS C 260 35.03 -6.20 2.94
CA LYS C 260 36.26 -6.00 2.12
C LYS C 260 35.95 -6.29 0.64
N ILE C 261 35.48 -7.50 0.31
CA ILE C 261 35.07 -7.90 -1.07
C ILE C 261 34.11 -6.84 -1.67
N LEU C 262 33.17 -6.29 -0.91
CA LEU C 262 32.10 -5.39 -1.43
C LEU C 262 32.55 -3.93 -1.49
N GLY C 263 33.67 -3.59 -0.84
CA GLY C 263 34.22 -2.22 -0.84
C GLY C 263 33.37 -1.33 0.03
N VAL C 264 32.86 -1.86 1.14
CA VAL C 264 32.10 -1.06 2.15
C VAL C 264 32.78 -1.14 3.52
N ALA C 265 32.61 -0.11 4.35
CA ALA C 265 33.23 0.04 5.68
C ALA C 265 32.60 -1.02 6.60
N ASN C 266 31.35 -1.42 6.28
CA ASN C 266 30.58 -2.36 7.12
C ASN C 266 29.33 -2.79 6.35
N LEU C 267 28.74 -3.94 6.72
CA LEU C 267 27.61 -4.52 5.95
C LEU C 267 26.37 -3.64 6.09
N ARG C 268 26.38 -2.73 7.06
CA ARG C 268 25.21 -1.92 7.36
C ARG C 268 25.12 -0.90 6.21
N VAL C 269 26.23 -0.60 5.54
CA VAL C 269 26.21 0.23 4.31
C VAL C 269 25.46 -0.51 3.20
N THR C 270 25.85 -1.77 2.93
CA THR C 270 25.24 -2.68 1.93
C THR C 270 23.75 -2.77 2.24
N ALA C 271 23.41 -2.89 3.51
CA ALA C 271 22.06 -3.30 3.94
C ALA C 271 21.15 -2.11 3.71
N ASP C 272 21.60 -0.90 4.06
CA ASP C 272 20.78 0.30 3.82
C ASP C 272 20.62 0.61 2.30
N GLY C 273 21.67 0.36 1.49
CA GLY C 273 21.59 0.44 0.02
C GLY C 273 20.45 -0.38 -0.53
N ILE C 274 20.39 -1.67 -0.18
CA ILE C 274 19.33 -2.65 -0.60
C ILE C 274 17.96 -2.15 -0.11
N SER C 275 17.86 -1.75 1.16
CA SER C 275 16.59 -1.34 1.81
C SER C 275 15.98 -0.14 1.07
N LYS C 276 16.79 0.75 0.52
CA LYS C 276 16.35 2.03 -0.09
C LYS C 276 15.87 1.83 -1.53
N ALA C 277 16.23 0.71 -2.17
CA ALA C 277 15.91 0.41 -3.58
C ALA C 277 14.42 0.05 -3.74
N ASP C 278 13.84 0.37 -4.91
CA ASP C 278 12.43 0.00 -5.19
C ASP C 278 12.28 -1.52 -5.20
N ASP C 279 13.18 -2.20 -5.89
CA ASP C 279 13.19 -3.68 -6.05
C ASP C 279 14.23 -4.22 -5.07
N GLN C 280 13.82 -4.56 -3.84
CA GLN C 280 14.79 -4.99 -2.80
C GLN C 280 15.35 -6.34 -3.27
N PHE C 281 14.52 -7.20 -3.88
CA PHE C 281 14.91 -8.56 -4.34
C PHE C 281 16.09 -8.42 -5.32
N GLN C 282 16.01 -7.45 -6.24
CA GLN C 282 17.05 -7.33 -7.30
C GLN C 282 18.35 -6.70 -6.72
N ALA C 283 18.23 -5.73 -5.82
CA ALA C 283 19.38 -5.15 -5.08
C ALA C 283 20.14 -6.23 -4.28
N LEU C 284 19.43 -7.14 -3.61
CA LEU C 284 20.07 -8.23 -2.85
C LEU C 284 20.75 -9.17 -3.86
N LYS C 285 20.08 -9.50 -4.94
CA LYS C 285 20.59 -10.49 -5.91
C LYS C 285 21.94 -10.00 -6.49
N GLU C 286 22.05 -8.71 -6.86
CA GLU C 286 23.26 -8.07 -7.47
C GLU C 286 24.37 -7.99 -6.38
N THR C 287 24.03 -7.93 -5.08
CA THR C 287 25.02 -7.97 -3.96
C THR C 287 25.53 -9.41 -3.78
N LEU C 288 24.61 -10.36 -3.71
CA LEU C 288 25.05 -11.76 -3.47
C LEU C 288 25.89 -12.24 -4.67
N ASP C 289 25.59 -11.78 -5.91
CA ASP C 289 26.28 -12.26 -7.14
C ASP C 289 27.73 -11.79 -7.05
N ALA C 290 28.00 -10.73 -6.32
CA ALA C 290 29.39 -10.26 -6.12
C ALA C 290 30.17 -11.18 -5.18
N LEU C 291 29.52 -12.06 -4.43
CA LEU C 291 30.19 -12.83 -3.37
C LEU C 291 30.52 -14.21 -3.89
N PRO C 292 31.81 -14.62 -3.86
CA PRO C 292 32.22 -15.82 -4.57
C PRO C 292 31.42 -16.96 -3.93
N ASP C 293 31.63 -17.25 -2.64
CA ASP C 293 31.22 -18.59 -2.14
C ASP C 293 29.81 -18.61 -1.51
N GLU C 294 29.20 -19.79 -1.62
CA GLU C 294 27.86 -20.16 -1.10
C GLU C 294 27.69 -19.64 0.35
N THR C 295 28.69 -19.81 1.23
CA THR C 295 28.50 -19.63 2.70
C THR C 295 28.49 -18.12 2.95
N MET C 296 29.30 -17.36 2.21
N MET C 296 29.33 -17.36 2.22
CA MET C 296 29.39 -15.90 2.48
CA MET C 296 29.45 -15.89 2.40
C MET C 296 28.10 -15.21 2.01
C MET C 296 28.11 -15.23 2.00
N LYS C 297 27.52 -15.68 0.90
CA LYS C 297 26.18 -15.25 0.42
C LYS C 297 25.16 -15.40 1.55
N LYS C 298 25.17 -16.58 2.20
CA LYS C 298 24.20 -16.97 3.23
C LYS C 298 24.31 -16.03 4.43
N ARG C 299 25.52 -15.86 4.95
CA ARG C 299 25.82 -14.91 6.05
C ARG C 299 25.38 -13.48 5.69
N VAL C 300 25.68 -13.00 4.49
CA VAL C 300 25.34 -11.59 4.11
C VAL C 300 23.82 -11.50 4.01
N ARG C 301 23.13 -12.52 3.47
CA ARG C 301 21.63 -12.51 3.37
C ARG C 301 21.07 -12.27 4.77
N HIS C 302 21.64 -12.97 5.74
N HIS C 302 21.68 -12.95 5.75
CA HIS C 302 21.14 -12.91 7.14
CA HIS C 302 21.19 -12.92 7.14
C HIS C 302 21.27 -11.47 7.63
C HIS C 302 21.32 -11.52 7.71
N VAL C 303 22.47 -10.84 7.50
CA VAL C 303 22.73 -9.51 8.11
C VAL C 303 21.77 -8.47 7.46
N VAL C 304 21.72 -8.49 6.13
CA VAL C 304 20.81 -7.55 5.41
C VAL C 304 19.37 -7.75 5.88
N THR C 305 18.83 -8.96 5.89
CA THR C 305 17.38 -9.16 6.21
C THR C 305 17.17 -8.89 7.70
N GLU C 306 18.18 -9.17 8.53
CA GLU C 306 18.00 -9.03 10.01
C GLU C 306 17.94 -7.53 10.33
N ILE C 307 18.68 -6.68 9.64
CA ILE C 307 18.68 -5.24 10.06
C ILE C 307 17.28 -4.69 9.77
N GLU C 308 16.75 -5.03 8.59
CA GLU C 308 15.42 -4.52 8.13
C GLU C 308 14.38 -5.21 9.06
N ARG C 309 14.60 -6.45 9.56
CA ARG C 309 13.62 -7.02 10.51
C ARG C 309 13.59 -6.19 11.79
N VAL C 310 14.68 -5.52 12.22
CA VAL C 310 14.58 -4.75 13.49
C VAL C 310 13.69 -3.53 13.25
N ARG C 311 13.88 -2.80 12.15
CA ARG C 311 12.97 -1.71 11.77
C ARG C 311 11.52 -2.25 11.79
N SER C 312 11.27 -3.43 11.21
CA SER C 312 9.88 -3.96 11.02
C SER C 312 9.30 -4.38 12.38
N PHE C 313 10.16 -4.79 13.33
CA PHE C 313 9.73 -5.19 14.69
C PHE C 313 9.34 -3.94 15.51
N VAL C 314 10.15 -2.88 15.44
CA VAL C 314 9.94 -1.57 16.13
C VAL C 314 8.57 -0.99 15.73
N ARG C 315 8.25 -1.06 14.44
CA ARG C 315 6.97 -0.58 13.85
C ARG C 315 5.80 -1.42 14.35
N ALA C 316 5.89 -2.75 14.20
CA ALA C 316 4.81 -3.68 14.57
C ALA C 316 4.51 -3.55 16.06
N PHE C 317 5.53 -3.56 16.94
CA PHE C 317 5.27 -3.60 18.40
C PHE C 317 4.62 -2.26 18.80
N ALA C 318 5.05 -1.14 18.21
CA ALA C 318 4.47 0.20 18.47
C ALA C 318 3.01 0.27 17.98
N GLN C 319 2.68 -0.52 16.95
CA GLN C 319 1.32 -0.60 16.35
C GLN C 319 0.46 -1.66 17.06
N GLY C 320 1.02 -2.40 18.01
CA GLY C 320 0.26 -3.40 18.79
C GLY C 320 -0.08 -4.59 17.93
N ASP C 321 0.59 -4.73 16.79
CA ASP C 321 0.46 -5.88 15.85
C ASP C 321 1.36 -7.01 16.36
N ILE C 322 0.85 -7.79 17.32
CA ILE C 322 1.69 -8.77 18.06
C ILE C 322 1.93 -9.93 17.09
N LYS C 323 0.98 -10.19 16.19
CA LYS C 323 1.06 -11.37 15.30
C LYS C 323 2.17 -11.11 14.29
N ALA C 324 2.31 -9.85 13.82
CA ALA C 324 3.42 -9.45 12.93
C ALA C 324 4.73 -9.49 13.73
N ALA C 325 4.71 -9.16 15.01
CA ALA C 325 5.96 -9.17 15.84
C ALA C 325 6.46 -10.61 15.98
N GLY C 326 5.55 -11.54 16.23
CA GLY C 326 5.91 -12.96 16.33
C GLY C 326 6.49 -13.47 15.02
N ARG C 327 5.84 -13.19 13.89
CA ARG C 327 6.36 -13.62 12.56
C ARG C 327 7.79 -13.06 12.33
N LEU C 328 8.11 -11.85 12.85
CA LEU C 328 9.47 -11.26 12.74
C LEU C 328 10.47 -11.98 13.67
N PHE C 329 10.05 -12.47 14.85
CA PHE C 329 10.88 -13.37 15.70
C PHE C 329 11.12 -14.65 14.90
N ASN C 330 10.07 -15.19 14.27
CA ASN C 330 10.12 -16.49 13.56
C ASN C 330 11.13 -16.37 12.40
N ALA C 331 11.12 -15.26 11.65
CA ALA C 331 11.98 -15.07 10.45
C ALA C 331 13.45 -14.89 10.88
N SER C 332 13.69 -14.18 11.99
CA SER C 332 15.03 -14.05 12.61
C SER C 332 15.60 -15.44 12.93
N HIS C 333 14.85 -16.25 13.65
CA HIS C 333 15.29 -17.61 14.01
C HIS C 333 15.62 -18.40 12.74
N ASP C 334 14.69 -18.47 11.80
CA ASP C 334 14.86 -19.27 10.56
C ASP C 334 16.10 -18.81 9.79
N SER C 335 16.40 -17.50 9.80
CA SER C 335 17.59 -16.91 9.12
C SER C 335 18.88 -17.33 9.87
N LEU C 336 18.83 -17.33 11.20
CA LEU C 336 19.93 -17.75 12.07
C LEU C 336 20.21 -19.25 11.87
N ALA C 337 19.19 -20.07 11.72
CA ALA C 337 19.36 -21.51 11.52
C ALA C 337 19.87 -21.84 10.12
N ALA C 338 19.35 -21.21 9.08
CA ALA C 338 19.54 -21.63 7.66
C ALA C 338 20.71 -20.86 7.06
N ASP C 339 20.76 -19.54 7.28
CA ASP C 339 21.68 -18.64 6.57
C ASP C 339 22.91 -18.35 7.43
N TYR C 340 22.78 -18.10 8.74
CA TYR C 340 23.95 -17.81 9.61
C TYR C 340 24.59 -19.08 10.19
N GLU C 341 23.82 -20.16 10.24
CA GLU C 341 24.17 -21.50 10.76
C GLU C 341 24.74 -21.43 12.18
N VAL C 342 24.07 -20.71 13.08
CA VAL C 342 24.50 -20.63 14.50
C VAL C 342 23.48 -21.32 15.40
N THR C 343 22.64 -22.25 14.91
CA THR C 343 21.69 -22.99 15.80
C THR C 343 22.18 -24.42 16.02
N VAL C 344 21.56 -25.10 16.98
CA VAL C 344 21.88 -26.51 17.34
C VAL C 344 20.53 -27.19 17.54
N PRO C 345 20.44 -28.52 17.48
CA PRO C 345 19.10 -29.14 17.61
C PRO C 345 18.34 -28.68 18.85
N GLU C 346 19.02 -28.39 19.97
CA GLU C 346 18.29 -28.00 21.21
C GLU C 346 17.50 -26.72 20.92
N LEU C 347 18.11 -25.74 20.27
CA LEU C 347 17.44 -24.44 20.03
C LEU C 347 16.29 -24.68 19.05
N ASP C 348 16.55 -25.38 17.96
CA ASP C 348 15.61 -25.50 16.81
C ASP C 348 14.38 -26.27 17.30
N ILE C 349 14.58 -27.28 18.12
CA ILE C 349 13.46 -28.09 18.69
C ILE C 349 12.65 -27.29 19.71
N ALA C 350 13.28 -26.57 20.64
CA ALA C 350 12.55 -25.71 21.60
C ALA C 350 11.66 -24.73 20.82
N VAL C 351 12.24 -24.07 19.83
CA VAL C 351 11.46 -23.12 18.99
C VAL C 351 10.28 -23.84 18.32
N ASP C 352 10.49 -25.06 17.77
CA ASP C 352 9.43 -25.80 17.05
C ASP C 352 8.33 -26.08 18.05
N VAL C 353 8.67 -26.45 19.29
CA VAL C 353 7.64 -26.87 20.29
C VAL C 353 6.81 -25.64 20.64
N ALA C 354 7.47 -24.49 20.78
CA ALA C 354 6.86 -23.19 21.19
C ALA C 354 5.85 -22.74 20.13
N ARG C 355 6.30 -22.66 18.87
CA ARG C 355 5.44 -22.45 17.67
C ARG C 355 4.24 -23.42 17.59
N LYS C 356 4.46 -24.71 17.79
CA LYS C 356 3.39 -25.73 17.70
C LYS C 356 2.48 -25.69 18.94
N ASN C 357 2.75 -24.81 19.91
N ASN C 357 2.75 -24.86 19.94
CA ASN C 357 1.99 -24.76 21.18
CA ASN C 357 1.91 -24.79 21.17
C ASN C 357 1.36 -23.39 21.41
C ASN C 357 1.56 -23.33 21.45
N GLY C 358 1.37 -22.53 20.38
CA GLY C 358 0.60 -21.28 20.38
C GLY C 358 1.41 -19.99 20.56
N ALA C 359 2.75 -20.04 20.55
CA ALA C 359 3.60 -18.82 20.60
C ALA C 359 3.33 -18.00 19.33
N TYR C 360 3.19 -16.70 19.52
CA TYR C 360 3.18 -15.71 18.41
C TYR C 360 4.47 -15.82 17.61
N GLY C 361 5.61 -15.95 18.29
CA GLY C 361 6.87 -16.26 17.64
C GLY C 361 7.90 -16.67 18.69
N ALA C 362 8.95 -17.32 18.23
CA ALA C 362 10.04 -17.89 19.05
C ALA C 362 11.32 -17.88 18.24
N ARG C 363 12.45 -17.71 18.93
CA ARG C 363 13.80 -17.56 18.33
C ARG C 363 14.87 -17.82 19.43
N MET C 364 16.00 -18.38 19.04
CA MET C 364 17.26 -18.29 19.82
C MET C 364 17.54 -16.79 20.09
N THR C 365 18.21 -16.44 21.19
CA THR C 365 18.68 -15.05 21.47
C THR C 365 20.15 -15.22 21.82
N GLY C 366 20.92 -14.18 21.60
CA GLY C 366 22.37 -14.21 21.85
C GLY C 366 23.15 -14.72 20.64
N GLY C 367 24.40 -15.12 20.88
CA GLY C 367 25.34 -15.49 19.80
C GLY C 367 24.98 -16.82 19.16
N GLY C 368 24.26 -17.67 19.90
CA GLY C 368 23.83 -19.00 19.45
C GLY C 368 24.78 -20.12 19.85
N PHE C 369 24.77 -21.24 19.12
CA PHE C 369 25.61 -22.45 19.33
C PHE C 369 25.20 -23.19 20.60
N GLY C 370 24.06 -22.81 21.19
CA GLY C 370 23.53 -23.24 22.48
C GLY C 370 22.75 -22.11 23.08
N GLY C 371 22.62 -22.09 24.41
CA GLY C 371 21.97 -20.97 25.11
C GLY C 371 20.45 -21.05 25.03
N SER C 372 19.83 -19.90 24.90
CA SER C 372 18.42 -19.70 25.29
C SER C 372 17.64 -19.39 24.02
N ILE C 373 16.36 -19.71 24.08
CA ILE C 373 15.33 -19.21 23.14
C ILE C 373 14.43 -18.25 23.91
N ILE C 374 13.76 -17.36 23.15
CA ILE C 374 12.64 -16.54 23.65
C ILE C 374 11.36 -16.78 22.83
N ALA C 375 10.21 -16.48 23.42
CA ALA C 375 8.91 -16.67 22.75
C ALA C 375 7.91 -15.69 23.33
N LEU C 376 7.25 -14.93 22.43
CA LEU C 376 6.10 -14.04 22.73
C LEU C 376 4.87 -14.94 22.83
N VAL C 377 4.26 -14.98 24.00
CA VAL C 377 3.15 -15.93 24.30
C VAL C 377 2.08 -15.15 25.03
N ASP C 378 0.84 -15.67 25.00
CA ASP C 378 -0.25 -15.17 25.84
C ASP C 378 0.20 -15.20 27.30
N LYS C 379 -0.08 -14.12 28.03
CA LYS C 379 0.19 -14.04 29.49
C LYS C 379 -0.31 -15.33 30.12
N GLY C 380 0.56 -16.04 30.84
CA GLY C 380 0.17 -17.24 31.62
C GLY C 380 0.50 -18.53 30.90
N GLN C 381 0.88 -18.50 29.61
CA GLN C 381 1.12 -19.76 28.84
C GLN C 381 2.60 -20.16 28.86
N GLY C 382 3.46 -19.29 29.43
CA GLY C 382 4.92 -19.50 29.42
C GLY C 382 5.27 -20.84 30.03
N HIS C 383 4.69 -21.15 31.20
CA HIS C 383 4.99 -22.37 31.99
C HIS C 383 4.52 -23.63 31.23
N GLU C 384 3.30 -23.67 30.70
CA GLU C 384 2.87 -24.87 29.94
C GLU C 384 3.82 -25.10 28.74
N ILE C 385 4.26 -24.08 28.01
CA ILE C 385 5.17 -24.28 26.84
C ILE C 385 6.51 -24.84 27.33
N ALA C 386 7.05 -24.29 28.41
CA ALA C 386 8.33 -24.76 28.99
C ALA C 386 8.23 -26.25 29.38
N GLN C 387 7.15 -26.70 30.03
CA GLN C 387 6.95 -28.14 30.38
C GLN C 387 6.91 -28.97 29.10
N LYS C 388 6.28 -28.49 28.02
CA LYS C 388 6.25 -29.27 26.74
C LYS C 388 7.63 -29.30 26.08
N ILE C 389 8.42 -28.24 26.12
CA ILE C 389 9.86 -28.32 25.73
C ILE C 389 10.58 -29.39 26.59
N ALA C 390 10.41 -29.33 27.93
CA ALA C 390 11.00 -30.31 28.87
C ALA C 390 10.67 -31.73 28.36
N ASP C 391 9.38 -31.95 28.05
CA ASP C 391 8.83 -33.28 27.70
C ASP C 391 9.55 -33.75 26.44
N ARG C 392 9.65 -32.89 25.42
CA ARG C 392 10.28 -33.27 24.13
C ARG C 392 11.76 -33.58 24.35
N PHE C 393 12.45 -32.66 25.01
CA PHE C 393 13.91 -32.76 25.35
C PHE C 393 14.22 -34.13 25.98
N GLU C 394 13.37 -34.57 26.90
CA GLU C 394 13.39 -35.93 27.48
C GLU C 394 13.36 -36.96 26.34
N LYS C 395 12.37 -36.95 25.45
CA LYS C 395 12.18 -38.04 24.43
C LYS C 395 13.32 -37.98 23.41
N GLU C 396 14.14 -36.92 23.40
CA GLU C 396 15.34 -36.71 22.52
C GLU C 396 16.67 -37.03 23.24
N GLY C 397 16.67 -37.27 24.55
CA GLY C 397 17.90 -37.46 25.35
C GLY C 397 18.71 -36.17 25.53
N PHE C 398 18.06 -35.01 25.61
CA PHE C 398 18.76 -33.72 25.86
C PHE C 398 18.83 -33.50 27.37
N ASN C 399 19.73 -32.63 27.84
CA ASN C 399 19.67 -32.07 29.21
C ASN C 399 18.30 -31.41 29.37
N ALA C 400 17.72 -31.45 30.58
CA ALA C 400 16.47 -30.72 30.91
C ALA C 400 16.74 -29.23 30.74
N PRO C 401 15.80 -28.42 30.22
CA PRO C 401 16.04 -26.99 30.06
C PRO C 401 15.64 -26.35 31.38
N ARG C 402 16.03 -25.11 31.59
CA ARG C 402 15.52 -24.30 32.70
C ARG C 402 14.98 -22.99 32.11
N ALA C 403 14.33 -22.15 32.90
CA ALA C 403 13.68 -20.95 32.32
C ALA C 403 13.82 -19.84 33.34
N LEU C 404 13.45 -18.64 32.94
CA LEU C 404 13.56 -17.40 33.74
C LEU C 404 12.39 -16.51 33.39
N PRO C 405 11.82 -15.78 34.40
CA PRO C 405 10.93 -14.65 34.11
C PRO C 405 11.71 -13.56 33.38
N ALA C 406 11.05 -12.80 32.52
CA ALA C 406 11.72 -11.78 31.70
C ALA C 406 10.69 -10.71 31.35
N PHE C 407 11.13 -9.48 31.54
CA PHE C 407 10.44 -8.22 31.20
C PHE C 407 11.56 -7.19 31.14
N ALA C 408 11.31 -6.01 30.60
CA ALA C 408 12.35 -4.99 30.42
C ALA C 408 12.60 -4.33 31.78
N ALA C 409 13.78 -4.57 32.35
CA ALA C 409 14.24 -4.04 33.66
C ALA C 409 15.24 -2.89 33.53
N ALA C 410 15.58 -2.28 34.67
CA ALA C 410 16.58 -1.20 34.80
C ALA C 410 17.99 -1.72 34.45
N SER C 411 18.82 -0.80 33.96
CA SER C 411 20.27 -1.00 33.68
C SER C 411 21.08 -1.00 34.99
N ALA C 412 22.41 -1.06 34.85
CA ALA C 412 23.40 -1.15 35.97
C ALA C 412 23.19 0.04 36.92
N SER C 413 23.38 -0.24 38.20
CA SER C 413 23.31 0.75 39.29
C SER C 413 24.18 0.31 40.48
N ARG C 414 24.53 1.29 41.31
CA ARG C 414 24.90 1.04 42.72
C ARG C 414 23.65 0.46 43.39
N GLU C 415 23.84 -0.52 44.26
CA GLU C 415 22.82 -1.08 45.15
C GLU C 415 23.03 -0.48 46.54
N ALA C 416 24.05 -0.90 47.28
CA ALA C 416 24.40 -0.24 48.57
C ALA C 416 25.92 -0.31 48.79
N MET D 1 -11.37 52.33 13.51
CA MET D 1 -10.91 53.42 14.43
C MET D 1 -9.38 53.44 14.44
N THR D 2 -8.72 52.73 15.38
CA THR D 2 -7.27 52.92 15.71
C THR D 2 -6.37 51.96 14.92
N ALA D 3 -5.11 52.36 14.72
CA ALA D 3 -4.06 51.59 14.03
C ALA D 3 -3.99 50.18 14.64
N VAL D 4 -4.02 49.14 13.81
CA VAL D 4 -3.72 47.76 14.28
C VAL D 4 -2.32 47.79 14.90
N GLU D 5 -2.14 47.21 16.10
CA GLU D 5 -0.80 47.12 16.76
C GLU D 5 -0.06 45.88 16.23
N PHE D 6 1.22 46.06 15.89
CA PHE D 6 2.20 44.97 15.61
C PHE D 6 3.11 44.86 16.84
N ILE D 7 3.29 43.66 17.41
CA ILE D 7 4.21 43.38 18.57
C ILE D 7 5.56 42.97 17.96
N GLU D 8 6.61 43.74 18.20
CA GLU D 8 7.96 43.46 17.66
C GLU D 8 8.64 42.48 18.61
N PRO D 9 9.43 41.50 18.13
CA PRO D 9 10.01 40.50 19.03
C PRO D 9 11.11 41.16 19.87
N LEU D 10 11.33 40.73 21.12
CA LEU D 10 12.46 41.27 21.92
C LEU D 10 13.73 40.84 21.21
N THR D 11 14.67 41.76 21.03
CA THR D 11 16.00 41.49 20.47
C THR D 11 16.82 40.77 21.56
N HIS D 12 18.01 40.30 21.20
CA HIS D 12 18.95 39.62 22.12
C HIS D 12 19.15 40.50 23.37
N GLU D 13 19.64 41.73 23.14
N GLU D 13 19.63 41.74 23.15
CA GLU D 13 19.94 42.73 24.20
CA GLU D 13 19.95 42.75 24.20
C GLU D 13 18.73 42.88 25.13
C GLU D 13 18.73 42.93 25.14
N GLU D 14 17.53 43.11 24.57
CA GLU D 14 16.31 43.47 25.33
C GLU D 14 15.89 42.30 26.25
N GLY D 15 15.85 41.06 25.75
CA GLY D 15 15.40 39.90 26.56
C GLY D 15 16.35 39.52 27.71
N VAL D 16 17.67 39.63 27.51
CA VAL D 16 18.69 39.28 28.54
C VAL D 16 18.67 40.35 29.65
N SER D 17 18.74 41.60 29.22
CA SER D 17 18.74 42.83 30.05
C SER D 17 17.54 42.84 31.00
N GLN D 18 16.33 42.65 30.43
CA GLN D 18 15.04 42.63 31.13
C GLN D 18 14.92 41.41 32.06
N ALA D 19 15.27 40.22 31.57
CA ALA D 19 15.23 38.95 32.33
C ALA D 19 16.22 39.05 33.50
N THR D 20 17.38 39.65 33.25
CA THR D 20 18.51 39.76 34.24
C THR D 20 18.00 40.59 35.42
N LYS D 21 17.67 41.85 35.11
CA LYS D 21 17.20 42.93 36.02
C LYS D 21 15.96 42.46 36.76
N LEU D 22 15.13 41.60 36.16
CA LEU D 22 14.03 40.95 36.91
C LEU D 22 14.64 40.04 38.00
N PHE D 23 15.67 39.24 37.65
CA PHE D 23 16.37 38.31 38.57
C PHE D 23 17.19 39.06 39.63
N VAL D 24 17.92 40.11 39.24
CA VAL D 24 18.67 40.97 40.20
C VAL D 24 17.67 41.49 41.23
N ASP D 25 16.61 42.19 40.78
CA ASP D 25 15.67 42.89 41.69
C ASP D 25 14.96 41.85 42.57
N THR D 26 14.81 40.60 42.12
CA THR D 26 13.96 39.61 42.83
C THR D 26 14.74 38.84 43.91
N TYR D 27 15.90 38.30 43.52
CA TYR D 27 16.63 37.26 44.29
C TYR D 27 17.84 37.89 45.00
N GLY D 28 18.28 39.06 44.52
CA GLY D 28 19.42 39.83 45.06
C GLY D 28 20.69 39.62 44.24
N ALA D 29 20.89 38.37 43.79
CA ALA D 29 22.11 37.85 43.16
C ALA D 29 22.02 37.99 41.62
N ALA D 30 23.16 37.77 40.94
CA ALA D 30 23.27 37.65 39.47
C ALA D 30 22.88 36.23 39.09
N PRO D 31 22.09 36.02 38.00
CA PRO D 31 21.74 34.68 37.57
C PRO D 31 23.01 33.97 37.05
N GLU D 32 23.04 32.63 37.12
CA GLU D 32 24.13 31.84 36.47
C GLU D 32 24.13 32.15 34.98
N GLY D 33 22.95 32.27 34.36
CA GLY D 33 22.86 32.63 32.94
C GLY D 33 21.43 32.98 32.51
N VAL D 34 21.32 33.44 31.26
CA VAL D 34 20.00 33.51 30.57
C VAL D 34 19.87 32.61 29.33
N TRP D 35 18.81 31.78 29.30
CA TRP D 35 18.41 30.90 28.17
C TRP D 35 17.11 31.43 27.52
N ALA D 36 16.59 30.79 26.46
CA ALA D 36 15.39 31.31 25.76
C ALA D 36 14.93 30.34 24.68
N ALA D 37 13.62 30.20 24.54
CA ALA D 37 12.94 29.29 23.60
C ALA D 37 11.88 30.11 22.86
N PRO D 38 11.73 29.91 21.54
CA PRO D 38 10.70 30.59 20.75
C PRO D 38 9.30 30.03 20.97
N GLY D 39 8.33 30.92 20.76
CA GLY D 39 6.99 30.54 20.27
C GLY D 39 7.05 30.07 18.83
N ARG D 40 5.89 29.83 18.19
CA ARG D 40 5.82 29.02 16.94
C ARG D 40 4.46 29.18 16.28
N VAL D 41 4.47 29.18 14.96
CA VAL D 41 3.24 29.07 14.15
C VAL D 41 3.31 27.72 13.44
N ASN D 42 2.25 26.92 13.59
CA ASN D 42 2.09 25.67 12.81
C ASN D 42 1.62 26.09 11.42
N LEU D 43 2.42 25.82 10.38
CA LEU D 43 2.04 26.19 9.00
C LEU D 43 0.83 25.36 8.55
N ILE D 44 0.82 24.05 8.80
CA ILE D 44 -0.28 23.11 8.40
C ILE D 44 -0.06 21.80 9.12
N GLY D 45 -1.12 21.09 9.37
CA GLY D 45 -0.98 19.81 10.08
C GLY D 45 -1.47 20.00 11.49
N GLU D 46 -2.74 20.38 11.61
CA GLU D 46 -3.34 20.81 12.90
C GLU D 46 -4.16 19.66 13.46
N HIS D 47 -3.95 19.40 14.75
CA HIS D 47 -4.66 18.36 15.55
C HIS D 47 -4.27 17.00 14.96
N THR D 48 -3.02 16.89 14.48
N THR D 48 -2.99 16.89 14.62
CA THR D 48 -2.37 15.65 13.98
CA THR D 48 -2.34 15.75 13.95
C THR D 48 -1.34 15.15 15.00
C THR D 48 -1.21 15.20 14.83
N ASP D 49 -0.61 16.02 15.71
CA ASP D 49 0.58 15.59 16.55
C ASP D 49 0.19 14.46 17.51
N TYR D 50 -0.92 14.56 18.23
CA TYR D 50 -1.34 13.51 19.20
C TYR D 50 -1.94 12.29 18.52
N ASN D 51 -2.14 12.33 17.20
CA ASN D 51 -2.66 11.21 16.36
C ASN D 51 -1.48 10.57 15.61
N ALA D 52 -0.26 10.91 16.00
CA ALA D 52 0.99 10.46 15.33
C ALA D 52 1.08 10.89 13.86
N GLY D 53 0.48 12.01 13.47
CA GLY D 53 0.46 12.45 12.07
C GLY D 53 1.65 13.34 11.73
N LEU D 54 1.54 14.16 10.68
CA LEU D 54 2.58 15.15 10.26
C LEU D 54 2.17 16.58 10.68
N CYS D 55 3.17 17.43 10.96
CA CYS D 55 3.04 18.89 11.26
C CYS D 55 4.16 19.59 10.51
N LEU D 56 4.02 20.90 10.40
CA LEU D 56 5.02 21.75 9.71
C LEU D 56 5.10 23.10 10.43
N PRO D 57 5.64 23.17 11.67
CA PRO D 57 5.83 24.45 12.31
C PRO D 57 7.11 25.19 11.89
N ILE D 58 7.12 26.47 12.18
CA ILE D 58 8.32 27.35 12.09
C ILE D 58 8.45 28.03 13.45
N ALA D 59 9.66 28.37 13.87
CA ALA D 59 9.88 29.08 15.14
C ALA D 59 9.66 30.58 14.88
N LEU D 60 8.93 31.25 15.77
CA LEU D 60 8.76 32.71 15.71
C LEU D 60 10.06 33.33 16.17
N PRO D 61 10.35 34.59 15.74
CA PRO D 61 11.40 35.40 16.36
C PRO D 61 11.06 35.95 17.76
N HIS D 62 9.82 35.75 18.23
CA HIS D 62 9.36 36.06 19.63
C HIS D 62 9.77 34.96 20.59
N ARG D 63 10.51 35.27 21.65
CA ARG D 63 11.10 34.23 22.54
C ARG D 63 10.71 34.51 24.01
N THR D 64 10.64 33.46 24.84
CA THR D 64 10.63 33.57 26.32
C THR D 64 12.08 33.48 26.81
N PHE D 65 12.44 34.35 27.74
CA PHE D 65 13.82 34.49 28.28
C PHE D 65 13.81 34.11 29.74
N ILE D 66 14.77 33.29 30.17
CA ILE D 66 14.80 32.77 31.55
C ILE D 66 16.17 33.02 32.13
N ALA D 67 16.24 33.89 33.14
CA ALA D 67 17.35 33.97 34.14
C ALA D 67 17.20 32.82 35.13
N LEU D 68 18.20 31.92 35.23
N LEU D 68 18.25 32.01 35.28
CA LEU D 68 18.19 30.72 36.13
CA LEU D 68 18.25 30.79 36.12
C LEU D 68 19.49 30.60 36.93
C LEU D 68 19.50 30.74 36.99
N LYS D 69 19.34 30.13 38.17
CA LYS D 69 20.45 29.88 39.10
C LYS D 69 20.09 28.60 39.85
N PRO D 70 20.99 27.58 39.85
CA PRO D 70 20.75 26.37 40.61
C PRO D 70 20.96 26.83 42.06
N ARG D 71 20.24 26.20 42.99
CA ARG D 71 20.40 26.31 44.46
C ARG D 71 20.85 24.93 44.95
N GLU D 72 21.41 24.78 46.17
CA GLU D 72 21.89 23.43 46.60
C GLU D 72 20.76 22.62 47.25
N ASP D 73 19.61 23.21 47.53
CA ASP D 73 18.44 22.41 48.00
C ASP D 73 17.42 22.21 46.87
N THR D 74 16.35 21.45 47.20
CA THR D 74 15.33 20.95 46.25
C THR D 74 14.27 22.05 46.00
N LYS D 75 14.29 23.17 46.74
CA LYS D 75 13.31 24.28 46.61
C LYS D 75 13.28 24.82 45.17
N VAL D 76 12.19 25.47 44.73
CA VAL D 76 12.13 26.19 43.41
C VAL D 76 11.30 27.45 43.56
N ARG D 77 11.87 28.59 43.17
CA ARG D 77 11.20 29.92 43.19
C ARG D 77 11.25 30.56 41.79
N VAL D 78 10.11 31.05 41.28
CA VAL D 78 9.97 31.53 39.89
C VAL D 78 9.22 32.86 39.96
N VAL D 79 9.58 33.80 39.10
CA VAL D 79 8.83 35.07 38.92
C VAL D 79 8.66 35.25 37.41
N SER D 80 7.45 35.59 36.98
CA SER D 80 7.19 36.09 35.61
C SER D 80 6.99 37.60 35.70
N GLY D 81 7.50 38.33 34.71
CA GLY D 81 7.25 39.77 34.52
C GLY D 81 5.83 40.10 34.09
N VAL D 82 4.90 39.13 34.00
CA VAL D 82 3.42 39.38 33.89
C VAL D 82 2.89 39.78 35.29
N ALA D 83 3.75 39.64 36.30
CA ALA D 83 3.46 39.94 37.71
C ALA D 83 4.78 39.88 38.48
N PRO D 84 5.65 40.90 38.28
CA PRO D 84 7.00 40.88 38.85
C PRO D 84 7.15 40.94 40.38
N ASP D 85 6.05 40.97 41.16
CA ASP D 85 6.09 40.88 42.64
C ASP D 85 5.06 39.85 43.11
N LYS D 86 4.71 38.89 42.24
CA LYS D 86 4.27 37.52 42.61
C LYS D 86 5.50 36.61 42.46
N VAL D 87 5.94 35.98 43.56
CA VAL D 87 6.91 34.84 43.52
C VAL D 87 6.17 33.58 44.02
N ALA D 88 6.07 32.53 43.20
CA ALA D 88 5.63 31.19 43.66
C ALA D 88 6.89 30.45 44.08
N GLU D 89 6.66 29.40 44.87
CA GLU D 89 7.67 28.57 45.52
C GLU D 89 7.13 27.14 45.63
N ALA D 90 7.96 26.16 45.28
CA ALA D 90 7.63 24.73 45.30
C ALA D 90 8.84 23.95 45.83
N ASP D 91 8.63 22.68 46.18
CA ASP D 91 9.71 21.77 46.66
C ASP D 91 9.67 20.49 45.84
N LEU D 92 10.80 20.13 45.24
CA LEU D 92 10.95 19.00 44.29
C LEU D 92 11.03 17.67 45.04
N ASP D 93 11.49 17.62 46.30
CA ASP D 93 11.74 16.33 47.02
C ASP D 93 10.42 15.53 47.16
N GLY D 94 9.44 16.07 47.87
CA GLY D 94 8.20 15.32 48.14
C GLY D 94 7.12 15.54 47.10
N LEU D 95 7.47 15.44 45.80
N LEU D 95 7.48 15.62 45.80
CA LEU D 95 6.53 15.80 44.70
CA LEU D 95 6.57 16.14 44.74
C LEU D 95 5.95 14.56 43.99
C LEU D 95 6.04 15.03 43.83
N LYS D 96 4.64 14.66 43.78
N LYS D 96 4.72 14.97 43.72
CA LYS D 96 3.82 13.82 42.91
CA LYS D 96 3.92 14.03 42.90
C LYS D 96 3.21 14.74 41.83
C LYS D 96 3.32 14.80 41.71
N ALA D 97 2.61 14.11 40.80
CA ALA D 97 1.87 14.75 39.68
C ALA D 97 0.77 15.66 40.23
N ARG D 98 0.67 16.87 39.67
CA ARG D 98 -0.36 17.90 39.93
C ARG D 98 -0.04 18.58 41.28
N GLY D 99 1.23 18.51 41.71
CA GLY D 99 1.71 18.92 43.04
C GLY D 99 1.96 20.41 43.18
N VAL D 100 1.66 21.19 42.14
CA VAL D 100 1.76 22.67 42.21
C VAL D 100 0.55 23.27 41.49
CA ASP D 101 0.74 26.88 42.14
C ASP D 101 0.43 27.31 40.70
N GLY D 102 -0.36 26.47 40.01
CA GLY D 102 -0.89 26.77 38.65
C GLY D 102 0.25 27.01 37.66
N TRP D 103 0.57 28.26 37.31
CA TRP D 103 1.54 28.58 36.21
C TRP D 103 2.96 28.16 36.59
N SER D 104 3.35 28.25 37.87
CA SER D 104 4.71 27.84 38.30
C SER D 104 4.85 26.32 38.06
N ALA D 105 3.77 25.63 37.71
CA ALA D 105 3.77 24.16 37.51
C ALA D 105 4.58 23.82 36.26
N TYR D 106 4.51 24.73 35.28
CA TYR D 106 5.24 24.64 33.99
C TYR D 106 6.73 24.41 34.29
N PRO D 107 7.47 25.40 34.83
CA PRO D 107 8.92 25.28 35.05
C PRO D 107 9.42 24.41 36.21
N THR D 108 8.76 24.46 37.37
CA THR D 108 8.87 23.46 38.47
C THR D 108 8.71 22.07 37.84
N GLY D 109 7.78 21.88 36.91
CA GLY D 109 7.56 20.56 36.32
C GLY D 109 8.70 20.14 35.39
N VAL D 110 9.45 21.08 34.82
CA VAL D 110 10.60 20.69 33.93
C VAL D 110 11.67 20.02 34.84
N ALA D 111 11.99 20.60 36.00
CA ALA D 111 12.94 20.00 36.97
C ALA D 111 12.40 18.70 37.55
N TRP D 112 11.16 18.68 38.04
CA TRP D 112 10.52 17.45 38.58
C TRP D 112 10.68 16.34 37.53
N ALA D 113 10.48 16.69 36.26
CA ALA D 113 10.43 15.75 35.11
C ALA D 113 11.83 15.16 34.87
N LEU D 114 12.84 16.01 34.71
CA LEU D 114 14.28 15.60 34.52
C LEU D 114 14.70 14.69 35.69
N ARG D 115 14.33 15.07 36.90
CA ARG D 115 14.64 14.29 38.13
C ARG D 115 13.98 12.93 38.07
N GLN D 116 12.76 12.83 37.50
CA GLN D 116 11.99 11.56 37.38
C GLN D 116 12.54 10.75 36.19
N ALA D 117 13.30 11.40 35.30
CA ALA D 117 14.02 10.77 34.16
C ALA D 117 15.40 10.28 34.61
N GLY D 118 15.63 10.21 35.92
CA GLY D 118 16.85 9.60 36.51
C GLY D 118 18.02 10.57 36.53
N PHE D 119 17.83 11.84 36.09
CA PHE D 119 18.81 12.95 36.31
C PHE D 119 18.70 13.44 37.76
N ASP D 120 19.45 12.80 38.67
CA ASP D 120 19.40 13.04 40.13
C ASP D 120 20.26 14.27 40.48
N LYS D 121 21.15 14.66 39.56
CA LYS D 121 21.93 15.92 39.65
C LYS D 121 20.96 17.10 39.67
N VAL D 122 19.81 17.05 38.99
CA VAL D 122 18.90 18.23 39.02
C VAL D 122 18.26 18.31 40.40
N LYS D 123 18.55 19.43 41.09
N LYS D 123 18.49 19.44 41.10
CA LYS D 123 17.94 19.88 42.37
CA LYS D 123 17.81 19.83 42.35
C LYS D 123 17.05 21.08 42.05
C LYS D 123 16.96 21.07 42.05
N GLY D 124 16.95 22.04 42.98
CA GLY D 124 16.23 23.32 42.83
C GLY D 124 16.96 24.37 42.00
N PHE D 125 16.33 25.56 41.98
CA PHE D 125 16.64 26.74 41.13
C PHE D 125 15.70 27.91 41.47
N ASP D 126 16.23 29.12 41.36
CA ASP D 126 15.52 30.42 41.24
C ASP D 126 15.66 30.79 39.78
N ALA D 127 14.63 31.44 39.23
CA ALA D 127 14.49 31.85 37.82
C ALA D 127 13.53 33.03 37.72
N ALA D 128 13.75 33.92 36.75
CA ALA D 128 12.77 34.91 36.25
C ALA D 128 12.64 34.93 34.71
N PHE D 129 11.46 35.35 34.23
CA PHE D 129 10.95 35.16 32.84
C PHE D 129 10.43 36.49 32.31
N VAL D 130 10.99 36.95 31.20
CA VAL D 130 10.39 37.96 30.31
C VAL D 130 9.97 37.22 29.02
N SER D 131 8.79 37.53 28.49
N SER D 131 8.82 37.62 28.45
CA SER D 131 8.25 36.91 27.25
CA SER D 131 8.10 36.94 27.35
C SER D 131 7.60 37.97 26.37
C SER D 131 7.57 38.00 26.37
N CYS D 132 7.84 37.85 25.07
CA CYS D 132 7.18 38.63 23.98
C CYS D 132 6.42 37.64 23.10
N VAL D 133 6.04 36.52 23.71
CA VAL D 133 5.08 35.56 23.10
C VAL D 133 3.75 35.70 23.83
N PRO D 134 2.75 36.37 23.23
CA PRO D 134 1.57 36.79 23.98
C PRO D 134 0.68 35.62 24.47
N LEU D 135 0.00 35.78 25.61
CA LEU D 135 -0.88 34.76 26.25
C LEU D 135 -2.18 34.68 25.44
N GLY D 136 -2.82 33.51 25.41
CA GLY D 136 -4.12 33.27 24.74
C GLY D 136 -4.07 33.25 23.22
N SER D 137 -2.89 33.48 22.62
N SER D 137 -2.86 33.49 22.65
CA SER D 137 -2.70 33.79 21.17
CA SER D 137 -2.55 33.80 21.23
C SER D 137 -2.43 32.53 20.34
C SER D 137 -2.52 32.53 20.38
N GLY D 138 -2.24 31.39 20.99
CA GLY D 138 -2.15 30.09 20.32
C GLY D 138 -0.78 29.92 19.72
N LEU D 139 0.20 30.68 20.20
CA LEU D 139 1.57 30.67 19.61
C LEU D 139 2.60 30.05 20.58
N SER D 140 2.14 29.26 21.57
CA SER D 140 2.91 28.37 22.51
C SER D 140 3.84 29.12 23.48
N SER D 141 3.35 30.15 24.17
CA SER D 141 3.98 30.73 25.39
C SER D 141 4.34 29.62 26.39
N SER D 142 3.49 28.59 26.53
CA SER D 142 3.66 27.39 27.40
C SER D 142 4.96 26.61 27.10
N ALA D 143 5.22 26.25 25.85
CA ALA D 143 6.44 25.51 25.42
C ALA D 143 7.65 26.42 25.43
N ALA D 144 7.49 27.71 25.05
CA ALA D 144 8.55 28.75 25.18
C ALA D 144 9.04 28.75 26.64
N MET D 145 8.13 28.59 27.62
CA MET D 145 8.47 28.53 29.07
C MET D 145 9.14 27.19 29.38
N THR D 146 8.48 26.08 29.07
CA THR D 146 8.95 24.75 29.49
C THR D 146 10.28 24.43 28.81
N CYS D 147 10.47 24.92 27.57
CA CYS D 147 11.61 24.57 26.66
C CYS D 147 12.82 25.46 26.97
N SER D 148 12.59 26.73 27.29
CA SER D 148 13.59 27.62 27.95
C SER D 148 14.13 26.93 29.21
N THR D 149 13.24 26.63 30.14
CA THR D 149 13.63 26.11 31.46
C THR D 149 14.50 24.88 31.22
N ALA D 150 13.92 23.86 30.53
CA ALA D 150 14.56 22.57 30.15
C ALA D 150 16.00 22.78 29.69
N LEU D 151 16.22 23.75 28.80
CA LEU D 151 17.56 24.03 28.21
C LEU D 151 18.53 24.69 29.20
N ALA D 152 17.97 25.35 30.23
CA ALA D 152 18.70 25.98 31.36
C ALA D 152 19.19 24.94 32.38
N LEU D 153 18.27 24.08 32.86
CA LEU D 153 18.51 23.00 33.83
C LEU D 153 19.48 21.98 33.26
N ASP D 154 19.40 21.68 31.94
CA ASP D 154 20.38 20.87 31.17
C ASP D 154 21.74 21.56 31.24
N ASP D 155 21.77 22.86 31.04
CA ASP D 155 23.08 23.55 30.91
C ASP D 155 23.71 23.68 32.30
N VAL D 156 22.93 24.05 33.33
CA VAL D 156 23.50 24.30 34.69
C VAL D 156 23.85 22.99 35.38
N TYR D 157 23.05 21.92 35.25
CA TYR D 157 23.34 20.59 35.85
C TYR D 157 24.23 19.78 34.91
N GLY D 158 24.81 20.44 33.88
CA GLY D 158 25.67 19.87 32.81
C GLY D 158 25.22 18.48 32.30
N LEU D 159 23.93 18.38 31.93
N LEU D 159 23.94 18.28 31.93
CA LEU D 159 23.32 17.09 31.54
CA LEU D 159 23.49 16.90 31.58
C LEU D 159 23.98 16.59 30.24
C LEU D 159 23.96 16.53 30.17
N GLY D 160 24.35 17.51 29.33
CA GLY D 160 25.01 17.24 28.02
C GLY D 160 24.04 17.06 26.84
N TYR D 161 22.72 17.26 27.04
CA TYR D 161 21.67 17.02 25.99
C TYR D 161 21.46 18.26 25.11
N GLY D 162 21.99 19.40 25.49
CA GLY D 162 21.52 20.72 24.97
C GLY D 162 22.03 21.12 23.59
N ASP D 163 23.24 20.68 23.23
CA ASP D 163 24.00 21.13 22.03
C ASP D 163 23.75 20.21 20.83
N SER D 164 22.76 19.33 20.88
CA SER D 164 22.44 18.53 19.67
C SER D 164 20.94 18.33 19.47
N ASP D 165 20.58 18.13 18.19
CA ASP D 165 19.20 17.81 17.76
C ASP D 165 18.73 16.54 18.48
N ALA D 166 19.56 15.47 18.49
CA ALA D 166 19.21 14.23 19.22
C ALA D 166 19.09 14.51 20.72
N GLY D 167 19.99 15.30 21.33
CA GLY D 167 20.00 15.52 22.78
C GLY D 167 18.72 16.15 23.26
N ARG D 168 18.33 17.22 22.55
CA ARG D 168 17.09 18.00 22.85
C ARG D 168 15.82 17.13 22.89
N VAL D 169 15.74 15.96 22.23
CA VAL D 169 14.54 15.07 22.35
C VAL D 169 14.29 14.72 23.84
N THR D 170 15.35 14.50 24.63
CA THR D 170 15.24 14.34 26.09
C THR D 170 14.67 15.61 26.75
N LEU D 171 15.07 16.82 26.31
CA LEU D 171 14.67 18.07 27.00
C LEU D 171 13.24 18.45 26.59
N ILE D 172 12.94 18.31 25.28
CA ILE D 172 11.57 18.32 24.70
C ILE D 172 10.65 17.41 25.53
N ASN D 173 11.02 16.14 25.69
CA ASN D 173 10.26 15.14 26.49
C ASN D 173 10.00 15.65 27.92
N ALA D 174 10.98 16.28 28.56
CA ALA D 174 10.76 16.83 29.92
C ALA D 174 9.59 17.81 29.86
N ALA D 175 9.65 18.71 28.87
CA ALA D 175 8.84 19.94 28.78
C ALA D 175 7.38 19.52 28.57
N ILE D 176 7.20 18.43 27.83
CA ILE D 176 5.87 17.89 27.44
C ILE D 176 5.24 17.26 28.69
N LYS D 177 6.00 16.39 29.36
CA LYS D 177 5.51 15.72 30.59
C LYS D 177 5.20 16.81 31.65
N SER D 178 5.91 17.96 31.64
CA SER D 178 5.71 19.04 32.64
C SER D 178 4.32 19.65 32.43
N GLU D 179 4.12 20.13 31.21
CA GLU D 179 2.84 20.69 30.71
C GLU D 179 1.71 19.69 30.99
N ASN D 180 1.88 18.42 30.62
CA ASN D 180 0.80 17.42 30.70
C ASN D 180 0.53 17.07 32.17
N GLU D 181 1.52 16.54 32.90
CA GLU D 181 1.27 15.85 34.18
C GLU D 181 1.28 16.87 35.33
N MET D 182 2.26 17.78 35.38
CA MET D 182 2.39 18.75 36.51
C MET D 182 1.40 19.92 36.37
N ALA D 183 1.34 20.57 35.22
CA ALA D 183 0.50 21.79 34.99
C ALA D 183 -0.98 21.42 34.79
N GLY D 184 -1.25 20.21 34.27
CA GLY D 184 -2.61 19.70 34.01
C GLY D 184 -3.06 19.88 32.56
N ALA D 185 -2.23 20.51 31.71
CA ALA D 185 -2.58 21.12 30.41
C ALA D 185 -2.12 20.26 29.21
N SER D 186 -3.07 19.58 28.56
CA SER D 186 -2.86 18.57 27.46
C SER D 186 -2.07 19.19 26.30
N THR D 187 -1.05 18.49 25.76
CA THR D 187 -0.29 18.98 24.56
C THR D 187 0.33 17.77 23.85
N GLY D 188 0.48 17.89 22.52
CA GLY D 188 0.83 16.77 21.61
C GLY D 188 2.31 16.63 21.27
N GLY D 189 3.12 17.69 21.36
CA GLY D 189 4.58 17.62 21.12
C GLY D 189 5.08 18.56 20.03
N LEU D 190 4.20 19.05 19.16
CA LEU D 190 4.51 19.94 18.02
C LEU D 190 5.21 21.22 18.52
N ASP D 191 4.66 21.85 19.58
CA ASP D 191 5.15 23.14 20.11
C ASP D 191 6.58 22.96 20.65
N GLN D 192 6.84 21.88 21.38
CA GLN D 192 8.16 21.68 22.06
C GLN D 192 9.17 21.22 21.01
N ASN D 193 8.77 20.38 20.05
CA ASN D 193 9.67 20.11 18.92
C ASN D 193 9.99 21.36 18.12
N ALA D 194 9.02 22.23 17.87
CA ALA D 194 9.29 23.46 17.09
C ALA D 194 10.29 24.33 17.86
N SER D 195 10.07 24.57 19.16
CA SER D 195 10.82 25.57 19.98
C SER D 195 12.29 25.15 20.06
N MET D 196 12.55 23.85 19.92
CA MET D 196 13.87 23.25 20.23
C MET D 196 14.55 22.68 19.00
N ARG D 197 13.82 22.40 17.90
CA ARG D 197 14.41 21.69 16.74
C ARG D 197 14.26 22.46 15.43
N CYS D 198 13.45 23.55 15.36
CA CYS D 198 13.33 24.40 14.14
C CYS D 198 14.67 25.07 13.83
N THR D 199 14.87 25.51 12.58
CA THR D 199 16.08 26.27 12.10
C THR D 199 15.68 27.52 11.30
N GLU D 200 16.49 28.58 11.37
CA GLU D 200 16.32 29.87 10.62
C GLU D 200 16.11 29.54 9.13
N GLY D 201 15.13 30.14 8.46
CA GLY D 201 14.90 29.92 7.02
C GLY D 201 14.07 28.67 6.70
N HIS D 202 13.72 27.81 7.68
CA HIS D 202 13.12 26.48 7.39
C HIS D 202 11.91 26.16 8.26
N ALA D 203 11.03 25.29 7.72
CA ALA D 203 9.96 24.62 8.51
C ALA D 203 10.44 23.24 8.87
N LEU D 204 9.85 22.73 9.95
CA LEU D 204 10.15 21.43 10.55
C LEU D 204 9.04 20.49 10.10
N LEU D 205 9.29 19.72 9.03
CA LEU D 205 8.34 18.67 8.67
C LEU D 205 8.56 17.58 9.74
N LEU D 206 7.60 17.45 10.65
CA LEU D 206 7.69 16.60 11.86
C LEU D 206 6.74 15.41 11.75
N ASP D 207 7.24 14.19 11.97
CA ASP D 207 6.47 12.91 11.85
C ASP D 207 6.39 12.36 13.26
N CYS D 208 5.20 12.44 13.84
CA CYS D 208 4.93 12.28 15.28
C CYS D 208 4.75 10.81 15.61
N ARG D 209 5.07 9.92 14.68
CA ARG D 209 4.94 8.46 14.94
C ARG D 209 5.90 8.12 16.07
N PRO D 210 5.48 7.48 17.18
CA PRO D 210 6.24 7.50 18.43
C PRO D 210 7.49 6.62 18.36
N GLU D 211 7.54 5.69 17.40
CA GLU D 211 8.62 4.66 17.34
C GLU D 211 9.79 5.19 16.51
N LEU D 212 9.66 6.37 15.88
CA LEU D 212 10.74 6.95 15.05
C LEU D 212 11.83 7.50 15.98
N THR D 213 13.09 7.33 15.58
CA THR D 213 14.26 7.95 16.23
C THR D 213 14.22 9.42 15.86
N PRO D 214 14.93 10.31 16.58
CA PRO D 214 15.00 11.71 16.19
C PRO D 214 15.60 12.01 14.79
N LEU D 215 16.45 11.10 14.33
N LEU D 215 16.53 11.15 14.35
CA LEU D 215 17.12 11.16 13.01
CA LEU D 215 17.08 11.13 12.96
C LEU D 215 16.11 10.75 11.91
C LEU D 215 15.88 11.01 12.01
N GLU D 216 15.05 10.00 12.26
CA GLU D 216 14.00 9.55 11.31
C GLU D 216 12.89 10.62 11.23
N ASN D 217 12.64 11.37 12.30
CA ASN D 217 11.33 12.00 12.53
C ASN D 217 11.25 13.46 12.10
N VAL D 218 12.29 14.07 11.49
CA VAL D 218 12.24 15.50 11.01
C VAL D 218 12.91 15.61 9.64
N SER D 219 12.38 16.49 8.78
CA SER D 219 13.01 17.00 7.53
C SER D 219 12.94 18.52 7.57
N GLN D 220 14.09 19.19 7.61
CA GLN D 220 14.18 20.67 7.52
C GLN D 220 13.77 21.07 6.10
N GLN D 221 12.71 21.88 5.96
CA GLN D 221 12.11 22.34 4.68
C GLN D 221 12.35 23.83 4.48
N GLU D 222 12.91 24.16 3.31
CA GLU D 222 13.23 25.55 2.88
C GLU D 222 11.94 26.35 2.87
N PHE D 223 11.88 27.45 3.61
CA PHE D 223 10.64 28.23 3.75
C PHE D 223 11.04 29.67 3.56
N ASP D 224 11.57 29.98 2.38
CA ASP D 224 12.10 31.34 2.05
C ASP D 224 10.95 32.15 1.42
N LEU D 225 10.22 32.90 2.24
CA LEU D 225 9.13 33.79 1.77
C LEU D 225 9.73 34.87 0.83
N ASP D 226 10.86 35.44 1.20
CA ASP D 226 11.52 36.54 0.42
C ASP D 226 11.58 36.16 -1.06
N LYS D 227 12.12 34.98 -1.39
CA LYS D 227 12.30 34.40 -2.76
C LYS D 227 10.99 34.30 -3.59
N TYR D 228 9.81 34.36 -2.98
CA TYR D 228 8.53 34.38 -3.73
C TYR D 228 7.83 35.72 -3.56
N ASN D 229 8.56 36.71 -3.04
CA ASN D 229 8.09 38.08 -2.68
C ASN D 229 6.81 37.97 -1.84
N LEU D 230 6.82 37.06 -0.87
CA LEU D 230 5.70 36.83 0.08
C LEU D 230 6.07 37.28 1.49
N GLU D 231 5.03 37.40 2.31
CA GLU D 231 5.05 37.73 3.75
C GLU D 231 4.11 36.72 4.45
N LEU D 232 4.48 36.22 5.64
CA LEU D 232 3.53 35.48 6.51
C LEU D 232 2.88 36.47 7.47
N LEU D 233 1.65 36.87 7.16
CA LEU D 233 0.80 37.64 8.10
C LEU D 233 0.39 36.74 9.27
N VAL D 234 0.71 37.17 10.49
CA VAL D 234 0.19 36.54 11.75
C VAL D 234 -0.63 37.57 12.53
N VAL D 235 -1.81 37.14 12.98
CA VAL D 235 -2.81 37.99 13.68
C VAL D 235 -3.41 37.18 14.83
N ASP D 236 -3.09 37.64 16.03
CA ASP D 236 -3.74 37.29 17.32
C ASP D 236 -5.09 38.02 17.37
N THR D 237 -6.19 37.27 17.24
CA THR D 237 -7.60 37.74 17.26
C THR D 237 -7.91 38.44 18.59
N GLN D 238 -7.28 37.99 19.69
CA GLN D 238 -7.60 38.38 21.09
C GLN D 238 -9.04 38.03 21.42
N ALA D 239 -9.64 37.11 20.65
CA ALA D 239 -10.86 36.40 21.03
C ALA D 239 -10.71 36.02 22.50
N PRO D 240 -11.75 36.23 23.34
CA PRO D 240 -11.74 35.74 24.72
C PRO D 240 -11.99 34.23 24.78
N HIS D 241 -11.37 33.54 25.75
CA HIS D 241 -11.54 32.06 26.00
C HIS D 241 -10.86 31.70 27.34
N GLN D 242 -11.26 30.60 28.00
CA GLN D 242 -10.52 29.99 29.15
C GLN D 242 -9.52 28.97 28.60
N LEU D 243 -8.25 29.05 29.01
CA LEU D 243 -7.10 28.36 28.39
C LEU D 243 -7.29 26.83 28.47
N ASN D 244 -7.69 26.30 29.62
CA ASN D 244 -7.89 24.83 29.77
C ASN D 244 -9.39 24.58 29.92
N ASP D 245 -10.19 25.03 28.94
CA ASP D 245 -11.69 24.98 28.94
C ASP D 245 -12.21 23.54 28.77
N GLY D 246 -11.33 22.56 28.52
CA GLY D 246 -11.69 21.13 28.35
C GLY D 246 -11.97 20.67 26.92
N GLN D 247 -12.08 21.57 25.94
N GLN D 247 -12.09 21.62 25.97
CA GLN D 247 -12.47 21.14 24.56
CA GLN D 247 -12.46 21.31 24.56
C GLN D 247 -11.27 20.63 23.77
C GLN D 247 -11.28 20.62 23.86
N TYR D 248 -10.06 21.16 23.98
CA TYR D 248 -8.83 20.55 23.38
C TYR D 248 -8.71 19.09 23.88
N ALA D 249 -8.91 18.88 25.17
CA ALA D 249 -8.91 17.53 25.79
C ALA D 249 -9.96 16.64 25.13
N GLN D 250 -11.20 17.09 24.96
CA GLN D 250 -12.30 16.25 24.39
C GLN D 250 -11.94 15.79 22.96
N ARG D 251 -11.42 16.68 22.11
CA ARG D 251 -10.94 16.31 20.76
C ARG D 251 -9.99 15.09 20.84
N ARG D 252 -9.01 15.10 21.76
CA ARG D 252 -8.04 13.96 21.93
C ARG D 252 -8.75 12.71 22.38
N ALA D 253 -9.65 12.81 23.36
CA ALA D 253 -10.44 11.65 23.82
C ALA D 253 -11.23 11.08 22.64
N THR D 254 -11.76 11.94 21.77
CA THR D 254 -12.61 11.46 20.65
C THR D 254 -11.72 10.65 19.70
N CYS D 255 -10.53 11.18 19.38
CA CYS D 255 -9.55 10.53 18.45
C CYS D 255 -9.10 9.21 19.09
N GLU D 256 -8.84 9.18 20.40
CA GLU D 256 -8.39 7.91 21.07
C GLU D 256 -9.51 6.87 20.99
N GLU D 257 -10.77 7.31 21.10
N GLU D 257 -10.78 7.31 21.11
CA GLU D 257 -11.95 6.41 21.07
CA GLU D 257 -11.95 6.40 21.07
C GLU D 257 -12.10 5.84 19.64
C GLU D 257 -12.11 5.85 19.64
N ALA D 258 -11.98 6.70 18.63
CA ALA D 258 -11.98 6.29 17.21
C ALA D 258 -10.92 5.20 17.03
N ALA D 259 -9.68 5.44 17.48
CA ALA D 259 -8.57 4.53 17.21
C ALA D 259 -8.91 3.19 17.86
N LYS D 260 -9.48 3.18 19.07
CA LYS D 260 -9.90 1.88 19.68
C LYS D 260 -10.95 1.20 18.83
N ILE D 261 -11.96 1.95 18.38
CA ILE D 261 -13.08 1.36 17.61
C ILE D 261 -12.45 0.72 16.37
N LEU D 262 -11.53 1.41 15.70
CA LEU D 262 -10.94 0.89 14.43
C LEU D 262 -9.86 -0.15 14.67
N GLY D 263 -9.36 -0.31 15.90
CA GLY D 263 -8.45 -1.42 16.25
C GLY D 263 -7.02 -1.14 15.82
N VAL D 264 -6.60 0.12 15.99
CA VAL D 264 -5.30 0.70 15.55
C VAL D 264 -4.67 1.52 16.70
N ALA D 265 -3.36 1.58 16.71
CA ALA D 265 -2.62 2.29 17.77
C ALA D 265 -2.98 3.78 17.74
N ASN D 266 -3.13 4.34 16.54
CA ASN D 266 -3.30 5.80 16.33
C ASN D 266 -3.94 6.02 14.95
N LEU D 267 -4.46 7.22 14.69
CA LEU D 267 -5.24 7.48 13.47
C LEU D 267 -4.27 7.67 12.28
N ARG D 268 -2.95 7.77 12.56
CA ARG D 268 -1.93 7.85 11.49
C ARG D 268 -1.96 6.52 10.70
N VAL D 269 -2.18 5.39 11.38
CA VAL D 269 -2.29 4.06 10.74
C VAL D 269 -3.46 4.13 9.75
N THR D 270 -4.53 4.79 10.18
CA THR D 270 -5.78 4.84 9.39
C THR D 270 -5.51 5.76 8.18
N ALA D 271 -4.92 6.95 8.40
CA ALA D 271 -4.62 7.97 7.37
C ALA D 271 -3.75 7.36 6.27
N ASP D 272 -2.63 6.75 6.61
CA ASP D 272 -1.68 6.11 5.67
C ASP D 272 -2.36 4.98 4.86
N GLY D 273 -3.22 4.18 5.47
CA GLY D 273 -3.99 3.15 4.73
C GLY D 273 -4.88 3.73 3.64
N ILE D 274 -5.52 4.86 3.97
CA ILE D 274 -6.45 5.61 3.09
C ILE D 274 -5.63 6.30 2.00
N SER D 275 -4.54 7.01 2.40
CA SER D 275 -3.61 7.73 1.50
C SER D 275 -3.11 6.78 0.41
N LYS D 276 -2.87 5.53 0.77
CA LYS D 276 -2.17 4.62 -0.13
C LYS D 276 -3.16 3.90 -1.05
N ALA D 277 -4.46 4.01 -0.77
CA ALA D 277 -5.52 3.35 -1.58
C ALA D 277 -5.63 4.05 -2.93
N ASP D 278 -5.73 3.28 -4.02
CA ASP D 278 -6.05 3.87 -5.34
C ASP D 278 -7.33 4.74 -5.25
N ASP D 279 -8.37 4.25 -4.57
CA ASP D 279 -9.68 4.94 -4.38
C ASP D 279 -9.77 5.46 -2.94
N GLN D 280 -9.26 6.66 -2.75
CA GLN D 280 -9.09 7.22 -1.39
C GLN D 280 -10.49 7.58 -0.86
N PHE D 281 -11.39 7.97 -1.77
CA PHE D 281 -12.76 8.28 -1.34
C PHE D 281 -13.37 7.03 -0.67
N GLN D 282 -13.34 5.88 -1.34
CA GLN D 282 -13.92 4.62 -0.79
C GLN D 282 -13.20 4.24 0.50
N ALA D 283 -11.88 4.27 0.52
CA ALA D 283 -11.08 3.94 1.73
C ALA D 283 -11.62 4.73 2.92
N LEU D 284 -11.72 6.06 2.76
CA LEU D 284 -12.26 6.96 3.82
C LEU D 284 -13.69 6.55 4.18
N LYS D 285 -14.58 6.37 3.20
CA LYS D 285 -16.02 6.07 3.45
C LYS D 285 -16.11 4.79 4.31
N GLU D 286 -15.32 3.79 3.99
CA GLU D 286 -15.25 2.49 4.71
C GLU D 286 -14.83 2.71 6.18
N THR D 287 -13.91 3.63 6.43
CA THR D 287 -13.40 3.98 7.78
C THR D 287 -14.51 4.61 8.60
N LEU D 288 -15.20 5.58 8.00
CA LEU D 288 -16.21 6.42 8.71
C LEU D 288 -17.47 5.58 9.01
N ASP D 289 -17.83 4.62 8.13
CA ASP D 289 -18.96 3.67 8.31
C ASP D 289 -18.74 2.81 9.56
N ALA D 290 -17.48 2.60 9.97
CA ALA D 290 -17.17 1.79 11.18
C ALA D 290 -17.33 2.61 12.49
N LEU D 291 -17.52 3.92 12.39
CA LEU D 291 -17.76 4.84 13.53
C LEU D 291 -19.23 5.24 13.60
N PRO D 292 -20.02 4.71 14.56
CA PRO D 292 -21.45 5.02 14.59
C PRO D 292 -21.77 6.49 14.95
N ASP D 293 -20.96 7.13 15.80
CA ASP D 293 -21.14 8.56 16.18
C ASP D 293 -20.80 9.47 14.98
N GLU D 294 -21.75 10.34 14.58
CA GLU D 294 -21.67 11.30 13.47
C GLU D 294 -20.54 12.30 13.73
N THR D 295 -20.36 12.78 14.96
CA THR D 295 -19.35 13.82 15.29
C THR D 295 -17.95 13.21 15.18
N MET D 296 -17.76 12.01 15.73
CA MET D 296 -16.49 11.22 15.63
C MET D 296 -16.08 11.05 14.16
N LYS D 297 -17.02 10.70 13.26
CA LYS D 297 -16.75 10.61 11.79
C LYS D 297 -16.13 11.92 11.32
N LYS D 298 -16.63 13.04 11.81
CA LYS D 298 -16.16 14.38 11.42
C LYS D 298 -14.70 14.58 11.86
N ARG D 299 -14.40 14.24 13.11
CA ARG D 299 -13.04 14.35 13.74
C ARG D 299 -12.03 13.50 12.91
N VAL D 300 -12.39 12.26 12.56
CA VAL D 300 -11.47 11.35 11.83
C VAL D 300 -11.26 11.84 10.40
N ARG D 301 -12.29 12.42 9.76
CA ARG D 301 -12.16 12.92 8.36
C ARG D 301 -11.20 14.09 8.38
N HIS D 302 -11.32 14.97 9.37
CA HIS D 302 -10.35 16.06 9.57
C HIS D 302 -8.93 15.47 9.63
N VAL D 303 -8.67 14.50 10.52
CA VAL D 303 -7.26 14.08 10.81
C VAL D 303 -6.66 13.39 9.57
N VAL D 304 -7.46 12.54 8.92
CA VAL D 304 -7.06 11.80 7.69
C VAL D 304 -6.73 12.81 6.61
N THR D 305 -7.63 13.77 6.31
CA THR D 305 -7.44 14.72 5.19
C THR D 305 -6.33 15.72 5.51
N GLU D 306 -6.16 16.13 6.78
CA GLU D 306 -5.06 17.06 7.21
C GLU D 306 -3.67 16.44 7.05
N ILE D 307 -3.47 15.20 7.48
CA ILE D 307 -2.13 14.54 7.27
C ILE D 307 -1.78 14.66 5.77
N GLU D 308 -2.67 14.17 4.91
N GLU D 308 -2.67 14.19 4.90
CA GLU D 308 -2.43 14.25 3.45
CA GLU D 308 -2.38 14.27 3.45
C GLU D 308 -2.16 15.71 3.01
C GLU D 308 -2.13 15.74 3.02
N ARG D 309 -2.86 16.72 3.55
CA ARG D 309 -2.64 18.16 3.18
C ARG D 309 -1.21 18.65 3.51
N VAL D 310 -0.61 18.23 4.61
CA VAL D 310 0.84 18.49 4.87
C VAL D 310 1.67 17.88 3.75
N ARG D 311 1.45 16.59 3.36
CA ARG D 311 2.24 15.98 2.26
C ARG D 311 2.04 16.86 1.04
N SER D 312 0.80 17.27 0.76
CA SER D 312 0.48 18.08 -0.45
C SER D 312 1.18 19.46 -0.35
N PHE D 313 1.21 20.11 0.84
CA PHE D 313 1.83 21.45 1.10
C PHE D 313 3.35 21.40 0.85
N VAL D 314 4.05 20.48 1.52
CA VAL D 314 5.50 20.19 1.33
C VAL D 314 5.81 20.20 -0.18
N ARG D 315 5.02 19.49 -0.99
CA ARG D 315 5.37 19.38 -2.43
C ARG D 315 5.07 20.70 -3.14
N ALA D 316 3.94 21.33 -2.86
CA ALA D 316 3.56 22.58 -3.57
C ALA D 316 4.65 23.62 -3.32
N PHE D 317 5.00 23.85 -2.04
CA PHE D 317 5.99 24.87 -1.65
C PHE D 317 7.37 24.53 -2.21
N ALA D 318 7.76 23.25 -2.25
CA ALA D 318 9.06 22.82 -2.81
C ALA D 318 9.14 23.19 -4.31
N GLN D 319 8.04 23.05 -5.05
CA GLN D 319 7.91 23.46 -6.48
C GLN D 319 7.68 24.98 -6.69
N GLY D 320 7.44 25.77 -5.63
CA GLY D 320 7.17 27.22 -5.78
C GLY D 320 5.77 27.50 -6.27
N ASP D 321 4.86 26.52 -6.08
CA ASP D 321 3.44 26.59 -6.52
C ASP D 321 2.65 27.22 -5.38
N ILE D 322 2.75 28.55 -5.29
CA ILE D 322 2.18 29.32 -4.15
C ILE D 322 0.65 29.25 -4.16
N LYS D 323 -0.01 29.35 -5.31
CA LYS D 323 -1.51 29.22 -5.32
C LYS D 323 -1.91 27.88 -4.67
N ALA D 324 -1.34 26.75 -5.09
CA ALA D 324 -1.75 25.41 -4.58
C ALA D 324 -1.50 25.35 -3.07
N ALA D 325 -0.37 25.93 -2.61
CA ALA D 325 -0.03 26.07 -1.17
C ALA D 325 -1.08 26.94 -0.46
N GLY D 326 -1.45 28.09 -1.03
CA GLY D 326 -2.51 28.93 -0.44
C GLY D 326 -3.79 28.13 -0.30
N ARG D 327 -4.17 27.41 -1.36
CA ARG D 327 -5.41 26.58 -1.43
C ARG D 327 -5.40 25.53 -0.31
N LEU D 328 -4.23 24.94 -0.06
CA LEU D 328 -4.04 23.94 1.03
C LEU D 328 -4.17 24.58 2.41
N PHE D 329 -3.67 25.79 2.62
CA PHE D 329 -4.00 26.55 3.87
C PHE D 329 -5.53 26.58 4.03
N ASN D 330 -6.20 27.03 2.97
CA ASN D 330 -7.67 27.28 2.96
C ASN D 330 -8.40 25.99 3.36
N ALA D 331 -7.99 24.86 2.80
CA ALA D 331 -8.67 23.56 2.99
C ALA D 331 -8.45 23.11 4.45
N SER D 332 -7.28 23.42 5.01
CA SER D 332 -6.95 23.12 6.42
C SER D 332 -7.90 23.91 7.34
N HIS D 333 -7.96 25.23 7.15
CA HIS D 333 -8.91 26.08 7.91
C HIS D 333 -10.34 25.52 7.85
N ASP D 334 -10.84 25.13 6.65
CA ASP D 334 -12.28 24.85 6.40
C ASP D 334 -12.64 23.51 7.06
N SER D 335 -11.70 22.55 7.08
CA SER D 335 -11.85 21.27 7.83
C SER D 335 -11.88 21.55 9.35
N LEU D 336 -10.96 22.38 9.83
CA LEU D 336 -10.86 22.81 11.25
C LEU D 336 -12.16 23.50 11.65
N ALA D 337 -12.75 24.30 10.76
CA ALA D 337 -14.02 25.02 11.02
C ALA D 337 -15.21 24.07 11.07
N ALA D 338 -15.37 23.13 10.12
CA ALA D 338 -16.62 22.38 9.85
C ALA D 338 -16.59 20.99 10.50
N ASP D 339 -15.45 20.31 10.40
CA ASP D 339 -15.26 18.89 10.75
C ASP D 339 -14.67 18.77 12.18
N TYR D 340 -13.64 19.55 12.51
CA TYR D 340 -12.99 19.45 13.84
C TYR D 340 -13.73 20.32 14.85
N GLU D 341 -14.35 21.42 14.40
CA GLU D 341 -15.19 22.35 15.21
C GLU D 341 -14.35 22.97 16.33
N VAL D 342 -13.20 23.58 15.98
CA VAL D 342 -12.26 24.27 16.93
C VAL D 342 -12.15 25.74 16.58
N THR D 343 -12.84 26.24 15.54
CA THR D 343 -12.87 27.68 15.22
C THR D 343 -13.94 28.35 16.08
N VAL D 344 -13.75 29.63 16.33
CA VAL D 344 -14.82 30.55 16.79
C VAL D 344 -14.96 31.64 15.72
N PRO D 345 -16.00 32.50 15.86
CA PRO D 345 -16.28 33.55 14.87
C PRO D 345 -15.13 34.53 14.59
N GLU D 346 -14.33 34.92 15.58
CA GLU D 346 -13.15 35.77 15.36
C GLU D 346 -12.21 35.09 14.35
N LEU D 347 -11.91 33.81 14.54
CA LEU D 347 -10.94 33.13 13.63
C LEU D 347 -11.53 33.10 12.21
N ASP D 348 -12.78 32.66 12.10
CA ASP D 348 -13.47 32.49 10.80
C ASP D 348 -13.54 33.85 10.07
N ILE D 349 -13.78 34.95 10.79
CA ILE D 349 -13.97 36.31 10.18
C ILE D 349 -12.60 36.86 9.73
N ALA D 350 -11.52 36.72 10.51
CA ALA D 350 -10.19 37.25 10.12
C ALA D 350 -9.76 36.48 8.86
N VAL D 351 -10.06 35.19 8.81
CA VAL D 351 -9.66 34.37 7.64
C VAL D 351 -10.41 34.88 6.39
N ASP D 352 -11.74 35.03 6.52
CA ASP D 352 -12.68 35.64 5.53
C ASP D 352 -12.05 36.93 4.96
N VAL D 353 -11.78 37.90 5.82
CA VAL D 353 -11.18 39.20 5.41
C VAL D 353 -9.89 38.94 4.62
N ALA D 354 -8.96 38.09 5.10
CA ALA D 354 -7.63 37.92 4.47
C ALA D 354 -7.83 37.37 3.05
N ARG D 355 -8.73 36.39 2.93
CA ARG D 355 -9.12 35.74 1.65
C ARG D 355 -9.66 36.79 0.67
N LYS D 356 -10.38 37.81 1.15
CA LYS D 356 -11.11 38.78 0.28
C LYS D 356 -10.20 39.96 -0.07
N ASN D 357 -9.03 40.11 0.58
CA ASN D 357 -8.07 41.21 0.26
C ASN D 357 -6.79 40.59 -0.31
N GLY D 358 -6.91 39.36 -0.83
CA GLY D 358 -5.95 38.74 -1.75
C GLY D 358 -4.91 37.85 -1.07
N ALA D 359 -5.16 37.31 0.13
CA ALA D 359 -4.32 36.20 0.69
C ALA D 359 -4.34 35.03 -0.30
N TYR D 360 -3.18 34.42 -0.57
CA TYR D 360 -3.10 33.17 -1.37
C TYR D 360 -3.83 32.07 -0.58
N GLY D 361 -3.74 32.19 0.74
CA GLY D 361 -4.59 31.45 1.69
C GLY D 361 -4.31 31.93 3.09
N ALA D 362 -5.16 31.51 4.03
CA ALA D 362 -5.24 31.97 5.44
C ALA D 362 -5.93 30.86 6.24
N ARG D 363 -5.51 30.65 7.48
CA ARG D 363 -6.03 29.61 8.40
C ARG D 363 -5.66 29.99 9.84
N MET D 364 -6.44 29.47 10.79
CA MET D 364 -6.10 29.41 12.24
C MET D 364 -4.88 28.49 12.41
N THR D 365 -4.05 28.88 13.37
CA THR D 365 -2.86 28.10 13.79
C THR D 365 -3.01 27.82 15.29
N GLY D 366 -2.54 26.66 15.69
CA GLY D 366 -2.57 26.22 17.08
C GLY D 366 -3.79 25.41 17.39
N GLY D 367 -4.19 25.33 18.65
CA GLY D 367 -5.23 24.38 19.12
C GLY D 367 -6.63 24.88 18.73
N GLY D 368 -6.81 26.19 18.55
CA GLY D 368 -8.13 26.81 18.24
C GLY D 368 -8.83 27.48 19.42
N PHE D 369 -10.17 27.61 19.34
CA PHE D 369 -11.11 28.20 20.35
C PHE D 369 -10.74 29.64 20.70
N GLY D 370 -10.01 30.28 19.81
CA GLY D 370 -9.35 31.58 20.04
C GLY D 370 -7.98 31.49 19.43
N GLY D 371 -7.17 32.54 19.61
CA GLY D 371 -5.76 32.47 19.19
C GLY D 371 -5.59 33.16 17.86
N SER D 372 -4.65 32.68 17.04
CA SER D 372 -4.18 33.44 15.86
C SER D 372 -4.59 32.76 14.55
N ILE D 373 -4.55 33.57 13.50
CA ILE D 373 -4.66 33.14 12.08
C ILE D 373 -3.34 33.46 11.42
N ILE D 374 -3.02 32.73 10.36
CA ILE D 374 -1.88 33.05 9.49
C ILE D 374 -2.39 33.22 8.06
N ALA D 375 -1.62 33.89 7.20
CA ALA D 375 -1.96 34.14 5.79
C ALA D 375 -0.69 34.43 4.98
N LEU D 376 -0.57 33.66 3.91
CA LEU D 376 0.42 33.81 2.82
C LEU D 376 -0.06 34.98 1.96
N VAL D 377 0.69 36.09 1.90
CA VAL D 377 0.23 37.34 1.20
C VAL D 377 1.42 37.86 0.39
N ASP D 378 1.17 38.71 -0.59
CA ASP D 378 2.21 39.40 -1.37
C ASP D 378 3.04 40.31 -0.42
N LYS D 379 4.35 40.44 -0.64
CA LYS D 379 5.25 41.04 0.38
C LYS D 379 4.91 42.52 0.59
N GLY D 380 4.49 42.88 1.80
CA GLY D 380 4.17 44.27 2.20
C GLY D 380 2.69 44.59 2.06
N GLN D 381 1.82 43.58 1.94
CA GLN D 381 0.34 43.72 2.02
C GLN D 381 -0.18 43.34 3.42
N GLY D 382 0.62 42.66 4.24
CA GLY D 382 0.24 42.21 5.60
C GLY D 382 -0.29 43.32 6.49
N HIS D 383 0.30 44.52 6.47
CA HIS D 383 -0.14 45.66 7.32
C HIS D 383 -1.55 46.11 6.93
N GLU D 384 -1.78 46.30 5.62
N GLU D 384 -1.81 46.33 5.63
CA GLU D 384 -3.08 46.74 5.01
CA GLU D 384 -3.13 46.77 5.11
C GLU D 384 -4.16 45.71 5.38
C GLU D 384 -4.18 45.69 5.45
N ILE D 385 -3.88 44.42 5.20
CA ILE D 385 -4.83 43.31 5.51
C ILE D 385 -5.08 43.25 7.02
N ALA D 386 -4.06 43.51 7.86
CA ALA D 386 -4.23 43.46 9.33
C ALA D 386 -5.15 44.61 9.77
N GLN D 387 -5.08 45.74 9.06
CA GLN D 387 -5.92 46.93 9.35
C GLN D 387 -7.39 46.57 9.05
N LYS D 388 -7.59 45.81 7.96
CA LYS D 388 -8.92 45.41 7.43
C LYS D 388 -9.54 44.38 8.37
N ILE D 389 -8.78 43.47 8.98
CA ILE D 389 -9.32 42.55 10.03
C ILE D 389 -9.72 43.38 11.27
N ALA D 390 -8.89 44.33 11.72
CA ALA D 390 -9.14 45.13 12.93
C ALA D 390 -10.35 46.07 12.72
N ASP D 391 -10.51 46.61 11.51
CA ASP D 391 -11.67 47.46 11.13
C ASP D 391 -12.96 46.63 11.15
N ARG D 392 -12.91 45.40 10.62
CA ARG D 392 -14.04 44.44 10.61
C ARG D 392 -14.37 43.97 12.03
N PHE D 393 -13.35 43.82 12.87
CA PHE D 393 -13.54 43.37 14.28
C PHE D 393 -14.34 44.45 15.05
N GLU D 394 -14.06 45.72 14.75
N GLU D 394 -13.98 45.70 14.79
CA GLU D 394 -14.77 46.89 15.35
CA GLU D 394 -14.68 46.93 15.24
C GLU D 394 -16.24 46.83 14.98
C GLU D 394 -16.18 46.77 14.96
N LYS D 395 -16.53 46.73 13.67
CA LYS D 395 -17.92 46.57 13.15
C LYS D 395 -18.65 45.45 13.89
N GLU D 396 -17.95 44.33 14.14
CA GLU D 396 -18.47 43.07 14.72
C GLU D 396 -18.66 43.19 16.25
N GLY D 397 -18.08 44.20 16.94
CA GLY D 397 -18.14 44.30 18.42
C GLY D 397 -17.19 43.36 19.18
N PHE D 398 -16.27 42.66 18.49
CA PHE D 398 -15.12 41.87 19.07
C PHE D 398 -14.01 42.74 19.70
N ASN D 399 -13.06 42.13 20.44
CA ASN D 399 -11.80 42.79 20.93
C ASN D 399 -10.85 43.22 19.78
N ALA D 400 -10.07 44.28 19.92
CA ALA D 400 -9.15 44.67 18.82
C ALA D 400 -8.15 43.53 18.58
N PRO D 401 -7.82 43.13 17.34
CA PRO D 401 -6.85 42.05 17.16
C PRO D 401 -5.45 42.67 17.28
N ARG D 402 -4.37 41.89 17.15
CA ARG D 402 -3.00 42.42 17.01
C ARG D 402 -2.17 41.44 16.18
N ALA D 403 -1.21 41.98 15.42
CA ALA D 403 -0.41 41.29 14.40
C ALA D 403 1.01 41.04 14.94
N LEU D 404 1.79 40.16 14.30
CA LEU D 404 3.24 39.94 14.60
C LEU D 404 3.99 39.63 13.31
N PRO D 405 5.17 40.26 13.09
CA PRO D 405 6.13 39.82 12.07
C PRO D 405 6.50 38.34 12.33
N ALA D 406 6.71 37.60 11.25
CA ALA D 406 6.82 36.12 11.31
C ALA D 406 7.58 35.63 10.09
N PHE D 407 8.82 35.25 10.35
CA PHE D 407 9.73 34.56 9.43
C PHE D 407 10.19 33.33 10.20
N ALA D 408 10.67 32.34 9.46
CA ALA D 408 11.23 31.11 10.03
C ALA D 408 12.47 31.51 10.82
N ALA D 409 12.40 31.44 12.15
CA ALA D 409 13.48 31.88 13.07
C ALA D 409 14.17 30.70 13.79
N ALA D 410 15.19 31.02 14.57
CA ALA D 410 16.12 30.03 15.17
C ALA D 410 15.40 29.44 16.38
N SER D 411 15.73 28.21 16.79
CA SER D 411 15.13 27.54 17.97
C SER D 411 15.85 27.99 19.26
N ALA D 412 15.51 27.39 20.39
CA ALA D 412 16.04 27.75 21.73
C ALA D 412 17.58 27.72 21.71
N SER D 413 18.18 28.50 22.60
CA SER D 413 19.64 28.69 22.69
C SER D 413 19.97 29.37 24.02
N ARG D 414 21.18 29.20 24.53
CA ARG D 414 21.70 30.02 25.65
C ARG D 414 21.82 31.45 25.11
N GLU D 415 21.49 32.49 25.90
CA GLU D 415 21.60 33.90 25.46
C GLU D 415 22.80 34.54 26.18
N ALA D 416 23.78 35.07 25.41
CA ALA D 416 25.16 35.37 25.87
C ALA D 416 25.15 36.10 27.22
#